data_3U5S
# 
_entry.id   3U5S 
# 
_audit_conform.dict_name       mmcif_pdbx.dic 
_audit_conform.dict_version    5.399 
_audit_conform.dict_location   http://mmcif.pdb.org/dictionaries/ascii/mmcif_pdbx.dic 
# 
loop_
_database_2.database_id 
_database_2.database_code 
_database_2.pdbx_database_accession 
_database_2.pdbx_DOI 
PDB   3U5S         pdb_00003u5s 10.2210/pdb3u5s/pdb 
RCSB  RCSB068341   ?            ?                   
WWPDB D_1000068341 ?            ?                   
# 
loop_
_pdbx_audit_revision_history.ordinal 
_pdbx_audit_revision_history.data_content_type 
_pdbx_audit_revision_history.major_revision 
_pdbx_audit_revision_history.minor_revision 
_pdbx_audit_revision_history.revision_date 
1 'Structure model' 1 0 2012-10-17 
2 'Structure model' 1 1 2012-12-12 
3 'Structure model' 1 2 2013-01-23 
4 'Structure model' 1 3 2023-09-13 
5 'Structure model' 1 4 2023-12-06 
6 'Structure model' 1 5 2024-11-20 
# 
_pdbx_audit_revision_details.ordinal             1 
_pdbx_audit_revision_details.revision_ordinal    1 
_pdbx_audit_revision_details.data_content_type   'Structure model' 
_pdbx_audit_revision_details.provider            repository 
_pdbx_audit_revision_details.type                'Initial release' 
_pdbx_audit_revision_details.description         ? 
_pdbx_audit_revision_details.details             ? 
# 
loop_
_pdbx_audit_revision_group.ordinal 
_pdbx_audit_revision_group.revision_ordinal 
_pdbx_audit_revision_group.data_content_type 
_pdbx_audit_revision_group.group 
1 2 'Structure model' 'Database references'    
2 3 'Structure model' 'Database references'    
3 4 'Structure model' 'Data collection'        
4 4 'Structure model' 'Database references'    
5 4 'Structure model' 'Derived calculations'   
6 4 'Structure model' 'Refinement description' 
7 5 'Structure model' 'Data collection'        
8 6 'Structure model' 'Structure summary'      
# 
loop_
_pdbx_audit_revision_category.ordinal 
_pdbx_audit_revision_category.revision_ordinal 
_pdbx_audit_revision_category.data_content_type 
_pdbx_audit_revision_category.category 
1  4 'Structure model' chem_comp_atom                
2  4 'Structure model' chem_comp_bond                
3  4 'Structure model' database_2                    
4  4 'Structure model' pdbx_initial_refinement_model 
5  4 'Structure model' struct_conn                   
6  4 'Structure model' struct_ref_seq_dif            
7  4 'Structure model' struct_site                   
8  5 'Structure model' chem_comp_atom                
9  5 'Structure model' chem_comp_bond                
10 6 'Structure model' pdbx_entry_details            
11 6 'Structure model' pdbx_modification_feature     
# 
loop_
_pdbx_audit_revision_item.ordinal 
_pdbx_audit_revision_item.revision_ordinal 
_pdbx_audit_revision_item.data_content_type 
_pdbx_audit_revision_item.item 
1 4 'Structure model' '_database_2.pdbx_DOI'                
2 4 'Structure model' '_database_2.pdbx_database_accession' 
3 4 'Structure model' '_struct_conn.pdbx_leaving_atom_flag' 
4 4 'Structure model' '_struct_ref_seq_dif.details'         
5 4 'Structure model' '_struct_site.pdbx_auth_asym_id'      
6 4 'Structure model' '_struct_site.pdbx_auth_comp_id'      
7 4 'Structure model' '_struct_site.pdbx_auth_seq_id'       
8 5 'Structure model' '_chem_comp_atom.atom_id'             
9 5 'Structure model' '_chem_comp_bond.atom_id_2'           
# 
_pdbx_database_status.status_code                     REL 
_pdbx_database_status.entry_id                        3U5S 
_pdbx_database_status.recvd_initial_deposition_date   2011-10-11 
_pdbx_database_status.deposit_site                    RCSB 
_pdbx_database_status.process_site                    RCSB 
_pdbx_database_status.status_code_sf                  REL 
_pdbx_database_status.status_code_mr                  ? 
_pdbx_database_status.SG_entry                        ? 
_pdbx_database_status.status_code_cs                  ? 
_pdbx_database_status.methods_development_category    ? 
_pdbx_database_status.pdb_format_compatible           Y 
_pdbx_database_status.status_code_nmr_data            ? 
# 
loop_
_audit_author.name 
_audit_author.pdbx_ordinal 
'Dong, M.'      1 
'Bahnson, B.J.' 2 
# 
_citation.id                        primary 
_citation.title                     '(77)Se enrichment of proteins expands the biological NMR toolbox.' 
_citation.journal_abbrev            J.Mol.Biol. 
_citation.journal_volume            425 
_citation.page_first                222 
_citation.page_last                 231 
_citation.year                      2013 
_citation.journal_id_ASTM           JMOBAK 
_citation.country                   UK 
_citation.journal_id_ISSN           0022-2836 
_citation.journal_id_CSD            0070 
_citation.book_publisher            ? 
_citation.pdbx_database_id_PubMed   23159557 
_citation.pdbx_database_id_DOI      10.1016/j.jmb.2012.11.011 
# 
loop_
_citation_author.citation_id 
_citation_author.name 
_citation_author.ordinal 
_citation_author.identifier_ORCID 
primary 'Schaefer, S.A.'   1 ? 
primary 'Dong, M.'         2 ? 
primary 'Rubenstein, R.P.' 3 ? 
primary 'Wilkie, W.A.'     4 ? 
primary 'Bahnson, B.J.'    5 ? 
primary 'Thorpe, C.'       6 ? 
primary 'Rozovsky, S.'     7 ? 
# 
loop_
_entity.id 
_entity.type 
_entity.src_method 
_entity.pdbx_description 
_entity.formula_weight 
_entity.pdbx_number_of_molecules 
_entity.pdbx_ec 
_entity.pdbx_mutation 
_entity.pdbx_fragment 
_entity.details 
1 polymer     man 'FAD-linked sulfhydryl oxidase ALR' 15454.029 1   1.8.3.2 'C154A, C165A' ? ? 
2 non-polymer syn 'FLAVIN-ADENINE DINUCLEOTIDE'       785.550   1   ?       ?              ? ? 
3 water       nat water                               18.015    143 ?       ?              ? ? 
# 
_entity_name_com.entity_id   1 
_entity_name_com.name        'Augmenter of liver regeneration, hERV1, Hepatopoietin' 
# 
_entity_poly.entity_id                      1 
_entity_poly.type                           'polypeptide(L)' 
_entity_poly.nstd_linkage                   no 
_entity_poly.nstd_monomer                   yes 
_entity_poly.pdbx_seq_one_letter_code       
;S(MSE)RTQQKRDTKFREDUPPDREELGRHSWAVLHTLAAYYPDLPTPEQQQD(MSE)AQFIHLFSKFYPUEEUAEDLRK
RLARNHPDTRTRAAFTQWLUHLHNEVNRKLGKPDFDUSKVDERWRDGWKDGSUD
;
_entity_poly.pdbx_seq_one_letter_code_can   
;SMRTQQKRDTKFREDUPPDREELGRHSWAVLHTLAAYYPDLPTPEQQQDMAQFIHLFSKFYPUEEUAEDLRKRLARNHPD
TRTRAAFTQWLUHLHNEVNRKLGKPDFDUSKVDERWRDGWKDGSUD
;
_entity_poly.pdbx_strand_id                 A 
_entity_poly.pdbx_target_identifier         ? 
# 
loop_
_pdbx_entity_nonpoly.entity_id 
_pdbx_entity_nonpoly.name 
_pdbx_entity_nonpoly.comp_id 
2 'FLAVIN-ADENINE DINUCLEOTIDE' FAD 
3 water                         HOH 
# 
loop_
_entity_poly_seq.entity_id 
_entity_poly_seq.num 
_entity_poly_seq.mon_id 
_entity_poly_seq.hetero 
1 1   SER n 
1 2   MSE n 
1 3   ARG n 
1 4   THR n 
1 5   GLN n 
1 6   GLN n 
1 7   LYS n 
1 8   ARG n 
1 9   ASP n 
1 10  THR n 
1 11  LYS n 
1 12  PHE n 
1 13  ARG n 
1 14  GLU n 
1 15  ASP n 
1 16  SEC n 
1 17  PRO n 
1 18  PRO n 
1 19  ASP n 
1 20  ARG n 
1 21  GLU n 
1 22  GLU n 
1 23  LEU n 
1 24  GLY n 
1 25  ARG n 
1 26  HIS n 
1 27  SER n 
1 28  TRP n 
1 29  ALA n 
1 30  VAL n 
1 31  LEU n 
1 32  HIS n 
1 33  THR n 
1 34  LEU n 
1 35  ALA n 
1 36  ALA n 
1 37  TYR n 
1 38  TYR n 
1 39  PRO n 
1 40  ASP n 
1 41  LEU n 
1 42  PRO n 
1 43  THR n 
1 44  PRO n 
1 45  GLU n 
1 46  GLN n 
1 47  GLN n 
1 48  GLN n 
1 49  ASP n 
1 50  MSE n 
1 51  ALA n 
1 52  GLN n 
1 53  PHE n 
1 54  ILE n 
1 55  HIS n 
1 56  LEU n 
1 57  PHE n 
1 58  SER n 
1 59  LYS n 
1 60  PHE n 
1 61  TYR n 
1 62  PRO n 
1 63  SEC n 
1 64  GLU n 
1 65  GLU n 
1 66  SEC n 
1 67  ALA n 
1 68  GLU n 
1 69  ASP n 
1 70  LEU n 
1 71  ARG n 
1 72  LYS n 
1 73  ARG n 
1 74  LEU n 
1 75  ALA n 
1 76  ARG n 
1 77  ASN n 
1 78  HIS n 
1 79  PRO n 
1 80  ASP n 
1 81  THR n 
1 82  ARG n 
1 83  THR n 
1 84  ARG n 
1 85  ALA n 
1 86  ALA n 
1 87  PHE n 
1 88  THR n 
1 89  GLN n 
1 90  TRP n 
1 91  LEU n 
1 92  SEC n 
1 93  HIS n 
1 94  LEU n 
1 95  HIS n 
1 96  ASN n 
1 97  GLU n 
1 98  VAL n 
1 99  ASN n 
1 100 ARG n 
1 101 LYS n 
1 102 LEU n 
1 103 GLY n 
1 104 LYS n 
1 105 PRO n 
1 106 ASP n 
1 107 PHE n 
1 108 ASP n 
1 109 SEC n 
1 110 SER n 
1 111 LYS n 
1 112 VAL n 
1 113 ASP n 
1 114 GLU n 
1 115 ARG n 
1 116 TRP n 
1 117 ARG n 
1 118 ASP n 
1 119 GLY n 
1 120 TRP n 
1 121 LYS n 
1 122 ASP n 
1 123 GLY n 
1 124 SER n 
1 125 SEC n 
1 126 ASP n 
# 
_entity_src_gen.entity_id                          1 
_entity_src_gen.pdbx_src_id                        1 
_entity_src_gen.pdbx_alt_source_flag               sample 
_entity_src_gen.pdbx_seq_type                      ? 
_entity_src_gen.pdbx_beg_seq_num                   ? 
_entity_src_gen.pdbx_end_seq_num                   ? 
_entity_src_gen.gene_src_common_name               human 
_entity_src_gen.gene_src_genus                     ? 
_entity_src_gen.pdbx_gene_src_gene                 'GFER, ALR, HERV1, HPO' 
_entity_src_gen.gene_src_species                   ? 
_entity_src_gen.gene_src_strain                    ? 
_entity_src_gen.gene_src_tissue                    ? 
_entity_src_gen.gene_src_tissue_fraction           ? 
_entity_src_gen.gene_src_details                   ? 
_entity_src_gen.pdbx_gene_src_fragment             ? 
_entity_src_gen.pdbx_gene_src_scientific_name      'Homo sapiens' 
_entity_src_gen.pdbx_gene_src_ncbi_taxonomy_id     9606 
_entity_src_gen.pdbx_gene_src_variant              ? 
_entity_src_gen.pdbx_gene_src_cell_line            ? 
_entity_src_gen.pdbx_gene_src_atcc                 ? 
_entity_src_gen.pdbx_gene_src_organ                ? 
_entity_src_gen.pdbx_gene_src_organelle            ? 
_entity_src_gen.pdbx_gene_src_cell                 ? 
_entity_src_gen.pdbx_gene_src_cellular_location    ? 
_entity_src_gen.host_org_common_name               ? 
_entity_src_gen.pdbx_host_org_scientific_name      'Escherichia coli' 
_entity_src_gen.pdbx_host_org_ncbi_taxonomy_id     562 
_entity_src_gen.host_org_genus                     ? 
_entity_src_gen.pdbx_host_org_gene                 ? 
_entity_src_gen.pdbx_host_org_organ                ? 
_entity_src_gen.host_org_species                   ? 
_entity_src_gen.pdbx_host_org_tissue               ? 
_entity_src_gen.pdbx_host_org_tissue_fraction      ? 
_entity_src_gen.pdbx_host_org_strain               ? 
_entity_src_gen.pdbx_host_org_variant              ? 
_entity_src_gen.pdbx_host_org_cell_line            ? 
_entity_src_gen.pdbx_host_org_atcc                 ? 
_entity_src_gen.pdbx_host_org_culture_collection   ? 
_entity_src_gen.pdbx_host_org_cell                 ? 
_entity_src_gen.pdbx_host_org_organelle            ? 
_entity_src_gen.pdbx_host_org_cellular_location    ? 
_entity_src_gen.pdbx_host_org_vector_type          ? 
_entity_src_gen.pdbx_host_org_vector               ? 
_entity_src_gen.host_org_details                   ? 
_entity_src_gen.expression_system_id               ? 
_entity_src_gen.plasmid_name                       ? 
_entity_src_gen.plasmid_details                    ? 
_entity_src_gen.pdbx_description                   ? 
# 
loop_
_chem_comp.id 
_chem_comp.type 
_chem_comp.mon_nstd_flag 
_chem_comp.name 
_chem_comp.pdbx_synonyms 
_chem_comp.formula 
_chem_comp.formula_weight 
ALA 'L-peptide linking' y ALANINE                       ? 'C3 H7 N O2'        89.093  
ARG 'L-peptide linking' y ARGININE                      ? 'C6 H15 N4 O2 1'    175.209 
ASN 'L-peptide linking' y ASPARAGINE                    ? 'C4 H8 N2 O3'       132.118 
ASP 'L-peptide linking' y 'ASPARTIC ACID'               ? 'C4 H7 N O4'        133.103 
CYS 'L-peptide linking' y CYSTEINE                      ? 'C3 H7 N O2 S'      121.158 
FAD non-polymer         . 'FLAVIN-ADENINE DINUCLEOTIDE' ? 'C27 H33 N9 O15 P2' 785.550 
GLN 'L-peptide linking' y GLUTAMINE                     ? 'C5 H10 N2 O3'      146.144 
GLU 'L-peptide linking' y 'GLUTAMIC ACID'               ? 'C5 H9 N O4'        147.129 
GLY 'peptide linking'   y GLYCINE                       ? 'C2 H5 N O2'        75.067  
HIS 'L-peptide linking' y HISTIDINE                     ? 'C6 H10 N3 O2 1'    156.162 
HOH non-polymer         . WATER                         ? 'H2 O'              18.015  
ILE 'L-peptide linking' y ISOLEUCINE                    ? 'C6 H13 N O2'       131.173 
LEU 'L-peptide linking' y LEUCINE                       ? 'C6 H13 N O2'       131.173 
LYS 'L-peptide linking' y LYSINE                        ? 'C6 H15 N2 O2 1'    147.195 
MSE 'L-peptide linking' n SELENOMETHIONINE              ? 'C5 H11 N O2 Se'    196.106 
PHE 'L-peptide linking' y PHENYLALANINE                 ? 'C9 H11 N O2'       165.189 
PRO 'L-peptide linking' y PROLINE                       ? 'C5 H9 N O2'        115.130 
SEC 'L-peptide linking' y SELENOCYSTEINE                ? 'C3 H7 N O2 Se'     168.053 
SER 'L-peptide linking' y SERINE                        ? 'C3 H7 N O3'        105.093 
THR 'L-peptide linking' y THREONINE                     ? 'C4 H9 N O3'        119.119 
TRP 'L-peptide linking' y TRYPTOPHAN                    ? 'C11 H12 N2 O2'     204.225 
TYR 'L-peptide linking' y TYROSINE                      ? 'C9 H11 N O3'       181.189 
VAL 'L-peptide linking' y VALINE                        ? 'C5 H11 N O2'       117.146 
# 
loop_
_pdbx_poly_seq_scheme.asym_id 
_pdbx_poly_seq_scheme.entity_id 
_pdbx_poly_seq_scheme.seq_id 
_pdbx_poly_seq_scheme.mon_id 
_pdbx_poly_seq_scheme.ndb_seq_num 
_pdbx_poly_seq_scheme.pdb_seq_num 
_pdbx_poly_seq_scheme.auth_seq_num 
_pdbx_poly_seq_scheme.pdb_mon_id 
_pdbx_poly_seq_scheme.auth_mon_id 
_pdbx_poly_seq_scheme.pdb_strand_id 
_pdbx_poly_seq_scheme.pdb_ins_code 
_pdbx_poly_seq_scheme.hetero 
A 1 1   SER 1   80  80  SER SER A . n 
A 1 2   MSE 2   81  81  MSE MSE A . n 
A 1 3   ARG 3   82  82  ARG ARG A . n 
A 1 4   THR 4   83  83  THR THR A . n 
A 1 5   GLN 5   84  84  GLN GLN A . n 
A 1 6   GLN 6   85  85  GLN GLN A . n 
A 1 7   LYS 7   86  86  LYS ALA A . n 
A 1 8   ARG 8   87  87  ARG ARG A . n 
A 1 9   ASP 9   88  88  ASP ASP A . n 
A 1 10  THR 10  89  89  THR THR A . n 
A 1 11  LYS 11  90  90  LYS ALA A . n 
A 1 12  PHE 12  91  91  PHE PHE A . n 
A 1 13  ARG 13  92  92  ARG ARG A . n 
A 1 14  GLU 14  93  93  GLU GLU A . n 
A 1 15  ASP 15  94  94  ASP ASP A . n 
A 1 16  SEC 16  95  95  SEC SEC A . n 
A 1 17  PRO 17  96  96  PRO PRO A . n 
A 1 18  PRO 18  97  97  PRO PRO A . n 
A 1 19  ASP 19  98  98  ASP ASP A . n 
A 1 20  ARG 20  99  99  ARG ARG A . n 
A 1 21  GLU 21  100 100 GLU GLU A . n 
A 1 22  GLU 22  101 101 GLU GLU A . n 
A 1 23  LEU 23  102 102 LEU LEU A . n 
A 1 24  GLY 24  103 103 GLY GLY A . n 
A 1 25  ARG 25  104 104 ARG ARG A . n 
A 1 26  HIS 26  105 105 HIS HIS A . n 
A 1 27  SER 27  106 106 SER SER A . n 
A 1 28  TRP 28  107 107 TRP TRP A . n 
A 1 29  ALA 29  108 108 ALA ALA A . n 
A 1 30  VAL 30  109 109 VAL VAL A . n 
A 1 31  LEU 31  110 110 LEU LEU A . n 
A 1 32  HIS 32  111 111 HIS HIS A . n 
A 1 33  THR 33  112 112 THR THR A . n 
A 1 34  LEU 34  113 113 LEU LEU A . n 
A 1 35  ALA 35  114 114 ALA ALA A . n 
A 1 36  ALA 36  115 115 ALA ALA A . n 
A 1 37  TYR 37  116 116 TYR TYR A . n 
A 1 38  TYR 38  117 117 TYR TYR A . n 
A 1 39  PRO 39  118 118 PRO PRO A . n 
A 1 40  ASP 40  119 119 ASP ASP A . n 
A 1 41  LEU 41  120 120 LEU LEU A . n 
A 1 42  PRO 42  121 121 PRO PRO A . n 
A 1 43  THR 43  122 122 THR THR A . n 
A 1 44  PRO 44  123 123 PRO PRO A . n 
A 1 45  GLU 45  124 124 GLU GLU A . n 
A 1 46  GLN 46  125 125 GLN GLN A . n 
A 1 47  GLN 47  126 126 GLN GLN A . n 
A 1 48  GLN 48  127 127 GLN GLN A . n 
A 1 49  ASP 49  128 128 ASP ASP A . n 
A 1 50  MSE 50  129 129 MSE MSE A . n 
A 1 51  ALA 51  130 130 ALA ALA A . n 
A 1 52  GLN 52  131 131 GLN GLN A . n 
A 1 53  PHE 53  132 132 PHE PHE A . n 
A 1 54  ILE 54  133 133 ILE ILE A . n 
A 1 55  HIS 55  134 134 HIS HIS A . n 
A 1 56  LEU 56  135 135 LEU LEU A . n 
A 1 57  PHE 57  136 136 PHE PHE A . n 
A 1 58  SER 58  137 137 SER SER A . n 
A 1 59  LYS 59  138 138 LYS LYS A . n 
A 1 60  PHE 60  139 139 PHE PHE A . n 
A 1 61  TYR 61  140 140 TYR TYR A . n 
A 1 62  PRO 62  141 141 PRO PRO A . n 
A 1 63  SEC 63  142 142 SEC SEC A . n 
A 1 64  GLU 64  143 143 GLU GLU A . n 
A 1 65  GLU 65  144 144 GLU GLU A . n 
A 1 66  SEC 66  145 145 SEC SEC A . n 
A 1 67  ALA 67  146 146 ALA ALA A . n 
A 1 68  GLU 68  147 147 GLU GLU A . n 
A 1 69  ASP 69  148 148 ASP ASP A . n 
A 1 70  LEU 70  149 149 LEU LEU A . n 
A 1 71  ARG 71  150 150 ARG ARG A . n 
A 1 72  LYS 72  151 151 LYS LYS A . n 
A 1 73  ARG 73  152 152 ARG ARG A . n 
A 1 74  LEU 74  153 153 LEU LEU A . n 
A 1 75  ALA 75  154 154 ALA ALA A . n 
A 1 76  ARG 76  155 155 ARG ARG A . n 
A 1 77  ASN 77  156 156 ASN ASN A . n 
A 1 78  HIS 78  157 157 HIS HIS A . n 
A 1 79  PRO 79  158 158 PRO PRO A . n 
A 1 80  ASP 80  159 159 ASP ASP A . n 
A 1 81  THR 81  160 160 THR THR A . n 
A 1 82  ARG 82  161 161 ARG ARG A . n 
A 1 83  THR 83  162 162 THR THR A . n 
A 1 84  ARG 84  163 163 ARG ARG A . n 
A 1 85  ALA 85  164 164 ALA ALA A . n 
A 1 86  ALA 86  165 165 ALA ALA A . n 
A 1 87  PHE 87  166 166 PHE PHE A . n 
A 1 88  THR 88  167 167 THR THR A . n 
A 1 89  GLN 89  168 168 GLN GLN A . n 
A 1 90  TRP 90  169 169 TRP TRP A . n 
A 1 91  LEU 91  170 170 LEU LEU A . n 
A 1 92  SEC 92  171 171 SEC SEC A . n 
A 1 93  HIS 93  172 172 HIS HIS A . n 
A 1 94  LEU 94  173 173 LEU LEU A . n 
A 1 95  HIS 95  174 174 HIS HIS A . n 
A 1 96  ASN 96  175 175 ASN ASN A . n 
A 1 97  GLU 97  176 176 GLU GLU A . n 
A 1 98  VAL 98  177 177 VAL VAL A . n 
A 1 99  ASN 99  178 178 ASN ASN A . n 
A 1 100 ARG 100 179 179 ARG ARG A . n 
A 1 101 LYS 101 180 180 LYS LYS A . n 
A 1 102 LEU 102 181 181 LEU LEU A . n 
A 1 103 GLY 103 182 182 GLY GLY A . n 
A 1 104 LYS 104 183 183 LYS LYS A . n 
A 1 105 PRO 105 184 184 PRO PRO A . n 
A 1 106 ASP 106 185 185 ASP ASP A . n 
A 1 107 PHE 107 186 186 PHE PHE A . n 
A 1 108 ASP 108 187 187 ASP ASP A . n 
A 1 109 SEC 109 188 188 SEC SEC A . n 
A 1 110 SER 110 189 189 SER SER A . n 
A 1 111 LYS 111 190 190 LYS LYS A . n 
A 1 112 VAL 112 191 191 VAL VAL A . n 
A 1 113 ASP 113 192 192 ASP ASP A . n 
A 1 114 GLU 114 193 193 GLU GLU A . n 
A 1 115 ARG 115 194 194 ARG ARG A . n 
A 1 116 TRP 116 195 195 TRP TRP A . n 
A 1 117 ARG 117 196 196 ARG ARG A . n 
A 1 118 ASP 118 197 197 ASP ASP A . n 
A 1 119 GLY 119 198 198 GLY GLY A . n 
A 1 120 TRP 120 199 199 TRP TRP A . n 
A 1 121 LYS 121 200 200 LYS LYS A . n 
A 1 122 ASP 122 201 201 ASP ASP A . n 
A 1 123 GLY 123 202 202 GLY GLY A . n 
A 1 124 SER 124 203 203 SER SER A . n 
A 1 125 SEC 125 204 204 SEC SEC A . n 
A 1 126 ASP 126 205 205 ASP ASP A . n 
# 
loop_
_pdbx_nonpoly_scheme.asym_id 
_pdbx_nonpoly_scheme.entity_id 
_pdbx_nonpoly_scheme.mon_id 
_pdbx_nonpoly_scheme.ndb_seq_num 
_pdbx_nonpoly_scheme.pdb_seq_num 
_pdbx_nonpoly_scheme.auth_seq_num 
_pdbx_nonpoly_scheme.pdb_mon_id 
_pdbx_nonpoly_scheme.auth_mon_id 
_pdbx_nonpoly_scheme.pdb_strand_id 
_pdbx_nonpoly_scheme.pdb_ins_code 
B 2 FAD 1   300 300 FAD FAD A . 
C 3 HOH 1   1   1   HOH HOH A . 
C 3 HOH 2   2   2   HOH HOH A . 
C 3 HOH 3   3   3   HOH HOH A . 
C 3 HOH 4   4   4   HOH HOH A . 
C 3 HOH 5   5   5   HOH HOH A . 
C 3 HOH 6   6   6   HOH HOH A . 
C 3 HOH 7   7   7   HOH HOH A . 
C 3 HOH 8   8   8   HOH HOH A . 
C 3 HOH 9   9   9   HOH HOH A . 
C 3 HOH 10  10  10  HOH HOH A . 
C 3 HOH 11  11  11  HOH HOH A . 
C 3 HOH 12  12  12  HOH HOH A . 
C 3 HOH 13  13  13  HOH HOH A . 
C 3 HOH 14  14  14  HOH HOH A . 
C 3 HOH 15  15  15  HOH HOH A . 
C 3 HOH 16  16  16  HOH HOH A . 
C 3 HOH 17  17  17  HOH HOH A . 
C 3 HOH 18  18  18  HOH HOH A . 
C 3 HOH 19  19  19  HOH HOH A . 
C 3 HOH 20  20  20  HOH HOH A . 
C 3 HOH 21  21  21  HOH HOH A . 
C 3 HOH 22  22  22  HOH HOH A . 
C 3 HOH 23  23  23  HOH HOH A . 
C 3 HOH 24  24  24  HOH HOH A . 
C 3 HOH 25  25  25  HOH HOH A . 
C 3 HOH 26  26  26  HOH HOH A . 
C 3 HOH 27  27  27  HOH HOH A . 
C 3 HOH 28  28  28  HOH HOH A . 
C 3 HOH 29  29  29  HOH HOH A . 
C 3 HOH 30  30  30  HOH HOH A . 
C 3 HOH 31  31  31  HOH HOH A . 
C 3 HOH 32  32  32  HOH HOH A . 
C 3 HOH 33  33  33  HOH HOH A . 
C 3 HOH 34  34  34  HOH HOH A . 
C 3 HOH 35  35  35  HOH HOH A . 
C 3 HOH 36  36  36  HOH HOH A . 
C 3 HOH 37  37  37  HOH HOH A . 
C 3 HOH 38  38  38  HOH HOH A . 
C 3 HOH 39  39  39  HOH HOH A . 
C 3 HOH 40  40  40  HOH HOH A . 
C 3 HOH 41  41  41  HOH HOH A . 
C 3 HOH 42  42  42  HOH HOH A . 
C 3 HOH 43  43  43  HOH HOH A . 
C 3 HOH 44  44  44  HOH HOH A . 
C 3 HOH 45  45  45  HOH HOH A . 
C 3 HOH 46  46  46  HOH HOH A . 
C 3 HOH 47  47  47  HOH HOH A . 
C 3 HOH 48  48  48  HOH HOH A . 
C 3 HOH 49  49  49  HOH HOH A . 
C 3 HOH 50  50  50  HOH HOH A . 
C 3 HOH 51  51  51  HOH HOH A . 
C 3 HOH 52  52  52  HOH HOH A . 
C 3 HOH 53  53  53  HOH HOH A . 
C 3 HOH 54  54  54  HOH HOH A . 
C 3 HOH 55  55  55  HOH HOH A . 
C 3 HOH 56  56  56  HOH HOH A . 
C 3 HOH 57  57  57  HOH HOH A . 
C 3 HOH 58  58  58  HOH HOH A . 
C 3 HOH 59  59  59  HOH HOH A . 
C 3 HOH 60  60  60  HOH HOH A . 
C 3 HOH 61  61  61  HOH HOH A . 
C 3 HOH 62  62  62  HOH HOH A . 
C 3 HOH 63  63  63  HOH HOH A . 
C 3 HOH 64  64  64  HOH HOH A . 
C 3 HOH 65  65  65  HOH HOH A . 
C 3 HOH 66  66  66  HOH HOH A . 
C 3 HOH 67  67  67  HOH HOH A . 
C 3 HOH 68  68  68  HOH HOH A . 
C 3 HOH 69  69  69  HOH HOH A . 
C 3 HOH 70  70  70  HOH HOH A . 
C 3 HOH 71  71  71  HOH HOH A . 
C 3 HOH 72  72  72  HOH HOH A . 
C 3 HOH 73  73  73  HOH HOH A . 
C 3 HOH 74  74  74  HOH HOH A . 
C 3 HOH 75  75  75  HOH HOH A . 
C 3 HOH 76  76  76  HOH HOH A . 
C 3 HOH 77  77  77  HOH HOH A . 
C 3 HOH 78  78  78  HOH HOH A . 
C 3 HOH 79  79  79  HOH HOH A . 
C 3 HOH 80  206 80  HOH HOH A . 
C 3 HOH 81  207 81  HOH HOH A . 
C 3 HOH 82  208 82  HOH HOH A . 
C 3 HOH 83  209 83  HOH HOH A . 
C 3 HOH 84  210 84  HOH HOH A . 
C 3 HOH 85  211 85  HOH HOH A . 
C 3 HOH 86  212 86  HOH HOH A . 
C 3 HOH 87  213 87  HOH HOH A . 
C 3 HOH 88  214 88  HOH HOH A . 
C 3 HOH 89  215 89  HOH HOH A . 
C 3 HOH 90  216 90  HOH HOH A . 
C 3 HOH 91  217 91  HOH HOH A . 
C 3 HOH 92  218 92  HOH HOH A . 
C 3 HOH 93  219 93  HOH HOH A . 
C 3 HOH 94  220 94  HOH HOH A . 
C 3 HOH 95  221 95  HOH HOH A . 
C 3 HOH 96  222 96  HOH HOH A . 
C 3 HOH 97  223 97  HOH HOH A . 
C 3 HOH 98  224 98  HOH HOH A . 
C 3 HOH 99  225 99  HOH HOH A . 
C 3 HOH 100 226 100 HOH HOH A . 
C 3 HOH 101 227 101 HOH HOH A . 
C 3 HOH 102 228 102 HOH HOH A . 
C 3 HOH 103 229 104 HOH HOH A . 
C 3 HOH 104 230 105 HOH HOH A . 
C 3 HOH 105 231 106 HOH HOH A . 
C 3 HOH 106 232 107 HOH HOH A . 
C 3 HOH 107 233 108 HOH HOH A . 
C 3 HOH 108 234 109 HOH HOH A . 
C 3 HOH 109 235 110 HOH HOH A . 
C 3 HOH 110 236 111 HOH HOH A . 
C 3 HOH 111 237 112 HOH HOH A . 
C 3 HOH 112 238 113 HOH HOH A . 
C 3 HOH 113 239 114 HOH HOH A . 
C 3 HOH 114 240 115 HOH HOH A . 
C 3 HOH 115 241 116 HOH HOH A . 
C 3 HOH 116 242 117 HOH HOH A . 
C 3 HOH 117 243 118 HOH HOH A . 
C 3 HOH 118 244 119 HOH HOH A . 
C 3 HOH 119 245 121 HOH HOH A . 
C 3 HOH 120 246 122 HOH HOH A . 
C 3 HOH 121 247 125 HOH HOH A . 
C 3 HOH 122 248 126 HOH HOH A . 
C 3 HOH 123 249 127 HOH HOH A . 
C 3 HOH 124 250 128 HOH HOH A . 
C 3 HOH 125 251 129 HOH HOH A . 
C 3 HOH 126 252 130 HOH HOH A . 
C 3 HOH 127 253 131 HOH HOH A . 
C 3 HOH 128 254 133 HOH HOH A . 
C 3 HOH 129 255 134 HOH HOH A . 
C 3 HOH 130 256 135 HOH HOH A . 
C 3 HOH 131 257 136 HOH HOH A . 
C 3 HOH 132 258 137 HOH HOH A . 
C 3 HOH 133 259 138 HOH HOH A . 
C 3 HOH 134 260 139 HOH HOH A . 
C 3 HOH 135 261 140 HOH HOH A . 
C 3 HOH 136 262 141 HOH HOH A . 
C 3 HOH 137 263 142 HOH HOH A . 
C 3 HOH 138 264 143 HOH HOH A . 
C 3 HOH 139 265 144 HOH HOH A . 
C 3 HOH 140 266 145 HOH HOH A . 
C 3 HOH 141 267 147 HOH HOH A . 
C 3 HOH 142 268 148 HOH HOH A . 
C 3 HOH 143 269 149 HOH HOH A . 
# 
loop_
_pdbx_unobs_or_zero_occ_atoms.id 
_pdbx_unobs_or_zero_occ_atoms.PDB_model_num 
_pdbx_unobs_or_zero_occ_atoms.polymer_flag 
_pdbx_unobs_or_zero_occ_atoms.occupancy_flag 
_pdbx_unobs_or_zero_occ_atoms.auth_asym_id 
_pdbx_unobs_or_zero_occ_atoms.auth_comp_id 
_pdbx_unobs_or_zero_occ_atoms.auth_seq_id 
_pdbx_unobs_or_zero_occ_atoms.PDB_ins_code 
_pdbx_unobs_or_zero_occ_atoms.auth_atom_id 
_pdbx_unobs_or_zero_occ_atoms.label_alt_id 
_pdbx_unobs_or_zero_occ_atoms.label_asym_id 
_pdbx_unobs_or_zero_occ_atoms.label_comp_id 
_pdbx_unobs_or_zero_occ_atoms.label_seq_id 
_pdbx_unobs_or_zero_occ_atoms.label_atom_id 
1 1 Y 1 A LYS 86 ? CG ? A LYS 7  CG 
2 1 Y 1 A LYS 86 ? CD ? A LYS 7  CD 
3 1 Y 1 A LYS 86 ? CE ? A LYS 7  CE 
4 1 Y 1 A LYS 86 ? NZ ? A LYS 7  NZ 
5 1 Y 1 A LYS 90 ? CG ? A LYS 11 CG 
6 1 Y 1 A LYS 90 ? CD ? A LYS 11 CD 
7 1 Y 1 A LYS 90 ? CE ? A LYS 11 CE 
8 1 Y 1 A LYS 90 ? NZ ? A LYS 11 NZ 
# 
loop_
_software.name 
_software.classification 
_software.version 
_software.citation_id 
_software.pdbx_ordinal 
StructureStudio 'data collection' .        ? 1 
MOLREP          phasing           .        ? 2 
REFMAC          refinement        5.5.0109 ? 3 
HKL-2000        'data reduction'  .        ? 4 
HKL-2000        'data scaling'    .        ? 5 
# 
_cell.entry_id           3U5S 
_cell.length_a           50.892 
_cell.length_b           76.878 
_cell.length_c           63.464 
_cell.angle_alpha        90.00 
_cell.angle_beta         90.00 
_cell.angle_gamma        90.00 
_cell.Z_PDB              8 
_cell.pdbx_unique_axis   ? 
_cell.length_a_esd       ? 
_cell.length_b_esd       ? 
_cell.length_c_esd       ? 
_cell.angle_alpha_esd    ? 
_cell.angle_beta_esd     ? 
_cell.angle_gamma_esd    ? 
# 
_symmetry.entry_id                         3U5S 
_symmetry.space_group_name_H-M             'C 2 2 21' 
_symmetry.pdbx_full_space_group_name_H-M   ? 
_symmetry.cell_setting                     ? 
_symmetry.Int_Tables_number                20 
_symmetry.space_group_name_Hall            ? 
# 
_exptl.entry_id          3U5S 
_exptl.method            'X-RAY DIFFRACTION' 
_exptl.crystals_number   1 
# 
_exptl_crystal.id                    1 
_exptl_crystal.density_meas          ? 
_exptl_crystal.density_Matthews      2.01 
_exptl_crystal.density_percent_sol   38.76 
_exptl_crystal.description           ? 
_exptl_crystal.F_000                 ? 
_exptl_crystal.preparation           ? 
# 
_exptl_crystal_grow.crystal_id      1 
_exptl_crystal_grow.method          'VAPOR DIFFUSION, HANGING DROP' 
_exptl_crystal_grow.temp            298 
_exptl_crystal_grow.temp_details    ? 
_exptl_crystal_grow.pH              ? 
_exptl_crystal_grow.pdbx_details    'VAPOR DIFFUSION, HANGING DROP, temperature 298K' 
_exptl_crystal_grow.pdbx_pH_range   ? 
# 
_diffrn.id                     1 
_diffrn.ambient_temp           93 
_diffrn.ambient_temp_details   ? 
_diffrn.crystal_id             1 
# 
_diffrn_detector.diffrn_id              1 
_diffrn_detector.detector               'IMAGE PLATE' 
_diffrn_detector.type                   'RIGAKU RAXIS IV' 
_diffrn_detector.pdbx_collection_date   2011-09-07 
_diffrn_detector.details                ? 
# 
_diffrn_radiation.diffrn_id                        1 
_diffrn_radiation.wavelength_id                    1 
_diffrn_radiation.pdbx_monochromatic_or_laue_m_l   M 
_diffrn_radiation.monochromator                    ? 
_diffrn_radiation.pdbx_diffrn_protocol             'SINGLE WAVELENGTH' 
_diffrn_radiation.pdbx_scattering_type             x-ray 
# 
_diffrn_radiation_wavelength.id           1 
_diffrn_radiation_wavelength.wavelength   1.54178 
_diffrn_radiation_wavelength.wt           1.0 
# 
_diffrn_source.diffrn_id                   1 
_diffrn_source.source                      'ROTATING ANODE' 
_diffrn_source.type                        'RIGAKU RUH3R' 
_diffrn_source.pdbx_synchrotron_site       ? 
_diffrn_source.pdbx_synchrotron_beamline   ? 
_diffrn_source.pdbx_wavelength             ? 
_diffrn_source.pdbx_wavelength_list        1.54178 
# 
_reflns.entry_id                     3U5S 
_reflns.observed_criterion_sigma_I   ? 
_reflns.observed_criterion_sigma_F   ? 
_reflns.d_resolution_low             50.0 
_reflns.d_resolution_high            1.5 
_reflns.number_obs                   15561 
_reflns.number_all                   16472 
_reflns.percent_possible_obs         ? 
_reflns.pdbx_Rmerge_I_obs            ? 
_reflns.pdbx_Rsym_value              ? 
_reflns.pdbx_netI_over_sigmaI        ? 
_reflns.B_iso_Wilson_estimate        ? 
_reflns.pdbx_redundancy              ? 
_reflns.R_free_details               ? 
_reflns.limit_h_max                  ? 
_reflns.limit_h_min                  ? 
_reflns.limit_k_max                  ? 
_reflns.limit_k_min                  ? 
_reflns.limit_l_max                  ? 
_reflns.limit_l_min                  ? 
_reflns.observed_criterion_F_max     ? 
_reflns.observed_criterion_F_min     ? 
_reflns.pdbx_chi_squared             ? 
_reflns.pdbx_scaling_rejects         ? 
_reflns.pdbx_ordinal                 1 
_reflns.pdbx_diffrn_id               1 
# 
_reflns_shell.d_res_high             1.50 
_reflns_shell.d_res_low              1.55 
_reflns_shell.percent_possible_all   36.4 
_reflns_shell.Rmerge_I_obs           0.254 
_reflns_shell.pdbx_Rsym_value        ? 
_reflns_shell.meanI_over_sigI_obs    2.43 
_reflns_shell.pdbx_redundancy        2.0 
_reflns_shell.percent_possible_obs   ? 
_reflns_shell.number_unique_all      723 
_reflns_shell.number_measured_all    ? 
_reflns_shell.number_measured_obs    ? 
_reflns_shell.number_unique_obs      ? 
_reflns_shell.pdbx_chi_squared       ? 
_reflns_shell.pdbx_ordinal           1 
_reflns_shell.pdbx_diffrn_id         1 
# 
_refine.entry_id                                 3U5S 
_refine.ls_number_reflns_obs                     15561 
_refine.ls_number_reflns_all                     16472 
_refine.pdbx_ls_sigma_I                          ? 
_refine.pdbx_ls_sigma_F                          . 
_refine.pdbx_data_cutoff_high_absF               ? 
_refine.pdbx_data_cutoff_low_absF                ? 
_refine.pdbx_data_cutoff_high_rms_absF           ? 
_refine.ls_d_res_low                             21.53 
_refine.ls_d_res_high                            1.50 
_refine.ls_percent_reflns_obs                    80.83 
_refine.ls_R_factor_obs                          0.20731 
_refine.ls_R_factor_all                          ? 
_refine.ls_R_factor_R_work                       0.20540 
_refine.ls_R_factor_R_free                       0.24353 
_refine.ls_R_factor_R_free_error                 ? 
_refine.ls_R_factor_R_free_error_details         ? 
_refine.ls_percent_reflns_R_free                 5.1 
_refine.ls_number_reflns_R_free                  839 
_refine.ls_number_parameters                     ? 
_refine.ls_number_restraints                     ? 
_refine.occupancy_min                            ? 
_refine.occupancy_max                            ? 
_refine.correlation_coeff_Fo_to_Fc               0.955 
_refine.correlation_coeff_Fo_to_Fc_free          0.936 
_refine.B_iso_mean                               18.687 
_refine.aniso_B[1][1]                            0.00 
_refine.aniso_B[2][2]                            0.00 
_refine.aniso_B[3][3]                            0.00 
_refine.aniso_B[1][2]                            0.00 
_refine.aniso_B[1][3]                            0.00 
_refine.aniso_B[2][3]                            0.00 
_refine.solvent_model_details                    MASK 
_refine.solvent_model_param_ksol                 ? 
_refine.solvent_model_param_bsol                 ? 
_refine.pdbx_solvent_vdw_probe_radii             1.40 
_refine.pdbx_solvent_ion_probe_radii             0.80 
_refine.pdbx_solvent_shrinkage_radii             0.80 
_refine.pdbx_ls_cross_valid_method               THROUGHOUT 
_refine.details                                  'HYDROGENS HAVE BEEN ADDED IN THE RIDING POSITIONS' 
_refine.pdbx_starting_model                      'PDB ENTRY 3MBG' 
_refine.pdbx_method_to_determine_struct          'MOLECULAR REPLACEMENT' 
_refine.pdbx_isotropic_thermal_model             ? 
_refine.pdbx_stereochemistry_target_values       'MAXIMUM LIKELIHOOD' 
_refine.pdbx_stereochem_target_val_spec_case     ? 
_refine.pdbx_R_Free_selection_details            RANDOM 
_refine.pdbx_overall_ESU_R_Free                  0.113 
_refine.overall_SU_ML                            0.057 
_refine.pdbx_overall_phase_error                 ? 
_refine.overall_SU_B                             1.503 
_refine.overall_SU_R_Cruickshank_DPI             ? 
_refine.ls_redundancy_reflns_obs                 ? 
_refine.B_iso_min                                ? 
_refine.B_iso_max                                ? 
_refine.overall_SU_R_free                        ? 
_refine.ls_wR_factor_R_free                      ? 
_refine.ls_wR_factor_R_work                      ? 
_refine.overall_FOM_free_R_set                   ? 
_refine.overall_FOM_work_R_set                   ? 
_refine.pdbx_diffrn_id                           1 
_refine.pdbx_refine_id                           'X-RAY DIFFRACTION' 
_refine.pdbx_overall_ESU_R                       ? 
_refine.pdbx_TLS_residual_ADP_flag               ? 
_refine.pdbx_overall_SU_R_free_Cruickshank_DPI   ? 
_refine.pdbx_overall_SU_R_Blow_DPI               ? 
_refine.pdbx_overall_SU_R_free_Blow_DPI          ? 
# 
_refine_hist.pdbx_refine_id                   'X-RAY DIFFRACTION' 
_refine_hist.cycle_id                         LAST 
_refine_hist.pdbx_number_atoms_protein        1049 
_refine_hist.pdbx_number_atoms_nucleic_acid   0 
_refine_hist.pdbx_number_atoms_ligand         53 
_refine_hist.number_atoms_solvent             143 
_refine_hist.number_atoms_total               1245 
_refine_hist.d_res_high                       1.50 
_refine_hist.d_res_low                        21.53 
# 
loop_
_refine_ls_restr.type 
_refine_ls_restr.dev_ideal 
_refine_ls_restr.dev_ideal_target 
_refine_ls_restr.weight 
_refine_ls_restr.number 
_refine_ls_restr.pdbx_restraint_function 
_refine_ls_restr.pdbx_refine_id 
r_bond_refined_d             0.024  0.021  ? 1137 ? 'X-RAY DIFFRACTION' 
r_bond_other_d               ?      ?      ? ?    ? 'X-RAY DIFFRACTION' 
r_angle_refined_deg          2.270  2.000  ? 1549 ? 'X-RAY DIFFRACTION' 
r_angle_other_deg            ?      ?      ? ?    ? 'X-RAY DIFFRACTION' 
r_dihedral_angle_1_deg       6.187  5.000  ? 125  ? 'X-RAY DIFFRACTION' 
r_dihedral_angle_2_deg       34.764 22.969 ? 64   ? 'X-RAY DIFFRACTION' 
r_dihedral_angle_3_deg       14.542 15.000 ? 173  ? 'X-RAY DIFFRACTION' 
r_dihedral_angle_4_deg       14.551 15.000 ? 13   ? 'X-RAY DIFFRACTION' 
r_chiral_restr               0.234  0.200  ? 151  ? 'X-RAY DIFFRACTION' 
r_gen_planes_refined         0.015  0.021  ? 896  ? 'X-RAY DIFFRACTION' 
r_gen_planes_other           ?      ?      ? ?    ? 'X-RAY DIFFRACTION' 
r_nbd_refined                ?      ?      ? ?    ? 'X-RAY DIFFRACTION' 
r_nbd_other                  ?      ?      ? ?    ? 'X-RAY DIFFRACTION' 
r_nbtor_refined              ?      ?      ? ?    ? 'X-RAY DIFFRACTION' 
r_nbtor_other                ?      ?      ? ?    ? 'X-RAY DIFFRACTION' 
r_xyhbond_nbd_refined        ?      ?      ? ?    ? 'X-RAY DIFFRACTION' 
r_xyhbond_nbd_other          ?      ?      ? ?    ? 'X-RAY DIFFRACTION' 
r_metal_ion_refined          ?      ?      ? ?    ? 'X-RAY DIFFRACTION' 
r_metal_ion_other            ?      ?      ? ?    ? 'X-RAY DIFFRACTION' 
r_symmetry_vdw_refined       ?      ?      ? ?    ? 'X-RAY DIFFRACTION' 
r_symmetry_vdw_other         ?      ?      ? ?    ? 'X-RAY DIFFRACTION' 
r_symmetry_hbond_refined     ?      ?      ? ?    ? 'X-RAY DIFFRACTION' 
r_symmetry_hbond_other       ?      ?      ? ?    ? 'X-RAY DIFFRACTION' 
r_symmetry_metal_ion_refined ?      ?      ? ?    ? 'X-RAY DIFFRACTION' 
r_symmetry_metal_ion_other   ?      ?      ? ?    ? 'X-RAY DIFFRACTION' 
r_mcbond_it                  1.877  1.500  ? 633  ? 'X-RAY DIFFRACTION' 
r_mcbond_other               ?      ?      ? ?    ? 'X-RAY DIFFRACTION' 
r_mcangle_it                 2.278  2.000  ? 1018 ? 'X-RAY DIFFRACTION' 
r_scbond_it                  3.472  3.000  ? 504  ? 'X-RAY DIFFRACTION' 
r_scangle_it                 5.046  4.500  ? 531  ? 'X-RAY DIFFRACTION' 
r_rigid_bond_restr           ?      ?      ? ?    ? 'X-RAY DIFFRACTION' 
r_sphericity_free            ?      ?      ? ?    ? 'X-RAY DIFFRACTION' 
r_sphericity_bonded          ?      ?      ? ?    ? 'X-RAY DIFFRACTION' 
# 
_refine_ls_shell.pdbx_total_number_of_bins_used   20 
_refine_ls_shell.d_res_high                       1.500 
_refine_ls_shell.d_res_low                        1.539 
_refine_ls_shell.number_reflns_R_work             434 
_refine_ls_shell.R_factor_R_work                  0.522 
_refine_ls_shell.percent_reflns_obs               31.28 
_refine_ls_shell.R_factor_R_free                  0.584 
_refine_ls_shell.R_factor_R_free_error            ? 
_refine_ls_shell.percent_reflns_R_free            ? 
_refine_ls_shell.number_reflns_R_free             29 
_refine_ls_shell.number_reflns_all                ? 
_refine_ls_shell.R_factor_all                     ? 
_refine_ls_shell.number_reflns_obs                ? 
_refine_ls_shell.redundancy_reflns_obs            ? 
_refine_ls_shell.pdbx_refine_id                   'X-RAY DIFFRACTION' 
# 
_struct.entry_id                  3U5S 
_struct.title                     'Selenium Substituted Human Augmenter of Liver Regeneration' 
_struct.pdbx_model_details        ? 
_struct.pdbx_CASP_flag            ? 
_struct.pdbx_model_type_details   ? 
# 
_struct_keywords.entry_id        3U5S 
_struct_keywords.pdbx_keywords   OXIDOREDUCTASE 
_struct_keywords.text            
'Flavin, Liver, OXIDOREDUCTASE, selenium NMR, selenocysteine, selenoproteins, augmenter of liver regeneration' 
# 
loop_
_struct_asym.id 
_struct_asym.pdbx_blank_PDB_chainid_flag 
_struct_asym.pdbx_modified 
_struct_asym.entity_id 
_struct_asym.details 
A N N 1 ? 
B N N 2 ? 
C N N 3 ? 
# 
_struct_ref.id                         1 
_struct_ref.db_name                    UNP 
_struct_ref.db_code                    ALR_HUMAN 
_struct_ref.pdbx_db_accession          P55789 
_struct_ref.entity_id                  1 
_struct_ref.pdbx_seq_one_letter_code   
;RTQQKRDTKFREDCPPDREELGRHSWAVLHTLAAYYPDLPTPEQQQDMAQFIHLFSKFYPCEECAEDLRKRLCRNHPDTR
TRACFTQWLCHLHNEVNRKLGKPDFDCSKVDERWRDGWKDGSCD
;
_struct_ref.pdbx_align_begin           82 
_struct_ref.pdbx_db_isoform            ? 
# 
_struct_ref_seq.align_id                      1 
_struct_ref_seq.ref_id                        1 
_struct_ref_seq.pdbx_PDB_id_code              3U5S 
_struct_ref_seq.pdbx_strand_id                A 
_struct_ref_seq.seq_align_beg                 3 
_struct_ref_seq.pdbx_seq_align_beg_ins_code   ? 
_struct_ref_seq.seq_align_end                 126 
_struct_ref_seq.pdbx_seq_align_end_ins_code   ? 
_struct_ref_seq.pdbx_db_accession             P55789 
_struct_ref_seq.db_align_beg                  82 
_struct_ref_seq.pdbx_db_align_beg_ins_code    ? 
_struct_ref_seq.db_align_end                  205 
_struct_ref_seq.pdbx_db_align_end_ins_code    ? 
_struct_ref_seq.pdbx_auth_seq_align_beg       82 
_struct_ref_seq.pdbx_auth_seq_align_end       205 
# 
loop_
_struct_ref_seq_dif.align_id 
_struct_ref_seq_dif.pdbx_pdb_id_code 
_struct_ref_seq_dif.mon_id 
_struct_ref_seq_dif.pdbx_pdb_strand_id 
_struct_ref_seq_dif.seq_num 
_struct_ref_seq_dif.pdbx_pdb_ins_code 
_struct_ref_seq_dif.pdbx_seq_db_name 
_struct_ref_seq_dif.pdbx_seq_db_accession_code 
_struct_ref_seq_dif.db_mon_id 
_struct_ref_seq_dif.pdbx_seq_db_seq_num 
_struct_ref_seq_dif.details 
_struct_ref_seq_dif.pdbx_auth_seq_num 
_struct_ref_seq_dif.pdbx_ordinal 
1 3U5S SER A 1  ? UNP P55789 ?   ?   'expression tag'      80  1 
1 3U5S MSE A 2  ? UNP P55789 ?   ?   'expression tag'      81  2 
1 3U5S ALA A 75 ? UNP P55789 CYS 154 'engineered mutation' 154 3 
1 3U5S ALA A 86 ? UNP P55789 CYS 165 'engineered mutation' 165 4 
# 
_pdbx_struct_assembly.id                   1 
_pdbx_struct_assembly.details              author_and_software_defined_assembly 
_pdbx_struct_assembly.method_details       PISA 
_pdbx_struct_assembly.oligomeric_details   dimeric 
_pdbx_struct_assembly.oligomeric_count     2 
# 
loop_
_pdbx_struct_assembly_prop.biol_id 
_pdbx_struct_assembly_prop.type 
_pdbx_struct_assembly_prop.value 
_pdbx_struct_assembly_prop.details 
1 'ABSA (A^2)' 5990  ? 
1 MORE         -41   ? 
1 'SSA (A^2)'  14730 ? 
# 
_pdbx_struct_assembly_gen.assembly_id       1 
_pdbx_struct_assembly_gen.oper_expression   1,2 
_pdbx_struct_assembly_gen.asym_id_list      A,B,C 
# 
loop_
_pdbx_struct_oper_list.id 
_pdbx_struct_oper_list.type 
_pdbx_struct_oper_list.name 
_pdbx_struct_oper_list.symmetry_operation 
_pdbx_struct_oper_list.matrix[1][1] 
_pdbx_struct_oper_list.matrix[1][2] 
_pdbx_struct_oper_list.matrix[1][3] 
_pdbx_struct_oper_list.vector[1] 
_pdbx_struct_oper_list.matrix[2][1] 
_pdbx_struct_oper_list.matrix[2][2] 
_pdbx_struct_oper_list.matrix[2][3] 
_pdbx_struct_oper_list.vector[2] 
_pdbx_struct_oper_list.matrix[3][1] 
_pdbx_struct_oper_list.matrix[3][2] 
_pdbx_struct_oper_list.matrix[3][3] 
_pdbx_struct_oper_list.vector[3] 
1 'identity operation'         1_555 x,y,z       1.0000000000  0.0000000000 0.0000000000 0.0000000000  0.0000000000 1.0000000000 0.0000000000 0.0000000000  0.0000000000 0.0000000000 1.0000000000  0.0000000000 
2 'crystal symmetry operation' 3_554 -x,y,-z-1/2 -0.4892417246 0.8394980039 0.2364014305 12.1798418796 0.8394980039 0.3798247283 0.3885566589 -9.6107442671 0.2364014305 0.3885566589 -0.8905830037 7.8140203797 
# 
_struct_biol.id        1 
_struct_biol.details   ? 
# 
loop_
_struct_conf.conf_type_id 
_struct_conf.id 
_struct_conf.pdbx_PDB_helix_id 
_struct_conf.beg_label_comp_id 
_struct_conf.beg_label_asym_id 
_struct_conf.beg_label_seq_id 
_struct_conf.pdbx_beg_PDB_ins_code 
_struct_conf.end_label_comp_id 
_struct_conf.end_label_asym_id 
_struct_conf.end_label_seq_id 
_struct_conf.pdbx_end_PDB_ins_code 
_struct_conf.beg_auth_comp_id 
_struct_conf.beg_auth_asym_id 
_struct_conf.beg_auth_seq_id 
_struct_conf.end_auth_comp_id 
_struct_conf.end_auth_asym_id 
_struct_conf.end_auth_seq_id 
_struct_conf.pdbx_PDB_helix_class 
_struct_conf.details 
_struct_conf.pdbx_PDB_helix_length 
HELX_P HELX_P1 1 GLN A 6   ? THR A 10  ? GLN A 85  THR A 89  5 ? 5  
HELX_P HELX_P2 2 ASP A 19  ? TYR A 37  ? ASP A 98  TYR A 116 1 ? 19 
HELX_P HELX_P3 3 THR A 43  ? TYR A 61  ? THR A 122 TYR A 140 1 ? 19 
HELX_P HELX_P4 4 SEC A 63  ? ASN A 77  ? SEC A 142 ASN A 156 1 ? 15 
HELX_P HELX_P5 5 THR A 83  ? LEU A 102 ? THR A 162 LEU A 181 1 ? 20 
HELX_P HELX_P6 6 ASP A 108 ? SER A 110 ? ASP A 187 SER A 189 5 ? 3  
HELX_P HELX_P7 7 LYS A 111 ? ARG A 117 ? LYS A 190 ARG A 196 1 ? 7  
# 
_struct_conf_type.id          HELX_P 
_struct_conf_type.criteria    ? 
_struct_conf_type.reference   ? 
# 
loop_
_struct_conn.id 
_struct_conn.conn_type_id 
_struct_conn.pdbx_leaving_atom_flag 
_struct_conn.pdbx_PDB_id 
_struct_conn.ptnr1_label_asym_id 
_struct_conn.ptnr1_label_comp_id 
_struct_conn.ptnr1_label_seq_id 
_struct_conn.ptnr1_label_atom_id 
_struct_conn.pdbx_ptnr1_label_alt_id 
_struct_conn.pdbx_ptnr1_PDB_ins_code 
_struct_conn.pdbx_ptnr1_standard_comp_id 
_struct_conn.ptnr1_symmetry 
_struct_conn.ptnr2_label_asym_id 
_struct_conn.ptnr2_label_comp_id 
_struct_conn.ptnr2_label_seq_id 
_struct_conn.ptnr2_label_atom_id 
_struct_conn.pdbx_ptnr2_label_alt_id 
_struct_conn.pdbx_ptnr2_PDB_ins_code 
_struct_conn.ptnr1_auth_asym_id 
_struct_conn.ptnr1_auth_comp_id 
_struct_conn.ptnr1_auth_seq_id 
_struct_conn.ptnr2_auth_asym_id 
_struct_conn.ptnr2_auth_comp_id 
_struct_conn.ptnr2_auth_seq_id 
_struct_conn.ptnr2_symmetry 
_struct_conn.pdbx_ptnr3_label_atom_id 
_struct_conn.pdbx_ptnr3_label_seq_id 
_struct_conn.pdbx_ptnr3_label_comp_id 
_struct_conn.pdbx_ptnr3_label_asym_id 
_struct_conn.pdbx_ptnr3_label_alt_id 
_struct_conn.pdbx_ptnr3_PDB_ins_code 
_struct_conn.details 
_struct_conn.pdbx_dist_value 
_struct_conn.pdbx_value_order 
_struct_conn.pdbx_role 
covale1 covale both ? A SER 1  C ? ? ? 1_555 A MSE 2  N ? ? A SER 80  A MSE 81  1_555 ? ? ? ? ? ? ? 1.386 ? ? 
covale2 covale both ? A MSE 2  C ? ? ? 1_555 A ARG 3  N ? ? A MSE 81  A ARG 82  1_555 ? ? ? ? ? ? ? 1.340 ? ? 
covale3 covale both ? A ASP 49 C ? ? ? 1_555 A MSE 50 N ? ? A ASP 128 A MSE 129 1_555 ? ? ? ? ? ? ? 1.350 ? ? 
covale4 covale both ? A MSE 50 C ? ? ? 1_555 A ALA 51 N ? ? A MSE 129 A ALA 130 1_555 ? ? ? ? ? ? ? 1.350 ? ? 
# 
_struct_conn_type.id          covale 
_struct_conn_type.criteria    ? 
_struct_conn_type.reference   ? 
# 
loop_
_pdbx_modification_feature.ordinal 
_pdbx_modification_feature.label_comp_id 
_pdbx_modification_feature.label_asym_id 
_pdbx_modification_feature.label_seq_id 
_pdbx_modification_feature.label_alt_id 
_pdbx_modification_feature.modified_residue_label_comp_id 
_pdbx_modification_feature.modified_residue_label_asym_id 
_pdbx_modification_feature.modified_residue_label_seq_id 
_pdbx_modification_feature.modified_residue_label_alt_id 
_pdbx_modification_feature.auth_comp_id 
_pdbx_modification_feature.auth_asym_id 
_pdbx_modification_feature.auth_seq_id 
_pdbx_modification_feature.PDB_ins_code 
_pdbx_modification_feature.symmetry 
_pdbx_modification_feature.modified_residue_auth_comp_id 
_pdbx_modification_feature.modified_residue_auth_asym_id 
_pdbx_modification_feature.modified_residue_auth_seq_id 
_pdbx_modification_feature.modified_residue_PDB_ins_code 
_pdbx_modification_feature.modified_residue_symmetry 
_pdbx_modification_feature.comp_id_linking_atom 
_pdbx_modification_feature.modified_residue_id_linking_atom 
_pdbx_modification_feature.modified_residue_id 
_pdbx_modification_feature.ref_pcm_id 
_pdbx_modification_feature.ref_comp_id 
_pdbx_modification_feature.type 
_pdbx_modification_feature.category 
1 MSE A 2  ? . . . . MSE A 81  ? 1_555 . . . . . . . MET 1 MSE Selenomethionine 'Named protein modification' 
2 MSE A 50 ? . . . . MSE A 129 ? 1_555 . . . . . . . MET 1 MSE Selenomethionine 'Named protein modification' 
# 
_struct_site.id                   AC1 
_struct_site.pdbx_evidence_code   Software 
_struct_site.pdbx_auth_asym_id    A 
_struct_site.pdbx_auth_comp_id    FAD 
_struct_site.pdbx_auth_seq_id     300 
_struct_site.pdbx_auth_ins_code   ? 
_struct_site.pdbx_num_residues    30 
_struct_site.details              'BINDING SITE FOR RESIDUE FAD A 300' 
# 
loop_
_struct_site_gen.id 
_struct_site_gen.site_id 
_struct_site_gen.pdbx_num_res 
_struct_site_gen.label_comp_id 
_struct_site_gen.label_asym_id 
_struct_site_gen.label_seq_id 
_struct_site_gen.pdbx_auth_ins_code 
_struct_site_gen.auth_comp_id 
_struct_site_gen.auth_asym_id 
_struct_site_gen.auth_seq_id 
_struct_site_gen.label_atom_id 
_struct_site_gen.label_alt_id 
_struct_site_gen.symmetry 
_struct_site_gen.details 
1  AC1 30 HOH C .   ? HOH A 1   . ? 1_555 ? 
2  AC1 30 HOH C .   ? HOH A 9   . ? 1_555 ? 
3  AC1 30 HOH C .   ? HOH A 21  . ? 1_555 ? 
4  AC1 30 HOH C .   ? HOH A 22  . ? 1_555 ? 
5  AC1 30 HOH C .   ? HOH A 26  . ? 1_555 ? 
6  AC1 30 HOH C .   ? HOH A 31  . ? 1_555 ? 
7  AC1 30 HOH C .   ? HOH A 64  . ? 1_555 ? 
8  AC1 30 HOH C .   ? HOH A 66  . ? 1_555 ? 
9  AC1 30 HOH C .   ? HOH A 68  . ? 1_555 ? 
10 AC1 30 HOH C .   ? HOH A 79  . ? 1_555 ? 
11 AC1 30 GLU A 21  ? GLU A 100 . ? 1_555 ? 
12 AC1 30 GLY A 24  ? GLY A 103 . ? 1_555 ? 
13 AC1 30 ARG A 25  ? ARG A 104 . ? 1_555 ? 
14 AC1 30 SER A 27  ? SER A 106 . ? 1_555 ? 
15 AC1 30 TRP A 28  ? TRP A 107 . ? 1_555 ? 
16 AC1 30 HIS A 32  ? HIS A 111 . ? 1_555 ? 
17 AC1 30 TYR A 61  ? TYR A 140 . ? 1_555 ? 
18 AC1 30 SEC A 66  ? SEC A 145 . ? 1_555 ? 
19 AC1 30 ASP A 69  ? ASP A 148 . ? 1_555 ? 
20 AC1 30 SEC A 92  ? SEC A 171 . ? 1_555 ? 
21 AC1 30 HIS A 95  ? HIS A 174 . ? 1_555 ? 
22 AC1 30 ASN A 96  ? ASN A 175 . ? 1_555 ? 
23 AC1 30 VAL A 98  ? VAL A 177 . ? 1_555 ? 
24 AC1 30 ASN A 99  ? ASN A 178 . ? 1_555 ? 
25 AC1 30 LYS A 101 ? LYS A 180 . ? 1_555 ? 
26 AC1 30 LEU A 102 ? LEU A 181 . ? 1_555 ? 
27 AC1 30 LYS A 104 ? LYS A 183 . ? 1_555 ? 
28 AC1 30 PHE A 107 ? PHE A 186 . ? 1_555 ? 
29 AC1 30 ARG A 115 ? ARG A 194 . ? 1_555 ? 
30 AC1 30 TRP A 116 ? TRP A 195 . ? 1_555 ? 
# 
_pdbx_entry_details.entry_id                   3U5S 
_pdbx_entry_details.compound_details           ? 
_pdbx_entry_details.source_details             ? 
_pdbx_entry_details.nonpolymer_details         ? 
_pdbx_entry_details.sequence_details           ? 
_pdbx_entry_details.has_ligand_of_interest     ? 
_pdbx_entry_details.has_protein_modification   Y 
# 
loop_
_pdbx_validate_close_contact.id 
_pdbx_validate_close_contact.PDB_model_num 
_pdbx_validate_close_contact.auth_atom_id_1 
_pdbx_validate_close_contact.auth_asym_id_1 
_pdbx_validate_close_contact.auth_comp_id_1 
_pdbx_validate_close_contact.auth_seq_id_1 
_pdbx_validate_close_contact.PDB_ins_code_1 
_pdbx_validate_close_contact.label_alt_id_1 
_pdbx_validate_close_contact.auth_atom_id_2 
_pdbx_validate_close_contact.auth_asym_id_2 
_pdbx_validate_close_contact.auth_comp_id_2 
_pdbx_validate_close_contact.auth_seq_id_2 
_pdbx_validate_close_contact.PDB_ins_code_2 
_pdbx_validate_close_contact.label_alt_id_2 
_pdbx_validate_close_contact.dist 
1 1 O  A HOH 57  ? ? O A HOH 268 ? ? 1.96 
2 1 O  A TRP 195 ? ? O A HOH 263 ? ? 2.05 
3 1 CB A GLU 144 ? ? O A HOH 229 ? ? 2.15 
4 1 N  A LYS 86  ? ? O A HOH 269 ? ? 2.19 
# 
loop_
_pdbx_validate_rmsd_angle.id 
_pdbx_validate_rmsd_angle.PDB_model_num 
_pdbx_validate_rmsd_angle.auth_atom_id_1 
_pdbx_validate_rmsd_angle.auth_asym_id_1 
_pdbx_validate_rmsd_angle.auth_comp_id_1 
_pdbx_validate_rmsd_angle.auth_seq_id_1 
_pdbx_validate_rmsd_angle.PDB_ins_code_1 
_pdbx_validate_rmsd_angle.label_alt_id_1 
_pdbx_validate_rmsd_angle.auth_atom_id_2 
_pdbx_validate_rmsd_angle.auth_asym_id_2 
_pdbx_validate_rmsd_angle.auth_comp_id_2 
_pdbx_validate_rmsd_angle.auth_seq_id_2 
_pdbx_validate_rmsd_angle.PDB_ins_code_2 
_pdbx_validate_rmsd_angle.label_alt_id_2 
_pdbx_validate_rmsd_angle.auth_atom_id_3 
_pdbx_validate_rmsd_angle.auth_asym_id_3 
_pdbx_validate_rmsd_angle.auth_comp_id_3 
_pdbx_validate_rmsd_angle.auth_seq_id_3 
_pdbx_validate_rmsd_angle.PDB_ins_code_3 
_pdbx_validate_rmsd_angle.label_alt_id_3 
_pdbx_validate_rmsd_angle.angle_value 
_pdbx_validate_rmsd_angle.angle_target_value 
_pdbx_validate_rmsd_angle.angle_deviation 
_pdbx_validate_rmsd_angle.angle_standard_deviation 
_pdbx_validate_rmsd_angle.linker_flag 
1 1 NE A ARG 152 ? ? CZ A ARG 152 ? ? NH2 A ARG 152 ? ? 115.24 120.30 -5.06 0.50 N 
2 1 NE A ARG 163 ? ? CZ A ARG 163 ? ? NH1 A ARG 163 ? ? 124.35 120.30 4.05  0.50 N 
3 1 CB A ASP 192 ? ? CG A ASP 192 ? ? OD1 A ASP 192 ? ? 124.11 118.30 5.81  0.90 N 
4 1 NE A ARG 196 ? ? CZ A ARG 196 ? ? NH1 A ARG 196 ? ? 123.53 120.30 3.23  0.50 N 
# 
loop_
_pdbx_validate_torsion.id 
_pdbx_validate_torsion.PDB_model_num 
_pdbx_validate_torsion.auth_comp_id 
_pdbx_validate_torsion.auth_asym_id 
_pdbx_validate_torsion.auth_seq_id 
_pdbx_validate_torsion.PDB_ins_code 
_pdbx_validate_torsion.label_alt_id 
_pdbx_validate_torsion.phi 
_pdbx_validate_torsion.psi 
1 1 MSE A 81  ? ? 158.60  -74.10 
2 1 THR A 89  ? ? -131.06 -50.43 
3 1 ASN A 156 ? ? -165.63 79.02  
4 1 ARG A 196 ? ? -129.73 -50.97 
# 
loop_
_pdbx_struct_mod_residue.id 
_pdbx_struct_mod_residue.label_asym_id 
_pdbx_struct_mod_residue.label_comp_id 
_pdbx_struct_mod_residue.label_seq_id 
_pdbx_struct_mod_residue.auth_asym_id 
_pdbx_struct_mod_residue.auth_comp_id 
_pdbx_struct_mod_residue.auth_seq_id 
_pdbx_struct_mod_residue.PDB_ins_code 
_pdbx_struct_mod_residue.parent_comp_id 
_pdbx_struct_mod_residue.details 
1 A MSE 2  A MSE 81  ? MET SELENOMETHIONINE 
2 A MSE 50 A MSE 129 ? MET SELENOMETHIONINE 
# 
_pdbx_struct_special_symmetry.id              1 
_pdbx_struct_special_symmetry.PDB_model_num   1 
_pdbx_struct_special_symmetry.auth_asym_id    A 
_pdbx_struct_special_symmetry.auth_comp_id    HOH 
_pdbx_struct_special_symmetry.auth_seq_id     211 
_pdbx_struct_special_symmetry.PDB_ins_code    ? 
_pdbx_struct_special_symmetry.label_asym_id   C 
_pdbx_struct_special_symmetry.label_comp_id   HOH 
_pdbx_struct_special_symmetry.label_seq_id    . 
# 
loop_
_chem_comp_atom.comp_id 
_chem_comp_atom.atom_id 
_chem_comp_atom.type_symbol 
_chem_comp_atom.pdbx_aromatic_flag 
_chem_comp_atom.pdbx_stereo_config 
_chem_comp_atom.pdbx_ordinal 
ALA N      N  N N 1   
ALA CA     C  N S 2   
ALA C      C  N N 3   
ALA O      O  N N 4   
ALA CB     C  N N 5   
ALA OXT    O  N N 6   
ALA H      H  N N 7   
ALA H2     H  N N 8   
ALA HA     H  N N 9   
ALA HB1    H  N N 10  
ALA HB2    H  N N 11  
ALA HB3    H  N N 12  
ALA HXT    H  N N 13  
ARG N      N  N N 14  
ARG CA     C  N S 15  
ARG C      C  N N 16  
ARG O      O  N N 17  
ARG CB     C  N N 18  
ARG CG     C  N N 19  
ARG CD     C  N N 20  
ARG NE     N  N N 21  
ARG CZ     C  N N 22  
ARG NH1    N  N N 23  
ARG NH2    N  N N 24  
ARG OXT    O  N N 25  
ARG H      H  N N 26  
ARG H2     H  N N 27  
ARG HA     H  N N 28  
ARG HB2    H  N N 29  
ARG HB3    H  N N 30  
ARG HG2    H  N N 31  
ARG HG3    H  N N 32  
ARG HD2    H  N N 33  
ARG HD3    H  N N 34  
ARG HE     H  N N 35  
ARG HH11   H  N N 36  
ARG HH12   H  N N 37  
ARG HH21   H  N N 38  
ARG HH22   H  N N 39  
ARG HXT    H  N N 40  
ASN N      N  N N 41  
ASN CA     C  N S 42  
ASN C      C  N N 43  
ASN O      O  N N 44  
ASN CB     C  N N 45  
ASN CG     C  N N 46  
ASN OD1    O  N N 47  
ASN ND2    N  N N 48  
ASN OXT    O  N N 49  
ASN H      H  N N 50  
ASN H2     H  N N 51  
ASN HA     H  N N 52  
ASN HB2    H  N N 53  
ASN HB3    H  N N 54  
ASN HD21   H  N N 55  
ASN HD22   H  N N 56  
ASN HXT    H  N N 57  
ASP N      N  N N 58  
ASP CA     C  N S 59  
ASP C      C  N N 60  
ASP O      O  N N 61  
ASP CB     C  N N 62  
ASP CG     C  N N 63  
ASP OD1    O  N N 64  
ASP OD2    O  N N 65  
ASP OXT    O  N N 66  
ASP H      H  N N 67  
ASP H2     H  N N 68  
ASP HA     H  N N 69  
ASP HB2    H  N N 70  
ASP HB3    H  N N 71  
ASP HD2    H  N N 72  
ASP HXT    H  N N 73  
CYS N      N  N N 74  
CYS CA     C  N R 75  
CYS C      C  N N 76  
CYS O      O  N N 77  
CYS CB     C  N N 78  
CYS SG     S  N N 79  
CYS OXT    O  N N 80  
CYS H      H  N N 81  
CYS H2     H  N N 82  
CYS HA     H  N N 83  
CYS HB2    H  N N 84  
CYS HB3    H  N N 85  
CYS HG     H  N N 86  
CYS HXT    H  N N 87  
FAD PA     P  N R 88  
FAD O1A    O  N N 89  
FAD O2A    O  N N 90  
FAD O5B    O  N N 91  
FAD C5B    C  N N 92  
FAD C4B    C  N R 93  
FAD O4B    O  N N 94  
FAD C3B    C  N S 95  
FAD O3B    O  N N 96  
FAD C2B    C  N R 97  
FAD O2B    O  N N 98  
FAD C1B    C  N R 99  
FAD N9A    N  Y N 100 
FAD C8A    C  Y N 101 
FAD N7A    N  Y N 102 
FAD C5A    C  Y N 103 
FAD C6A    C  Y N 104 
FAD N6A    N  N N 105 
FAD N1A    N  Y N 106 
FAD C2A    C  Y N 107 
FAD N3A    N  Y N 108 
FAD C4A    C  Y N 109 
FAD N1     N  N N 110 
FAD C2     C  N N 111 
FAD O2     O  N N 112 
FAD N3     N  N N 113 
FAD C4     C  N N 114 
FAD O4     O  N N 115 
FAD C4X    C  N N 116 
FAD N5     N  N N 117 
FAD C5X    C  Y N 118 
FAD C6     C  Y N 119 
FAD C7     C  Y N 120 
FAD C7M    C  N N 121 
FAD C8     C  Y N 122 
FAD C8M    C  N N 123 
FAD C9     C  Y N 124 
FAD C9A    C  Y N 125 
FAD N10    N  N N 126 
FAD C10    C  N N 127 
FAD "C1'"  C  N N 128 
FAD "C2'"  C  N S 129 
FAD "O2'"  O  N N 130 
FAD "C3'"  C  N S 131 
FAD "O3'"  O  N N 132 
FAD "C4'"  C  N R 133 
FAD "O4'"  O  N N 134 
FAD "C5'"  C  N N 135 
FAD "O5'"  O  N N 136 
FAD P      P  N R 137 
FAD O1P    O  N N 138 
FAD O2P    O  N N 139 
FAD O3P    O  N N 140 
FAD HOA2   H  N N 141 
FAD H51A   H  N N 142 
FAD H52A   H  N N 143 
FAD H4B    H  N N 144 
FAD H3B    H  N N 145 
FAD HO3A   H  N N 146 
FAD H2B    H  N N 147 
FAD HO2A   H  N N 148 
FAD H1B    H  N N 149 
FAD H8A    H  N N 150 
FAD H61A   H  N N 151 
FAD H62A   H  N N 152 
FAD H2A    H  N N 153 
FAD HN3    H  N N 154 
FAD H6     H  N N 155 
FAD HM71   H  N N 156 
FAD HM72   H  N N 157 
FAD HM73   H  N N 158 
FAD HM81   H  N N 159 
FAD HM82   H  N N 160 
FAD HM83   H  N N 161 
FAD H9     H  N N 162 
FAD "H1'1" H  N N 163 
FAD "H1'2" H  N N 164 
FAD "H2'"  H  N N 165 
FAD "HO2'" H  N N 166 
FAD "H3'"  H  N N 167 
FAD "HO3'" H  N N 168 
FAD "H4'"  H  N N 169 
FAD "HO4'" H  N N 170 
FAD "H5'1" H  N N 171 
FAD "H5'2" H  N N 172 
FAD HOP2   H  N N 173 
GLN N      N  N N 174 
GLN CA     C  N S 175 
GLN C      C  N N 176 
GLN O      O  N N 177 
GLN CB     C  N N 178 
GLN CG     C  N N 179 
GLN CD     C  N N 180 
GLN OE1    O  N N 181 
GLN NE2    N  N N 182 
GLN OXT    O  N N 183 
GLN H      H  N N 184 
GLN H2     H  N N 185 
GLN HA     H  N N 186 
GLN HB2    H  N N 187 
GLN HB3    H  N N 188 
GLN HG2    H  N N 189 
GLN HG3    H  N N 190 
GLN HE21   H  N N 191 
GLN HE22   H  N N 192 
GLN HXT    H  N N 193 
GLU N      N  N N 194 
GLU CA     C  N S 195 
GLU C      C  N N 196 
GLU O      O  N N 197 
GLU CB     C  N N 198 
GLU CG     C  N N 199 
GLU CD     C  N N 200 
GLU OE1    O  N N 201 
GLU OE2    O  N N 202 
GLU OXT    O  N N 203 
GLU H      H  N N 204 
GLU H2     H  N N 205 
GLU HA     H  N N 206 
GLU HB2    H  N N 207 
GLU HB3    H  N N 208 
GLU HG2    H  N N 209 
GLU HG3    H  N N 210 
GLU HE2    H  N N 211 
GLU HXT    H  N N 212 
GLY N      N  N N 213 
GLY CA     C  N N 214 
GLY C      C  N N 215 
GLY O      O  N N 216 
GLY OXT    O  N N 217 
GLY H      H  N N 218 
GLY H2     H  N N 219 
GLY HA2    H  N N 220 
GLY HA3    H  N N 221 
GLY HXT    H  N N 222 
HIS N      N  N N 223 
HIS CA     C  N S 224 
HIS C      C  N N 225 
HIS O      O  N N 226 
HIS CB     C  N N 227 
HIS CG     C  Y N 228 
HIS ND1    N  Y N 229 
HIS CD2    C  Y N 230 
HIS CE1    C  Y N 231 
HIS NE2    N  Y N 232 
HIS OXT    O  N N 233 
HIS H      H  N N 234 
HIS H2     H  N N 235 
HIS HA     H  N N 236 
HIS HB2    H  N N 237 
HIS HB3    H  N N 238 
HIS HD1    H  N N 239 
HIS HD2    H  N N 240 
HIS HE1    H  N N 241 
HIS HE2    H  N N 242 
HIS HXT    H  N N 243 
HOH O      O  N N 244 
HOH H1     H  N N 245 
HOH H2     H  N N 246 
ILE N      N  N N 247 
ILE CA     C  N S 248 
ILE C      C  N N 249 
ILE O      O  N N 250 
ILE CB     C  N S 251 
ILE CG1    C  N N 252 
ILE CG2    C  N N 253 
ILE CD1    C  N N 254 
ILE OXT    O  N N 255 
ILE H      H  N N 256 
ILE H2     H  N N 257 
ILE HA     H  N N 258 
ILE HB     H  N N 259 
ILE HG12   H  N N 260 
ILE HG13   H  N N 261 
ILE HG21   H  N N 262 
ILE HG22   H  N N 263 
ILE HG23   H  N N 264 
ILE HD11   H  N N 265 
ILE HD12   H  N N 266 
ILE HD13   H  N N 267 
ILE HXT    H  N N 268 
LEU N      N  N N 269 
LEU CA     C  N S 270 
LEU C      C  N N 271 
LEU O      O  N N 272 
LEU CB     C  N N 273 
LEU CG     C  N N 274 
LEU CD1    C  N N 275 
LEU CD2    C  N N 276 
LEU OXT    O  N N 277 
LEU H      H  N N 278 
LEU H2     H  N N 279 
LEU HA     H  N N 280 
LEU HB2    H  N N 281 
LEU HB3    H  N N 282 
LEU HG     H  N N 283 
LEU HD11   H  N N 284 
LEU HD12   H  N N 285 
LEU HD13   H  N N 286 
LEU HD21   H  N N 287 
LEU HD22   H  N N 288 
LEU HD23   H  N N 289 
LEU HXT    H  N N 290 
LYS N      N  N N 291 
LYS CA     C  N S 292 
LYS C      C  N N 293 
LYS O      O  N N 294 
LYS CB     C  N N 295 
LYS CG     C  N N 296 
LYS CD     C  N N 297 
LYS CE     C  N N 298 
LYS NZ     N  N N 299 
LYS OXT    O  N N 300 
LYS H      H  N N 301 
LYS H2     H  N N 302 
LYS HA     H  N N 303 
LYS HB2    H  N N 304 
LYS HB3    H  N N 305 
LYS HG2    H  N N 306 
LYS HG3    H  N N 307 
LYS HD2    H  N N 308 
LYS HD3    H  N N 309 
LYS HE2    H  N N 310 
LYS HE3    H  N N 311 
LYS HZ1    H  N N 312 
LYS HZ2    H  N N 313 
LYS HZ3    H  N N 314 
LYS HXT    H  N N 315 
MSE N      N  N N 316 
MSE CA     C  N S 317 
MSE C      C  N N 318 
MSE O      O  N N 319 
MSE OXT    O  N N 320 
MSE CB     C  N N 321 
MSE CG     C  N N 322 
MSE SE     SE N N 323 
MSE CE     C  N N 324 
MSE H      H  N N 325 
MSE H2     H  N N 326 
MSE HA     H  N N 327 
MSE HXT    H  N N 328 
MSE HB2    H  N N 329 
MSE HB3    H  N N 330 
MSE HG2    H  N N 331 
MSE HG3    H  N N 332 
MSE HE1    H  N N 333 
MSE HE2    H  N N 334 
MSE HE3    H  N N 335 
PHE N      N  N N 336 
PHE CA     C  N S 337 
PHE C      C  N N 338 
PHE O      O  N N 339 
PHE CB     C  N N 340 
PHE CG     C  Y N 341 
PHE CD1    C  Y N 342 
PHE CD2    C  Y N 343 
PHE CE1    C  Y N 344 
PHE CE2    C  Y N 345 
PHE CZ     C  Y N 346 
PHE OXT    O  N N 347 
PHE H      H  N N 348 
PHE H2     H  N N 349 
PHE HA     H  N N 350 
PHE HB2    H  N N 351 
PHE HB3    H  N N 352 
PHE HD1    H  N N 353 
PHE HD2    H  N N 354 
PHE HE1    H  N N 355 
PHE HE2    H  N N 356 
PHE HZ     H  N N 357 
PHE HXT    H  N N 358 
PRO N      N  N N 359 
PRO CA     C  N S 360 
PRO C      C  N N 361 
PRO O      O  N N 362 
PRO CB     C  N N 363 
PRO CG     C  N N 364 
PRO CD     C  N N 365 
PRO OXT    O  N N 366 
PRO H      H  N N 367 
PRO HA     H  N N 368 
PRO HB2    H  N N 369 
PRO HB3    H  N N 370 
PRO HG2    H  N N 371 
PRO HG3    H  N N 372 
PRO HD2    H  N N 373 
PRO HD3    H  N N 374 
PRO HXT    H  N N 375 
SEC N      N  N N 376 
SEC CA     C  N R 377 
SEC CB     C  N N 378 
SEC SE     SE N N 379 
SEC C      C  N N 380 
SEC O      O  N N 381 
SEC OXT    O  N N 382 
SEC H      H  N N 383 
SEC H2     H  N N 384 
SEC HA     H  N N 385 
SEC HB2    H  N N 386 
SEC HB3    H  N N 387 
SEC HE     H  N N 388 
SEC HXT    H  N N 389 
SER N      N  N N 390 
SER CA     C  N S 391 
SER C      C  N N 392 
SER O      O  N N 393 
SER CB     C  N N 394 
SER OG     O  N N 395 
SER OXT    O  N N 396 
SER H      H  N N 397 
SER H2     H  N N 398 
SER HA     H  N N 399 
SER HB2    H  N N 400 
SER HB3    H  N N 401 
SER HG     H  N N 402 
SER HXT    H  N N 403 
THR N      N  N N 404 
THR CA     C  N S 405 
THR C      C  N N 406 
THR O      O  N N 407 
THR CB     C  N R 408 
THR OG1    O  N N 409 
THR CG2    C  N N 410 
THR OXT    O  N N 411 
THR H      H  N N 412 
THR H2     H  N N 413 
THR HA     H  N N 414 
THR HB     H  N N 415 
THR HG1    H  N N 416 
THR HG21   H  N N 417 
THR HG22   H  N N 418 
THR HG23   H  N N 419 
THR HXT    H  N N 420 
TRP N      N  N N 421 
TRP CA     C  N S 422 
TRP C      C  N N 423 
TRP O      O  N N 424 
TRP CB     C  N N 425 
TRP CG     C  Y N 426 
TRP CD1    C  Y N 427 
TRP CD2    C  Y N 428 
TRP NE1    N  Y N 429 
TRP CE2    C  Y N 430 
TRP CE3    C  Y N 431 
TRP CZ2    C  Y N 432 
TRP CZ3    C  Y N 433 
TRP CH2    C  Y N 434 
TRP OXT    O  N N 435 
TRP H      H  N N 436 
TRP H2     H  N N 437 
TRP HA     H  N N 438 
TRP HB2    H  N N 439 
TRP HB3    H  N N 440 
TRP HD1    H  N N 441 
TRP HE1    H  N N 442 
TRP HE3    H  N N 443 
TRP HZ2    H  N N 444 
TRP HZ3    H  N N 445 
TRP HH2    H  N N 446 
TRP HXT    H  N N 447 
TYR N      N  N N 448 
TYR CA     C  N S 449 
TYR C      C  N N 450 
TYR O      O  N N 451 
TYR CB     C  N N 452 
TYR CG     C  Y N 453 
TYR CD1    C  Y N 454 
TYR CD2    C  Y N 455 
TYR CE1    C  Y N 456 
TYR CE2    C  Y N 457 
TYR CZ     C  Y N 458 
TYR OH     O  N N 459 
TYR OXT    O  N N 460 
TYR H      H  N N 461 
TYR H2     H  N N 462 
TYR HA     H  N N 463 
TYR HB2    H  N N 464 
TYR HB3    H  N N 465 
TYR HD1    H  N N 466 
TYR HD2    H  N N 467 
TYR HE1    H  N N 468 
TYR HE2    H  N N 469 
TYR HH     H  N N 470 
TYR HXT    H  N N 471 
VAL N      N  N N 472 
VAL CA     C  N S 473 
VAL C      C  N N 474 
VAL O      O  N N 475 
VAL CB     C  N N 476 
VAL CG1    C  N N 477 
VAL CG2    C  N N 478 
VAL OXT    O  N N 479 
VAL H      H  N N 480 
VAL H2     H  N N 481 
VAL HA     H  N N 482 
VAL HB     H  N N 483 
VAL HG11   H  N N 484 
VAL HG12   H  N N 485 
VAL HG13   H  N N 486 
VAL HG21   H  N N 487 
VAL HG22   H  N N 488 
VAL HG23   H  N N 489 
VAL HXT    H  N N 490 
# 
loop_
_chem_comp_bond.comp_id 
_chem_comp_bond.atom_id_1 
_chem_comp_bond.atom_id_2 
_chem_comp_bond.value_order 
_chem_comp_bond.pdbx_aromatic_flag 
_chem_comp_bond.pdbx_stereo_config 
_chem_comp_bond.pdbx_ordinal 
ALA N     CA     sing N N 1   
ALA N     H      sing N N 2   
ALA N     H2     sing N N 3   
ALA CA    C      sing N N 4   
ALA CA    CB     sing N N 5   
ALA CA    HA     sing N N 6   
ALA C     O      doub N N 7   
ALA C     OXT    sing N N 8   
ALA CB    HB1    sing N N 9   
ALA CB    HB2    sing N N 10  
ALA CB    HB3    sing N N 11  
ALA OXT   HXT    sing N N 12  
ARG N     CA     sing N N 13  
ARG N     H      sing N N 14  
ARG N     H2     sing N N 15  
ARG CA    C      sing N N 16  
ARG CA    CB     sing N N 17  
ARG CA    HA     sing N N 18  
ARG C     O      doub N N 19  
ARG C     OXT    sing N N 20  
ARG CB    CG     sing N N 21  
ARG CB    HB2    sing N N 22  
ARG CB    HB3    sing N N 23  
ARG CG    CD     sing N N 24  
ARG CG    HG2    sing N N 25  
ARG CG    HG3    sing N N 26  
ARG CD    NE     sing N N 27  
ARG CD    HD2    sing N N 28  
ARG CD    HD3    sing N N 29  
ARG NE    CZ     sing N N 30  
ARG NE    HE     sing N N 31  
ARG CZ    NH1    sing N N 32  
ARG CZ    NH2    doub N N 33  
ARG NH1   HH11   sing N N 34  
ARG NH1   HH12   sing N N 35  
ARG NH2   HH21   sing N N 36  
ARG NH2   HH22   sing N N 37  
ARG OXT   HXT    sing N N 38  
ASN N     CA     sing N N 39  
ASN N     H      sing N N 40  
ASN N     H2     sing N N 41  
ASN CA    C      sing N N 42  
ASN CA    CB     sing N N 43  
ASN CA    HA     sing N N 44  
ASN C     O      doub N N 45  
ASN C     OXT    sing N N 46  
ASN CB    CG     sing N N 47  
ASN CB    HB2    sing N N 48  
ASN CB    HB3    sing N N 49  
ASN CG    OD1    doub N N 50  
ASN CG    ND2    sing N N 51  
ASN ND2   HD21   sing N N 52  
ASN ND2   HD22   sing N N 53  
ASN OXT   HXT    sing N N 54  
ASP N     CA     sing N N 55  
ASP N     H      sing N N 56  
ASP N     H2     sing N N 57  
ASP CA    C      sing N N 58  
ASP CA    CB     sing N N 59  
ASP CA    HA     sing N N 60  
ASP C     O      doub N N 61  
ASP C     OXT    sing N N 62  
ASP CB    CG     sing N N 63  
ASP CB    HB2    sing N N 64  
ASP CB    HB3    sing N N 65  
ASP CG    OD1    doub N N 66  
ASP CG    OD2    sing N N 67  
ASP OD2   HD2    sing N N 68  
ASP OXT   HXT    sing N N 69  
CYS N     CA     sing N N 70  
CYS N     H      sing N N 71  
CYS N     H2     sing N N 72  
CYS CA    C      sing N N 73  
CYS CA    CB     sing N N 74  
CYS CA    HA     sing N N 75  
CYS C     O      doub N N 76  
CYS C     OXT    sing N N 77  
CYS CB    SG     sing N N 78  
CYS CB    HB2    sing N N 79  
CYS CB    HB3    sing N N 80  
CYS SG    HG     sing N N 81  
CYS OXT   HXT    sing N N 82  
FAD PA    O1A    doub N N 83  
FAD PA    O2A    sing N N 84  
FAD PA    O5B    sing N N 85  
FAD PA    O3P    sing N N 86  
FAD O2A   HOA2   sing N N 87  
FAD O5B   C5B    sing N N 88  
FAD C5B   C4B    sing N N 89  
FAD C5B   H51A   sing N N 90  
FAD C5B   H52A   sing N N 91  
FAD C4B   O4B    sing N N 92  
FAD C4B   C3B    sing N N 93  
FAD C4B   H4B    sing N N 94  
FAD O4B   C1B    sing N N 95  
FAD C3B   O3B    sing N N 96  
FAD C3B   C2B    sing N N 97  
FAD C3B   H3B    sing N N 98  
FAD O3B   HO3A   sing N N 99  
FAD C2B   O2B    sing N N 100 
FAD C2B   C1B    sing N N 101 
FAD C2B   H2B    sing N N 102 
FAD O2B   HO2A   sing N N 103 
FAD C1B   N9A    sing N N 104 
FAD C1B   H1B    sing N N 105 
FAD N9A   C8A    sing Y N 106 
FAD N9A   C4A    sing Y N 107 
FAD C8A   N7A    doub Y N 108 
FAD C8A   H8A    sing N N 109 
FAD N7A   C5A    sing Y N 110 
FAD C5A   C6A    sing Y N 111 
FAD C5A   C4A    doub Y N 112 
FAD C6A   N6A    sing N N 113 
FAD C6A   N1A    doub Y N 114 
FAD N6A   H61A   sing N N 115 
FAD N6A   H62A   sing N N 116 
FAD N1A   C2A    sing Y N 117 
FAD C2A   N3A    doub Y N 118 
FAD C2A   H2A    sing N N 119 
FAD N3A   C4A    sing Y N 120 
FAD N1    C2     sing N N 121 
FAD N1    C10    doub N N 122 
FAD C2    O2     doub N N 123 
FAD C2    N3     sing N N 124 
FAD N3    C4     sing N N 125 
FAD N3    HN3    sing N N 126 
FAD C4    O4     doub N N 127 
FAD C4    C4X    sing N N 128 
FAD C4X   N5     doub N N 129 
FAD C4X   C10    sing N N 130 
FAD N5    C5X    sing N N 131 
FAD C5X   C6     doub Y N 132 
FAD C5X   C9A    sing Y N 133 
FAD C6    C7     sing Y N 134 
FAD C6    H6     sing N N 135 
FAD C7    C7M    sing N N 136 
FAD C7    C8     doub Y N 137 
FAD C7M   HM71   sing N N 138 
FAD C7M   HM72   sing N N 139 
FAD C7M   HM73   sing N N 140 
FAD C8    C8M    sing N N 141 
FAD C8    C9     sing Y N 142 
FAD C8M   HM81   sing N N 143 
FAD C8M   HM82   sing N N 144 
FAD C8M   HM83   sing N N 145 
FAD C9    C9A    doub Y N 146 
FAD C9    H9     sing N N 147 
FAD C9A   N10    sing N N 148 
FAD N10   C10    sing N N 149 
FAD N10   "C1'"  sing N N 150 
FAD "C1'" "C2'"  sing N N 151 
FAD "C1'" "H1'1" sing N N 152 
FAD "C1'" "H1'2" sing N N 153 
FAD "C2'" "O2'"  sing N N 154 
FAD "C2'" "C3'"  sing N N 155 
FAD "C2'" "H2'"  sing N N 156 
FAD "O2'" "HO2'" sing N N 157 
FAD "C3'" "O3'"  sing N N 158 
FAD "C3'" "C4'"  sing N N 159 
FAD "C3'" "H3'"  sing N N 160 
FAD "O3'" "HO3'" sing N N 161 
FAD "C4'" "O4'"  sing N N 162 
FAD "C4'" "C5'"  sing N N 163 
FAD "C4'" "H4'"  sing N N 164 
FAD "O4'" "HO4'" sing N N 165 
FAD "C5'" "O5'"  sing N N 166 
FAD "C5'" "H5'1" sing N N 167 
FAD "C5'" "H5'2" sing N N 168 
FAD "O5'" P      sing N N 169 
FAD P     O1P    doub N N 170 
FAD P     O2P    sing N N 171 
FAD P     O3P    sing N N 172 
FAD O2P   HOP2   sing N N 173 
GLN N     CA     sing N N 174 
GLN N     H      sing N N 175 
GLN N     H2     sing N N 176 
GLN CA    C      sing N N 177 
GLN CA    CB     sing N N 178 
GLN CA    HA     sing N N 179 
GLN C     O      doub N N 180 
GLN C     OXT    sing N N 181 
GLN CB    CG     sing N N 182 
GLN CB    HB2    sing N N 183 
GLN CB    HB3    sing N N 184 
GLN CG    CD     sing N N 185 
GLN CG    HG2    sing N N 186 
GLN CG    HG3    sing N N 187 
GLN CD    OE1    doub N N 188 
GLN CD    NE2    sing N N 189 
GLN NE2   HE21   sing N N 190 
GLN NE2   HE22   sing N N 191 
GLN OXT   HXT    sing N N 192 
GLU N     CA     sing N N 193 
GLU N     H      sing N N 194 
GLU N     H2     sing N N 195 
GLU CA    C      sing N N 196 
GLU CA    CB     sing N N 197 
GLU CA    HA     sing N N 198 
GLU C     O      doub N N 199 
GLU C     OXT    sing N N 200 
GLU CB    CG     sing N N 201 
GLU CB    HB2    sing N N 202 
GLU CB    HB3    sing N N 203 
GLU CG    CD     sing N N 204 
GLU CG    HG2    sing N N 205 
GLU CG    HG3    sing N N 206 
GLU CD    OE1    doub N N 207 
GLU CD    OE2    sing N N 208 
GLU OE2   HE2    sing N N 209 
GLU OXT   HXT    sing N N 210 
GLY N     CA     sing N N 211 
GLY N     H      sing N N 212 
GLY N     H2     sing N N 213 
GLY CA    C      sing N N 214 
GLY CA    HA2    sing N N 215 
GLY CA    HA3    sing N N 216 
GLY C     O      doub N N 217 
GLY C     OXT    sing N N 218 
GLY OXT   HXT    sing N N 219 
HIS N     CA     sing N N 220 
HIS N     H      sing N N 221 
HIS N     H2     sing N N 222 
HIS CA    C      sing N N 223 
HIS CA    CB     sing N N 224 
HIS CA    HA     sing N N 225 
HIS C     O      doub N N 226 
HIS C     OXT    sing N N 227 
HIS CB    CG     sing N N 228 
HIS CB    HB2    sing N N 229 
HIS CB    HB3    sing N N 230 
HIS CG    ND1    sing Y N 231 
HIS CG    CD2    doub Y N 232 
HIS ND1   CE1    doub Y N 233 
HIS ND1   HD1    sing N N 234 
HIS CD2   NE2    sing Y N 235 
HIS CD2   HD2    sing N N 236 
HIS CE1   NE2    sing Y N 237 
HIS CE1   HE1    sing N N 238 
HIS NE2   HE2    sing N N 239 
HIS OXT   HXT    sing N N 240 
HOH O     H1     sing N N 241 
HOH O     H2     sing N N 242 
ILE N     CA     sing N N 243 
ILE N     H      sing N N 244 
ILE N     H2     sing N N 245 
ILE CA    C      sing N N 246 
ILE CA    CB     sing N N 247 
ILE CA    HA     sing N N 248 
ILE C     O      doub N N 249 
ILE C     OXT    sing N N 250 
ILE CB    CG1    sing N N 251 
ILE CB    CG2    sing N N 252 
ILE CB    HB     sing N N 253 
ILE CG1   CD1    sing N N 254 
ILE CG1   HG12   sing N N 255 
ILE CG1   HG13   sing N N 256 
ILE CG2   HG21   sing N N 257 
ILE CG2   HG22   sing N N 258 
ILE CG2   HG23   sing N N 259 
ILE CD1   HD11   sing N N 260 
ILE CD1   HD12   sing N N 261 
ILE CD1   HD13   sing N N 262 
ILE OXT   HXT    sing N N 263 
LEU N     CA     sing N N 264 
LEU N     H      sing N N 265 
LEU N     H2     sing N N 266 
LEU CA    C      sing N N 267 
LEU CA    CB     sing N N 268 
LEU CA    HA     sing N N 269 
LEU C     O      doub N N 270 
LEU C     OXT    sing N N 271 
LEU CB    CG     sing N N 272 
LEU CB    HB2    sing N N 273 
LEU CB    HB3    sing N N 274 
LEU CG    CD1    sing N N 275 
LEU CG    CD2    sing N N 276 
LEU CG    HG     sing N N 277 
LEU CD1   HD11   sing N N 278 
LEU CD1   HD12   sing N N 279 
LEU CD1   HD13   sing N N 280 
LEU CD2   HD21   sing N N 281 
LEU CD2   HD22   sing N N 282 
LEU CD2   HD23   sing N N 283 
LEU OXT   HXT    sing N N 284 
LYS N     CA     sing N N 285 
LYS N     H      sing N N 286 
LYS N     H2     sing N N 287 
LYS CA    C      sing N N 288 
LYS CA    CB     sing N N 289 
LYS CA    HA     sing N N 290 
LYS C     O      doub N N 291 
LYS C     OXT    sing N N 292 
LYS CB    CG     sing N N 293 
LYS CB    HB2    sing N N 294 
LYS CB    HB3    sing N N 295 
LYS CG    CD     sing N N 296 
LYS CG    HG2    sing N N 297 
LYS CG    HG3    sing N N 298 
LYS CD    CE     sing N N 299 
LYS CD    HD2    sing N N 300 
LYS CD    HD3    sing N N 301 
LYS CE    NZ     sing N N 302 
LYS CE    HE2    sing N N 303 
LYS CE    HE3    sing N N 304 
LYS NZ    HZ1    sing N N 305 
LYS NZ    HZ2    sing N N 306 
LYS NZ    HZ3    sing N N 307 
LYS OXT   HXT    sing N N 308 
MSE N     CA     sing N N 309 
MSE N     H      sing N N 310 
MSE N     H2     sing N N 311 
MSE CA    C      sing N N 312 
MSE CA    CB     sing N N 313 
MSE CA    HA     sing N N 314 
MSE C     O      doub N N 315 
MSE C     OXT    sing N N 316 
MSE OXT   HXT    sing N N 317 
MSE CB    CG     sing N N 318 
MSE CB    HB2    sing N N 319 
MSE CB    HB3    sing N N 320 
MSE CG    SE     sing N N 321 
MSE CG    HG2    sing N N 322 
MSE CG    HG3    sing N N 323 
MSE SE    CE     sing N N 324 
MSE CE    HE1    sing N N 325 
MSE CE    HE2    sing N N 326 
MSE CE    HE3    sing N N 327 
PHE N     CA     sing N N 328 
PHE N     H      sing N N 329 
PHE N     H2     sing N N 330 
PHE CA    C      sing N N 331 
PHE CA    CB     sing N N 332 
PHE CA    HA     sing N N 333 
PHE C     O      doub N N 334 
PHE C     OXT    sing N N 335 
PHE CB    CG     sing N N 336 
PHE CB    HB2    sing N N 337 
PHE CB    HB3    sing N N 338 
PHE CG    CD1    doub Y N 339 
PHE CG    CD2    sing Y N 340 
PHE CD1   CE1    sing Y N 341 
PHE CD1   HD1    sing N N 342 
PHE CD2   CE2    doub Y N 343 
PHE CD2   HD2    sing N N 344 
PHE CE1   CZ     doub Y N 345 
PHE CE1   HE1    sing N N 346 
PHE CE2   CZ     sing Y N 347 
PHE CE2   HE2    sing N N 348 
PHE CZ    HZ     sing N N 349 
PHE OXT   HXT    sing N N 350 
PRO N     CA     sing N N 351 
PRO N     CD     sing N N 352 
PRO N     H      sing N N 353 
PRO CA    C      sing N N 354 
PRO CA    CB     sing N N 355 
PRO CA    HA     sing N N 356 
PRO C     O      doub N N 357 
PRO C     OXT    sing N N 358 
PRO CB    CG     sing N N 359 
PRO CB    HB2    sing N N 360 
PRO CB    HB3    sing N N 361 
PRO CG    CD     sing N N 362 
PRO CG    HG2    sing N N 363 
PRO CG    HG3    sing N N 364 
PRO CD    HD2    sing N N 365 
PRO CD    HD3    sing N N 366 
PRO OXT   HXT    sing N N 367 
SEC N     CA     sing N N 368 
SEC N     H      sing N N 369 
SEC N     H2     sing N N 370 
SEC CA    CB     sing N N 371 
SEC CA    C      sing N N 372 
SEC CA    HA     sing N N 373 
SEC CB    SE     sing N N 374 
SEC CB    HB2    sing N N 375 
SEC CB    HB3    sing N N 376 
SEC SE    HE     sing N N 377 
SEC C     O      doub N N 378 
SEC C     OXT    sing N N 379 
SEC OXT   HXT    sing N N 380 
SER N     CA     sing N N 381 
SER N     H      sing N N 382 
SER N     H2     sing N N 383 
SER CA    C      sing N N 384 
SER CA    CB     sing N N 385 
SER CA    HA     sing N N 386 
SER C     O      doub N N 387 
SER C     OXT    sing N N 388 
SER CB    OG     sing N N 389 
SER CB    HB2    sing N N 390 
SER CB    HB3    sing N N 391 
SER OG    HG     sing N N 392 
SER OXT   HXT    sing N N 393 
THR N     CA     sing N N 394 
THR N     H      sing N N 395 
THR N     H2     sing N N 396 
THR CA    C      sing N N 397 
THR CA    CB     sing N N 398 
THR CA    HA     sing N N 399 
THR C     O      doub N N 400 
THR C     OXT    sing N N 401 
THR CB    OG1    sing N N 402 
THR CB    CG2    sing N N 403 
THR CB    HB     sing N N 404 
THR OG1   HG1    sing N N 405 
THR CG2   HG21   sing N N 406 
THR CG2   HG22   sing N N 407 
THR CG2   HG23   sing N N 408 
THR OXT   HXT    sing N N 409 
TRP N     CA     sing N N 410 
TRP N     H      sing N N 411 
TRP N     H2     sing N N 412 
TRP CA    C      sing N N 413 
TRP CA    CB     sing N N 414 
TRP CA    HA     sing N N 415 
TRP C     O      doub N N 416 
TRP C     OXT    sing N N 417 
TRP CB    CG     sing N N 418 
TRP CB    HB2    sing N N 419 
TRP CB    HB3    sing N N 420 
TRP CG    CD1    doub Y N 421 
TRP CG    CD2    sing Y N 422 
TRP CD1   NE1    sing Y N 423 
TRP CD1   HD1    sing N N 424 
TRP CD2   CE2    doub Y N 425 
TRP CD2   CE3    sing Y N 426 
TRP NE1   CE2    sing Y N 427 
TRP NE1   HE1    sing N N 428 
TRP CE2   CZ2    sing Y N 429 
TRP CE3   CZ3    doub Y N 430 
TRP CE3   HE3    sing N N 431 
TRP CZ2   CH2    doub Y N 432 
TRP CZ2   HZ2    sing N N 433 
TRP CZ3   CH2    sing Y N 434 
TRP CZ3   HZ3    sing N N 435 
TRP CH2   HH2    sing N N 436 
TRP OXT   HXT    sing N N 437 
TYR N     CA     sing N N 438 
TYR N     H      sing N N 439 
TYR N     H2     sing N N 440 
TYR CA    C      sing N N 441 
TYR CA    CB     sing N N 442 
TYR CA    HA     sing N N 443 
TYR C     O      doub N N 444 
TYR C     OXT    sing N N 445 
TYR CB    CG     sing N N 446 
TYR CB    HB2    sing N N 447 
TYR CB    HB3    sing N N 448 
TYR CG    CD1    doub Y N 449 
TYR CG    CD2    sing Y N 450 
TYR CD1   CE1    sing Y N 451 
TYR CD1   HD1    sing N N 452 
TYR CD2   CE2    doub Y N 453 
TYR CD2   HD2    sing N N 454 
TYR CE1   CZ     doub Y N 455 
TYR CE1   HE1    sing N N 456 
TYR CE2   CZ     sing Y N 457 
TYR CE2   HE2    sing N N 458 
TYR CZ    OH     sing N N 459 
TYR OH    HH     sing N N 460 
TYR OXT   HXT    sing N N 461 
VAL N     CA     sing N N 462 
VAL N     H      sing N N 463 
VAL N     H2     sing N N 464 
VAL CA    C      sing N N 465 
VAL CA    CB     sing N N 466 
VAL CA    HA     sing N N 467 
VAL C     O      doub N N 468 
VAL C     OXT    sing N N 469 
VAL CB    CG1    sing N N 470 
VAL CB    CG2    sing N N 471 
VAL CB    HB     sing N N 472 
VAL CG1   HG11   sing N N 473 
VAL CG1   HG12   sing N N 474 
VAL CG1   HG13   sing N N 475 
VAL CG2   HG21   sing N N 476 
VAL CG2   HG22   sing N N 477 
VAL CG2   HG23   sing N N 478 
VAL OXT   HXT    sing N N 479 
# 
_pdbx_initial_refinement_model.id               1 
_pdbx_initial_refinement_model.entity_id_list   ? 
_pdbx_initial_refinement_model.type             'experimental model' 
_pdbx_initial_refinement_model.source_name      PDB 
_pdbx_initial_refinement_model.accession_code   3MBG 
_pdbx_initial_refinement_model.details          'PDB ENTRY 3MBG' 
# 
_atom_sites.entry_id                    3U5S 
_atom_sites.fract_transf_matrix[1][1]   0.00607137 
_atom_sites.fract_transf_matrix[1][2]   -0.00839531 
_atom_sites.fract_transf_matrix[1][3]   0.01669552 
_atom_sites.fract_transf_matrix[2][1]   0.00657360 
_atom_sites.fract_transf_matrix[2][2]   0.01080457 
_atom_sites.fract_transf_matrix[2][3]   0.00304255 
_atom_sites.fract_transf_matrix[3][1]   -0.01269534 
_atom_sites.fract_transf_matrix[3][2]   0.00562710 
_atom_sites.fract_transf_matrix[3][3]   0.00744627 
_atom_sites.fract_transf_vector[1]      -0.142546 
_atom_sites.fract_transf_vector[2]      -0.201534 
_atom_sites.fract_transf_vector[3]      -0.174739 
# 
loop_
_atom_type.symbol 
C  
N  
O  
P  
SE 
# 
loop_
_atom_site.group_PDB 
_atom_site.id 
_atom_site.type_symbol 
_atom_site.label_atom_id 
_atom_site.label_alt_id 
_atom_site.label_comp_id 
_atom_site.label_asym_id 
_atom_site.label_entity_id 
_atom_site.label_seq_id 
_atom_site.pdbx_PDB_ins_code 
_atom_site.Cartn_x 
_atom_site.Cartn_y 
_atom_site.Cartn_z 
_atom_site.occupancy 
_atom_site.B_iso_or_equiv 
_atom_site.pdbx_formal_charge 
_atom_site.auth_seq_id 
_atom_site.auth_comp_id 
_atom_site.auth_asym_id 
_atom_site.auth_atom_id 
_atom_site.pdbx_PDB_model_num 
ATOM   1    N  N     . SER A 1 1   ? 5.787   24.977  24.397  1.00 22.07 ? 80  SER A N     1 
ATOM   2    C  CA    . SER A 1 1   ? 5.551   24.705  25.815  1.00 2.00  ? 80  SER A CA    1 
ATOM   3    C  C     . SER A 1 1   ? 6.501   23.817  26.430  1.00 21.33 ? 80  SER A C     1 
ATOM   4    O  O     . SER A 1 1   ? 6.602   24.075  27.581  1.00 20.48 ? 80  SER A O     1 
ATOM   5    C  CB    . SER A 1 1   ? 4.272   23.913  25.815  1.00 20.78 ? 80  SER A CB    1 
ATOM   6    O  OG    . SER A 1 1   ? 4.008   23.562  27.105  1.00 19.82 ? 80  SER A OG    1 
HETATM 7    N  N     . MSE A 1 2   ? 6.917   22.666  25.779  1.00 20.31 ? 81  MSE A N     1 
HETATM 8    C  CA    . MSE A 1 2   ? 7.988   21.618  26.167  1.00 23.63 ? 81  MSE A CA    1 
HETATM 9    C  C     . MSE A 1 2   ? 8.006   20.161  25.597  1.00 20.79 ? 81  MSE A C     1 
HETATM 10   O  O     . MSE A 1 2   ? 8.838   19.883  24.730  1.00 21.96 ? 81  MSE A O     1 
HETATM 11   C  CB    . MSE A 1 2   ? 8.550   21.697  27.604  1.00 26.76 ? 81  MSE A CB    1 
HETATM 12   C  CG    . MSE A 1 2   ? 10.028  21.282  27.808  1.00 33.90 ? 81  MSE A CG    1 
HETATM 13   SE SE    . MSE A 1 2   ? 11.456  22.274  26.731  0.94 61.25 ? 81  MSE A SE    1 
HETATM 14   C  CE    . MSE A 1 2   ? 11.948  20.891  25.371  1.00 54.62 ? 81  MSE A CE    1 
ATOM   15   N  N     . ARG A 1 3   ? 7.122   19.247  26.018  1.00 19.75 ? 82  ARG A N     1 
ATOM   16   C  CA    . ARG A 1 3   ? 6.926   18.014  25.227  1.00 20.34 ? 82  ARG A CA    1 
ATOM   17   C  C     . ARG A 1 3   ? 6.285   18.337  23.862  1.00 21.53 ? 82  ARG A C     1 
ATOM   18   O  O     . ARG A 1 3   ? 5.602   19.370  23.673  1.00 19.04 ? 82  ARG A O     1 
ATOM   19   C  CB    . ARG A 1 3   ? 6.048   17.043  25.994  1.00 21.14 ? 82  ARG A CB    1 
ATOM   20   C  CG    . ARG A 1 3   ? 6.724   16.544  27.233  1.00 23.15 ? 82  ARG A CG    1 
ATOM   21   C  CD    . ARG A 1 3   ? 5.739   15.566  27.876  1.00 28.55 ? 82  ARG A CD    1 
ATOM   22   N  NE    . ARG A 1 3   ? 6.114   15.143  29.231  1.00 36.62 ? 82  ARG A NE    1 
ATOM   23   C  CZ    . ARG A 1 3   ? 6.824   14.046  29.497  1.00 43.16 ? 82  ARG A CZ    1 
ATOM   24   N  NH1   . ARG A 1 3   ? 7.267   13.272  28.493  1.00 42.33 ? 82  ARG A NH1   1 
ATOM   25   N  NH2   . ARG A 1 3   ? 7.095   13.729  30.771  1.00 45.12 ? 82  ARG A NH2   1 
ATOM   26   N  N     . THR A 1 4   ? 6.435   17.417  22.930  1.00 22.11 ? 83  THR A N     1 
ATOM   27   C  CA    . THR A 1 4   ? 5.725   17.512  21.674  1.00 23.63 ? 83  THR A CA    1 
ATOM   28   C  C     . THR A 1 4   ? 5.235   16.144  21.214  1.00 26.36 ? 83  THR A C     1 
ATOM   29   O  O     . THR A 1 4   ? 5.859   15.103  21.488  1.00 25.49 ? 83  THR A O     1 
ATOM   30   C  CB    . THR A 1 4   ? 6.545   18.283  20.576  1.00 23.04 ? 83  THR A CB    1 
ATOM   31   O  OG1   . THR A 1 4   ? 5.833   18.229  19.350  1.00 21.72 ? 83  THR A OG1   1 
ATOM   32   C  CG2   . THR A 1 4   ? 7.953   17.699  20.374  1.00 23.11 ? 83  THR A CG2   1 
ATOM   33   N  N     . GLN A 1 5   ? 4.088   16.220  20.537  1.00 28.22 ? 84  GLN A N     1 
ATOM   34   C  CA    . GLN A 1 5   ? 3.436   15.144  19.859  1.00 30.61 ? 84  GLN A CA    1 
ATOM   35   C  C     . GLN A 1 5   ? 3.924   14.972  18.409  1.00 31.26 ? 84  GLN A C     1 
ATOM   36   O  O     . GLN A 1 5   ? 3.376   14.131  17.695  1.00 33.77 ? 84  GLN A O     1 
ATOM   37   C  CB    . GLN A 1 5   ? 1.897   15.338  19.890  1.00 31.22 ? 84  GLN A CB    1 
ATOM   38   C  CG    . GLN A 1 5   ? 1.443   16.797  19.724  1.00 30.15 ? 84  GLN A CG    1 
ATOM   39   C  CD    . GLN A 1 5   ? -0.065  16.929  19.582  1.00 33.65 ? 84  GLN A CD    1 
ATOM   40   O  OE1   . GLN A 1 5   ? -0.632  16.560  18.536  1.00 35.14 ? 84  GLN A OE1   1 
ATOM   41   N  NE2   . GLN A 1 5   ? -0.732  17.479  20.628  1.00 30.21 ? 84  GLN A NE2   1 
ATOM   42   N  N     . GLN A 1 6   ? 4.964   15.714  17.984  1.00 31.96 ? 85  GLN A N     1 
ATOM   43   C  CA    . GLN A 1 6   ? 5.579   15.473  16.656  1.00 32.53 ? 85  GLN A CA    1 
ATOM   44   C  C     . GLN A 1 6   ? 6.726   14.515  16.897  1.00 32.89 ? 85  GLN A C     1 
ATOM   45   O  O     . GLN A 1 6   ? 7.728   14.891  17.504  1.00 31.78 ? 85  GLN A O     1 
ATOM   46   C  CB    . GLN A 1 6   ? 6.070   16.753  15.981  1.00 32.42 ? 85  GLN A CB    1 
ATOM   47   C  CG    . GLN A 1 6   ? 5.195   18.003  16.162  1.00 36.44 ? 85  GLN A CG    1 
ATOM   48   C  CD    . GLN A 1 6   ? 4.459   18.446  14.923  1.00 40.57 ? 85  GLN A CD    1 
ATOM   49   O  OE1   . GLN A 1 6   ? 3.505   19.235  14.997  1.00 38.94 ? 85  GLN A OE1   1 
ATOM   50   N  NE2   . GLN A 1 6   ? 4.865   17.914  13.769  1.00 42.46 ? 85  GLN A NE2   1 
ATOM   51   N  N     . LYS A 1 7   ? 6.531   13.253  16.480  1.00 34.44 ? 86  LYS A N     1 
ATOM   52   C  CA    . LYS A 1 7   ? 7.390   12.107  16.925  1.00 35.24 ? 86  LYS A CA    1 
ATOM   53   C  C     . LYS A 1 7   ? 8.846   12.302  16.568  1.00 36.08 ? 86  LYS A C     1 
ATOM   54   O  O     . LYS A 1 7   ? 9.777   11.895  17.330  1.00 35.63 ? 86  LYS A O     1 
ATOM   55   C  CB    . LYS A 1 7   ? 6.861   10.757  16.334  1.00 35.48 ? 86  LYS A CB    1 
ATOM   56   N  N     . ARG A 1 8   ? 9.036   12.955  15.422  1.00 36.04 ? 87  ARG A N     1 
ATOM   57   C  CA    . ARG A 1 8   ? 10.370  13.234  14.894  1.00 37.23 ? 87  ARG A CA    1 
ATOM   58   C  C     . ARG A 1 8   ? 11.214  14.101  15.779  1.00 36.66 ? 87  ARG A C     1 
ATOM   59   O  O     . ARG A 1 8   ? 12.446  13.986  15.752  1.00 36.52 ? 87  ARG A O     1 
ATOM   60   C  CB    . ARG A 1 8   ? 10.311  13.810  13.463  1.00 37.92 ? 87  ARG A CB    1 
ATOM   61   C  CG    . ARG A 1 8   ? 9.423   15.002  13.281  1.00 40.14 ? 87  ARG A CG    1 
ATOM   62   C  CD    . ARG A 1 8   ? 10.217  16.237  12.861  1.00 43.72 ? 87  ARG A CD    1 
ATOM   63   N  NE    . ARG A 1 8   ? 9.474   17.391  13.355  1.00 46.93 ? 87  ARG A NE    1 
ATOM   64   C  CZ    . ARG A 1 8   ? 8.494   18.025  12.705  1.00 48.49 ? 87  ARG A CZ    1 
ATOM   65   N  NH1   . ARG A 1 8   ? 8.150   17.696  11.455  1.00 46.48 ? 87  ARG A NH1   1 
ATOM   66   N  NH2   . ARG A 1 8   ? 7.859   19.025  13.323  1.00 50.14 ? 87  ARG A NH2   1 
ATOM   67   N  N     . ASP A 1 9   ? 10.543  14.973  16.549  1.00 35.60 ? 88  ASP A N     1 
ATOM   68   C  CA    . ASP A 1 9   ? 11.187  15.877  17.520  1.00 34.75 ? 88  ASP A CA    1 
ATOM   69   C  C     . ASP A 1 9   ? 11.317  15.244  18.928  1.00 34.64 ? 88  ASP A C     1 
ATOM   70   O  O     . ASP A 1 9   ? 11.740  15.902  19.872  1.00 35.38 ? 88  ASP A O     1 
ATOM   71   C  CB    . ASP A 1 9   ? 10.376  17.197  17.643  1.00 34.95 ? 88  ASP A CB    1 
ATOM   72   C  CG    . ASP A 1 9   ? 10.429  18.070  16.389  1.00 35.37 ? 88  ASP A CG    1 
ATOM   73   O  OD1   . ASP A 1 9   ? 11.462  18.078  15.654  1.00 40.94 ? 88  ASP A OD1   1 
ATOM   74   O  OD2   . ASP A 1 9   ? 9.422   18.786  16.147  1.00 33.13 ? 88  ASP A OD2   1 
ATOM   75   N  N     . THR A 1 10  ? 10.979  13.968  19.083  1.00 34.63 ? 89  THR A N     1 
ATOM   76   C  CA    . THR A 1 10  ? 10.871  13.406  20.435  1.00 34.31 ? 89  THR A CA    1 
ATOM   77   C  C     . THR A 1 10  ? 11.610  12.078  20.632  1.00 34.77 ? 89  THR A C     1 
ATOM   78   O  O     . THR A 1 10  ? 12.317  11.868  21.644  1.00 33.92 ? 89  THR A O     1 
ATOM   79   C  CB    . THR A 1 10  ? 9.387   13.113  20.853  1.00 34.85 ? 89  THR A CB    1 
ATOM   80   O  OG1   . THR A 1 10  ? 8.516   14.232  20.591  1.00 35.40 ? 89  THR A OG1   1 
ATOM   81   C  CG2   . THR A 1 10  ? 9.327   12.743  22.337  1.00 35.07 ? 89  THR A CG2   1 
ATOM   82   N  N     . LYS A 1 11  ? 11.341  11.154  19.718  1.00 34.09 ? 90  LYS A N     1 
ATOM   83   C  CA    . LYS A 1 11  ? 11.781  9.772   19.869  1.00 32.67 ? 90  LYS A CA    1 
ATOM   84   C  C     . LYS A 1 11  ? 12.800  9.562   18.746  1.00 31.57 ? 90  LYS A C     1 
ATOM   85   O  O     . LYS A 1 11  ? 12.479  9.568   17.558  1.00 33.15 ? 90  LYS A O     1 
ATOM   86   C  CB    . LYS A 1 11  ? 10.554  8.760   19.795  1.00 33.16 ? 90  LYS A CB    1 
ATOM   87   N  N     . PHE A 1 12  ? 14.051  9.429   19.142  1.00 28.37 ? 91  PHE A N     1 
ATOM   88   C  CA    . PHE A 1 12  ? 15.153  9.485   18.208  1.00 26.63 ? 91  PHE A CA    1 
ATOM   89   C  C     . PHE A 1 12  ? 15.735  8.108   17.840  1.00 27.31 ? 91  PHE A C     1 
ATOM   90   O  O     . PHE A 1 12  ? 16.528  7.993   16.875  1.00 29.11 ? 91  PHE A O     1 
ATOM   91   C  CB    . PHE A 1 12  ? 16.244  10.352  18.813  1.00 25.15 ? 91  PHE A CB    1 
ATOM   92   C  CG    . PHE A 1 12  ? 15.790  11.734  19.100  1.00 23.38 ? 91  PHE A CG    1 
ATOM   93   C  CD1   . PHE A 1 12  ? 15.919  12.234  20.357  1.00 22.28 ? 91  PHE A CD1   1 
ATOM   94   C  CD2   . PHE A 1 12  ? 15.174  12.511  18.127  1.00 24.68 ? 91  PHE A CD2   1 
ATOM   95   C  CE1   . PHE A 1 12  ? 15.479  13.507  20.644  1.00 20.91 ? 91  PHE A CE1   1 
ATOM   96   C  CE2   . PHE A 1 12  ? 14.742  13.809  18.411  1.00 24.73 ? 91  PHE A CE2   1 
ATOM   97   C  CZ    . PHE A 1 12  ? 14.934  14.313  19.678  1.00 20.56 ? 91  PHE A CZ    1 
ATOM   98   N  N     . ARG A 1 13  ? 15.383  7.091   18.608  1.00 25.16 ? 92  ARG A N     1 
ATOM   99   C  CA    . ARG A 1 13  ? 15.975  5.762   18.376  1.00 23.35 ? 92  ARG A CA    1 
ATOM   100  C  C     . ARG A 1 13  ? 15.197  5.099   17.219  1.00 22.91 ? 92  ARG A C     1 
ATOM   101  O  O     . ARG A 1 13  ? 13.959  4.950   17.308  1.00 21.99 ? 92  ARG A O     1 
ATOM   102  C  CB    . ARG A 1 13  ? 15.913  4.927   19.656  1.00 23.24 ? 92  ARG A CB    1 
ATOM   103  C  CG    . ARG A 1 13  ? 16.534  3.582   19.479  1.00 20.08 ? 92  ARG A CG    1 
ATOM   104  C  CD    . ARG A 1 13  ? 16.618  2.797   20.759  1.00 18.73 ? 92  ARG A CD    1 
ATOM   105  N  NE    . ARG A 1 13  ? 17.356  1.587   20.431  1.00 19.69 ? 92  ARG A NE    1 
ATOM   106  C  CZ    . ARG A 1 13  ? 17.980  0.809   21.312  1.00 21.02 ? 92  ARG A CZ    1 
ATOM   107  N  NH1   . ARG A 1 13  ? 18.614  -0.271  20.862  1.00 23.54 ? 92  ARG A NH1   1 
ATOM   108  N  NH2   . ARG A 1 13  ? 17.956  1.085   22.611  1.00 21.02 ? 92  ARG A NH2   1 
ATOM   109  N  N     . GLU A 1 14  ? 15.887  4.699   16.156  1.00 21.34 ? 93  GLU A N     1 
ATOM   110  C  CA    . GLU A 1 14  ? 15.206  4.169   14.960  1.00 21.94 ? 93  GLU A CA    1 
ATOM   111  C  C     . GLU A 1 14  ? 14.775  2.699   15.058  1.00 18.62 ? 93  GLU A C     1 
ATOM   112  O  O     . GLU A 1 14  ? 13.750  2.325   14.503  1.00 20.71 ? 93  GLU A O     1 
ATOM   113  C  CB    . GLU A 1 14  ? 16.003  4.383   13.672  1.00 23.53 ? 93  GLU A CB    1 
ATOM   114  C  CG    . GLU A 1 14  ? 16.342  5.876   13.405  1.00 31.96 ? 93  GLU A CG    1 
ATOM   115  C  CD    . GLU A 1 14  ? 16.706  6.150   11.933  1.00 42.01 ? 93  GLU A CD    1 
ATOM   116  O  OE1   . GLU A 1 14  ? 16.036  7.035   11.305  1.00 44.48 ? 93  GLU A OE1   1 
ATOM   117  O  OE2   . GLU A 1 14  ? 17.658  5.488   11.401  1.00 45.59 ? 93  GLU A OE2   1 
ATOM   118  N  N     . ASP A 1 15  ? 15.521  1.923   15.802  1.00 16.55 ? 94  ASP A N     1 
ATOM   119  C  CA    . ASP A 1 15  ? 15.324  0.478   15.926  1.00 17.29 ? 94  ASP A CA    1 
ATOM   120  C  C     . ASP A 1 15  ? 14.315  0.122   17.001  1.00 16.50 ? 94  ASP A C     1 
ATOM   121  O  O     . ASP A 1 15  ? 14.590  -0.620  17.937  1.00 17.69 ? 94  ASP A O     1 
ATOM   122  C  CB    . ASP A 1 15  ? 16.674  -0.293  16.098  1.00 18.34 ? 94  ASP A CB    1 
ATOM   123  C  CG    . ASP A 1 15  ? 17.514  0.167   17.287  1.00 17.56 ? 94  ASP A CG    1 
ATOM   124  O  OD1   . ASP A 1 15  ? 17.580  1.371   17.549  1.00 22.41 ? 94  ASP A OD1   1 
ATOM   125  O  OD2   . ASP A 1 15  ? 18.077  -0.688  17.988  1.00 22.04 ? 94  ASP A OD2   1 
ATOM   126  N  N     . SEC A 1 16  ? 13.126  0.677   16.836  1.00 16.12 ? 95  SEC A N     1 
ATOM   127  C  CA    . SEC A 1 16  ? 12.012  0.404   17.749  1.00 17.55 ? 95  SEC A CA    1 
ATOM   128  C  CB    . SEC A 1 16  ? 11.593  1.733   18.364  1.00 17.14 ? 95  SEC A CB    1 
ATOM   129  SE SE    . SEC A 1 16  ? 12.930  2.508   19.645  0.94 20.17 ? 95  SEC A SE    1 
ATOM   130  C  C     . SEC A 1 16  ? 10.827  -0.184  16.988  1.00 15.80 ? 95  SEC A C     1 
ATOM   131  O  O     . SEC A 1 16  ? 10.720  -0.022  15.738  1.00 14.67 ? 95  SEC A O     1 
ATOM   132  N  N     . PRO A 1 17  ? 9.902   -0.783  17.713  1.00 15.46 ? 96  PRO A N     1 
ATOM   133  C  CA    . PRO A 1 17  ? 8.731   -1.353  17.059  1.00 15.48 ? 96  PRO A CA    1 
ATOM   134  C  C     . PRO A 1 17  ? 7.947   -0.266  16.277  1.00 14.28 ? 96  PRO A C     1 
ATOM   135  O  O     . PRO A 1 17  ? 7.658   0.807   16.822  1.00 14.32 ? 96  PRO A O     1 
ATOM   136  C  CB    . PRO A 1 17  ? 7.876   -1.829  18.232  1.00 16.37 ? 96  PRO A CB    1 
ATOM   137  C  CG    . PRO A 1 17  ? 8.848   -2.149  19.339  1.00 17.13 ? 96  PRO A CG    1 
ATOM   138  C  CD    . PRO A 1 17  ? 9.933   -1.072  19.173  1.00 16.99 ? 96  PRO A CD    1 
ATOM   139  N  N     . PRO A 1 18  ? 7.605   -0.569  14.997  1.00 12.96 ? 97  PRO A N     1 
ATOM   140  C  CA    . PRO A 1 18  ? 6.798   0.330   14.174  1.00 13.44 ? 97  PRO A CA    1 
ATOM   141  C  C     . PRO A 1 18  ? 5.453   0.557   14.876  1.00 12.55 ? 97  PRO A C     1 
ATOM   142  O  O     . PRO A 1 18  ? 4.920   -0.341  15.504  1.00 14.10 ? 97  PRO A O     1 
ATOM   143  C  CB    . PRO A 1 18  ? 6.536   -0.491  12.900  1.00 13.89 ? 97  PRO A CB    1 
ATOM   144  C  CG    . PRO A 1 18  ? 7.609   -1.476  12.890  1.00 16.46 ? 97  PRO A CG    1 
ATOM   145  C  CD    . PRO A 1 18  ? 7.996   -1.796  14.241  1.00 13.26 ? 97  PRO A CD    1 
ATOM   146  N  N     . ASP A 1 19  ? 4.999   1.805   14.884  1.00 13.05 ? 98  ASP A N     1 
ATOM   147  C  CA    . ASP A 1 19  ? 3.620   2.086   15.331  1.00 12.34 ? 98  ASP A CA    1 
ATOM   148  C  C     . ASP A 1 19  ? 2.630   1.901   14.178  1.00 12.40 ? 98  ASP A C     1 
ATOM   149  O  O     . ASP A 1 19  ? 2.976   1.453   13.075  1.00 11.87 ? 98  ASP A O     1 
ATOM   150  C  CB    . ASP A 1 19  ? 3.497   3.440   16.029  1.00 14.21 ? 98  ASP A CB    1 
ATOM   151  C  CG    . ASP A 1 19  ? 3.797   4.623   15.111  1.00 13.92 ? 98  ASP A CG    1 
ATOM   152  O  OD1   . ASP A 1 19  ? 3.711   4.505   13.836  1.00 13.69 ? 98  ASP A OD1   1 
ATOM   153  O  OD2   . ASP A 1 19  ? 4.150   5.724   15.632  1.00 17.43 ? 98  ASP A OD2   1 
ATOM   154  N  N     . ARG A 1 20  ? 1.363   2.206   14.424  1.00 12.22 ? 99  ARG A N     1 
ATOM   155  C  CA    . ARG A 1 20  ? 0.355   2.090   13.402  0.70 8.85  ? 99  ARG A CA    1 
ATOM   156  C  C     . ARG A 1 20  ? 0.684   2.822   12.085  1.00 9.71  ? 99  ARG A C     1 
ATOM   157  O  O     . ARG A 1 20  ? 0.547   2.229   11.025  1.00 12.67 ? 99  ARG A O     1 
ATOM   158  C  CB    . ARG A 1 20  ? -1.015  2.578   13.919  0.70 7.78  ? 99  ARG A CB    1 
ATOM   159  C  CG    . ARG A 1 20  ? -2.120  2.589   12.878  0.70 11.05 ? 99  ARG A CG    1 
ATOM   160  C  CD    . ARG A 1 20  ? -3.454  2.997   13.589  0.70 8.69  ? 99  ARG A CD    1 
ATOM   161  N  NE    . ARG A 1 20  ? -3.378  4.384   13.965  0.70 12.80 ? 99  ARG A NE    1 
ATOM   162  C  CZ    . ARG A 1 20  ? -4.397  5.006   14.550  0.70 16.30 ? 99  ARG A CZ    1 
ATOM   163  N  NH1   . ARG A 1 20  ? -5.520  4.318   14.768  0.70 19.42 ? 99  ARG A NH1   1 
ATOM   164  N  NH2   . ARG A 1 20  ? -4.287  6.279   14.929  0.70 16.69 ? 99  ARG A NH2   1 
ATOM   165  N  N     . GLU A 1 21  ? 1.216   4.020   12.182  1.00 10.71 ? 100 GLU A N     1 
ATOM   166  C  CA    . GLU A 1 21  ? 1.528   4.836   11.022  1.00 11.19 ? 100 GLU A CA    1 
ATOM   167  C  C     . GLU A 1 21  ? 2.737   4.301   10.307  1.00 10.75 ? 100 GLU A C     1 
ATOM   168  O  O     . GLU A 1 21  ? 2.689   4.193   9.066   1.00 10.98 ? 100 GLU A O     1 
ATOM   169  C  CB    . GLU A 1 21  ? 1.739   6.300   11.503  1.00 11.57 ? 100 GLU A CB    1 
ATOM   170  C  CG    . GLU A 1 21  ? 0.363   7.013   11.799  1.00 14.16 ? 100 GLU A CG    1 
ATOM   171  C  CD    . GLU A 1 21  ? -0.347  6.495   13.045  1.00 18.51 ? 100 GLU A CD    1 
ATOM   172  O  OE1   . GLU A 1 21  ? 0.303   6.215   14.099  1.00 17.06 ? 100 GLU A OE1   1 
ATOM   173  O  OE2   . GLU A 1 21  ? -1.577  6.320   12.906  1.00 22.32 ? 100 GLU A OE2   1 
ATOM   174  N  N     . GLU A 1 22  ? 3.755   3.879   11.123  1.00 11.27 ? 101 GLU A N     1 
ATOM   175  C  CA    . GLU A 1 22  ? 5.038   3.468   10.506  1.00 9.97  ? 101 GLU A CA    1 
ATOM   176  C  C     . GLU A 1 22  ? 4.818   2.091   9.839   1.00 10.93 ? 101 GLU A C     1 
ATOM   177  O  O     . GLU A 1 22  ? 5.336   1.871   8.699   1.00 10.03 ? 101 GLU A O     1 
ATOM   178  C  CB    . GLU A 1 22  ? 6.147   3.416   11.536  1.00 12.53 ? 101 GLU A CB    1 
ATOM   179  C  CG    . GLU A 1 22  ? 6.447   4.751   12.090  1.00 14.05 ? 101 GLU A CG    1 
ATOM   180  C  CD    . GLU A 1 22  ? 7.153   4.695   13.470  1.00 20.73 ? 101 GLU A CD    1 
ATOM   181  O  OE1   . GLU A 1 22  ? 6.987   3.716   14.246  1.00 18.45 ? 101 GLU A OE1   1 
ATOM   182  O  OE2   . GLU A 1 22  ? 7.865   5.716   13.805  1.00 23.01 ? 101 GLU A OE2   1 
ATOM   183  N  N     . LEU A 1 23  ? 4.042   1.197   10.443  1.00 10.24 ? 102 LEU A N     1 
ATOM   184  C  CA    . LEU A 1 23  ? 3.757   -0.071  9.827   1.00 11.54 ? 102 LEU A CA    1 
ATOM   185  C  C     . LEU A 1 23  ? 2.992   0.164   8.534   1.00 11.55 ? 102 LEU A C     1 
ATOM   186  O  O     . LEU A 1 23  ? 3.257   -0.477  7.502   1.00 10.41 ? 102 LEU A O     1 
ATOM   187  C  CB    . LEU A 1 23  ? 2.985   -1.035  10.772  1.00 11.60 ? 102 LEU A CB    1 
ATOM   188  C  CG    . LEU A 1 23  ? 2.608   -2.298  10.040  1.00 13.14 ? 102 LEU A CG    1 
ATOM   189  C  CD1   . LEU A 1 23  ? 3.945   -3.110  9.701   1.00 13.73 ? 102 LEU A CD1   1 
ATOM   190  C  CD2   . LEU A 1 23  ? 1.650   -2.983  10.966  1.00 14.68 ? 102 LEU A CD2   1 
ATOM   191  N  N     . GLY A 1 24  ? 2.081   1.128   8.567   1.00 8.83  ? 103 GLY A N     1 
ATOM   192  C  CA    . GLY A 1 24  ? 1.306   1.464   7.363   1.00 10.48 ? 103 GLY A CA    1 
ATOM   193  C  C     . GLY A 1 24  ? 2.241   1.871   6.225   1.00 9.12  ? 103 GLY A C     1 
ATOM   194  O  O     . GLY A 1 24  ? 2.085   1.340   5.106   1.00 10.72 ? 103 GLY A O     1 
ATOM   195  N  N     . ARG A 1 25  ? 3.167   2.778   6.509   1.00 11.01 ? 104 ARG A N     1 
ATOM   196  C  CA    . ARG A 1 25  ? 4.128   3.248   5.484   1.00 10.94 ? 104 ARG A CA    1 
ATOM   197  C  C     . ARG A 1 25  ? 4.949   2.096   4.934   1.00 10.75 ? 104 ARG A C     1 
ATOM   198  O  O     . ARG A 1 25  ? 5.120   1.956   3.674   1.00 12.25 ? 104 ARG A O     1 
ATOM   199  C  CB    . ARG A 1 25  ? 5.063   4.356   5.996   1.00 13.71 ? 104 ARG A CB    1 
ATOM   200  C  CG    . ARG A 1 25  ? 4.327   5.639   6.351   1.00 15.64 ? 104 ARG A CG    1 
ATOM   201  C  CD    . ARG A 1 25  ? 5.294   6.590   7.156   1.00 20.62 ? 104 ARG A CD    1 
ATOM   202  N  NE    . ARG A 1 25  ? 4.438   7.552   7.888   1.00 27.47 ? 104 ARG A NE    1 
ATOM   203  C  CZ    . ARG A 1 25  ? 4.678   8.028   9.090   1.00 30.27 ? 104 ARG A CZ    1 
ATOM   204  N  NH1   . ARG A 1 25  ? 5.759   7.644   9.760   1.00 29.18 ? 104 ARG A NH1   1 
ATOM   205  N  NH2   . ARG A 1 25  ? 3.817   8.905   9.627   1.00 31.30 ? 104 ARG A NH2   1 
ATOM   206  N  N     . HIS A 1 26  ? 5.433   1.232   5.826   1.00 9.39  ? 105 HIS A N     1 
ATOM   207  C  CA    . HIS A 1 26  ? 6.187   0.076   5.311   1.00 9.22  ? 105 HIS A CA    1 
ATOM   208  C  C     . HIS A 1 26  ? 5.341   -0.860  4.448   1.00 9.47  ? 105 HIS A C     1 
ATOM   209  O  O     . HIS A 1 26  ? 5.828   -1.350  3.401   1.00 10.91 ? 105 HIS A O     1 
ATOM   210  C  CB    . HIS A 1 26  ? 6.743   -0.777  6.422   1.00 10.77 ? 105 HIS A CB    1 
ATOM   211  C  CG    . HIS A 1 26  ? 7.820   -0.160  7.256   1.00 11.30 ? 105 HIS A CG    1 
ATOM   212  N  ND1   . HIS A 1 26  ? 9.018   0.353   6.749   1.00 13.31 ? 105 HIS A ND1   1 
ATOM   213  C  CD2   . HIS A 1 26  ? 7.906   -0.066  8.608   1.00 10.83 ? 105 HIS A CD2   1 
ATOM   214  C  CE1   . HIS A 1 26  ? 9.780   0.732   7.758   1.00 16.91 ? 105 HIS A CE1   1 
ATOM   215  N  NE2   . HIS A 1 26  ? 9.134   0.490   8.894   1.00 13.80 ? 105 HIS A NE2   1 
ATOM   216  N  N     . SER A 1 27  ? 4.090   -1.054  4.845   1.00 10.37 ? 106 SER A N     1 
ATOM   217  C  CA    . SER A 1 27  ? 3.250   -2.024  4.239   1.00 9.92  ? 106 SER A CA    1 
ATOM   218  C  C     . SER A 1 27  ? 2.789   -1.541  2.821   1.00 9.91  ? 106 SER A C     1 
ATOM   219  O  O     . SER A 1 27  ? 2.794   -2.300  1.865   1.00 10.55 ? 106 SER A O     1 
ATOM   220  C  CB    . SER A 1 27  ? 2.062   -2.251  5.159   1.00 10.28 ? 106 SER A CB    1 
ATOM   221  O  OG    . SER A 1 27  ? 2.515   -2.912  6.327   1.00 10.13 ? 106 SER A OG    1 
ATOM   222  N  N     . TRP A 1 28  ? 2.373   -0.265  2.714   1.00 9.98  ? 107 TRP A N     1 
ATOM   223  C  CA    . TRP A 1 28  ? 2.043   0.263   1.413   1.00 9.71  ? 107 TRP A CA    1 
ATOM   224  C  C     . TRP A 1 28  ? 3.264   0.179   0.492   1.00 9.05  ? 107 TRP A C     1 
ATOM   225  O  O     . TRP A 1 28  ? 3.179   -0.206  -0.673  1.00 10.87 ? 107 TRP A O     1 
ATOM   226  C  CB    . TRP A 1 28  ? 1.508   1.720   1.497   1.00 10.06 ? 107 TRP A CB    1 
ATOM   227  C  CG    . TRP A 1 28  ? 0.163   1.828   2.131   1.00 10.36 ? 107 TRP A CG    1 
ATOM   228  C  CD1   . TRP A 1 28  ? -0.096  2.511   3.283   1.00 11.28 ? 107 TRP A CD1   1 
ATOM   229  C  CD2   . TRP A 1 28  ? -1.080  1.261   1.714   1.00 11.38 ? 107 TRP A CD2   1 
ATOM   230  N  NE1   . TRP A 1 28  ? -1.474  2.476   3.581   1.00 10.95 ? 107 TRP A NE1   1 
ATOM   231  C  CE2   . TRP A 1 28  ? -2.069  1.661   2.657   1.00 12.17 ? 107 TRP A CE2   1 
ATOM   232  C  CE3   . TRP A 1 28  ? -1.479  0.438   0.649   1.00 14.11 ? 107 TRP A CE3   1 
ATOM   233  C  CZ2   . TRP A 1 28  ? -3.427  1.256   2.541   1.00 12.22 ? 107 TRP A CZ2   1 
ATOM   234  C  CZ3   . TRP A 1 28  ? -2.820  0.034   0.545   1.00 9.12  ? 107 TRP A CZ3   1 
ATOM   235  C  CH2   . TRP A 1 28  ? -3.768  0.442   1.496   1.00 12.67 ? 107 TRP A CH2   1 
ATOM   236  N  N     . ALA A 1 29  ? 4.464   0.436   1.035   1.00 8.98  ? 108 ALA A N     1 
ATOM   237  C  CA    . ALA A 1 29  ? 5.629   0.362   0.162   1.00 10.30 ? 108 ALA A CA    1 
ATOM   238  C  C     . ALA A 1 29  ? 5.786   -1.097  -0.344  1.00 10.26 ? 108 ALA A C     1 
ATOM   239  O  O     . ALA A 1 29  ? 6.116   -1.343  -1.530  1.00 9.30  ? 108 ALA A O     1 
ATOM   240  C  CB    . ALA A 1 29  ? 6.903   0.783   0.871   1.00 10.58 ? 108 ALA A CB    1 
ATOM   241  N  N     . VAL A 1 30  ? 5.676   -2.072  0.589   1.00 9.43  ? 109 VAL A N     1 
ATOM   242  C  CA    . VAL A 1 30  ? 5.813   -3.494  0.195   1.00 10.71 ? 109 VAL A CA    1 
ATOM   243  C  C     . VAL A 1 30  ? 4.742   -3.806  -0.859  1.00 9.88  ? 109 VAL A C     1 
ATOM   244  O  O     . VAL A 1 30  ? 5.049   -4.340  -1.937  1.00 10.81 ? 109 VAL A O     1 
ATOM   245  C  CB    . VAL A 1 30  ? 5.768   -4.397  1.399   1.00 12.07 ? 109 VAL A CB    1 
ATOM   246  C  CG1   . VAL A 1 30  ? 5.525   -5.879  0.979   1.00 12.56 ? 109 VAL A CG1   1 
ATOM   247  C  CG2   . VAL A 1 30  ? 7.097   -4.261  2.150   1.00 14.05 ? 109 VAL A CG2   1 
ATOM   248  N  N     . LEU A 1 31  ? 3.479   -3.491  -0.591  1.00 10.74 ? 110 LEU A N     1 
ATOM   249  C  CA    . LEU A 1 31  ? 2.405   -3.872  -1.537  1.00 9.99  ? 110 LEU A CA    1 
ATOM   250  C  C     . LEU A 1 31  ? 2.507   -3.196  -2.890  1.00 8.61  ? 110 LEU A C     1 
ATOM   251  O  O     . LEU A 1 31  ? 2.427   -3.855  -3.889  1.00 10.64 ? 110 LEU A O     1 
ATOM   252  C  CB    . LEU A 1 31  ? 0.995   -3.630  -0.921  1.00 10.53 ? 110 LEU A CB    1 
ATOM   253  C  CG    . LEU A 1 31  ? 0.771   -4.273  0.415   1.00 9.49  ? 110 LEU A CG    1 
ATOM   254  C  CD1   . LEU A 1 31  ? -0.621  -3.787  0.936   1.00 18.89 ? 110 LEU A CD1   1 
ATOM   255  C  CD2   . LEU A 1 31  ? 0.631   -5.746  0.190   1.00 13.07 ? 110 LEU A CD2   1 
ATOM   256  N  N     . HIS A 1 32  ? 2.787   -1.896  -2.917  1.00 8.85  ? 111 HIS A N     1 
ATOM   257  C  CA    . HIS A 1 32  ? 2.899   -1.163  -4.191  1.00 10.24 ? 111 HIS A CA    1 
ATOM   258  C  C     . HIS A 1 32  ? 4.122   -1.618  -4.978  1.00 10.13 ? 111 HIS A C     1 
ATOM   259  O  O     . HIS A 1 32  ? 4.085   -1.632  -6.187  1.00 11.87 ? 111 HIS A O     1 
ATOM   260  C  CB    . HIS A 1 32  ? 2.902   0.374   -4.002  1.00 9.03  ? 111 HIS A CB    1 
ATOM   261  C  CG    . HIS A 1 32  ? 1.615   0.971   -3.560  1.00 9.21  ? 111 HIS A CG    1 
ATOM   262  N  ND1   . HIS A 1 32  ? 0.465   0.926   -4.331  1.00 12.52 ? 111 HIS A ND1   1 
ATOM   263  C  CD2   . HIS A 1 32  ? 1.291   1.620   -2.409  1.00 11.07 ? 111 HIS A CD2   1 
ATOM   264  C  CE1   . HIS A 1 32  ? -0.500  1.572   -3.679  1.00 11.45 ? 111 HIS A CE1   1 
ATOM   265  N  NE2   . HIS A 1 32  ? -0.043  1.970   -2.515  1.00 10.60 ? 111 HIS A NE2   1 
ATOM   266  N  N     . THR A 1 33  ? 5.220   -1.955  -4.253  1.00 9.97  ? 112 THR A N     1 
ATOM   267  C  CA    . THR A 1 33  ? 6.442   -2.436  -4.938  1.00 10.43 ? 112 THR A CA    1 
ATOM   268  C  C     . THR A 1 33  ? 6.208   -3.842  -5.522  1.00 11.57 ? 112 THR A C     1 
ATOM   269  O  O     . THR A 1 33  ? 6.620   -4.083  -6.704  1.00 12.57 ? 112 THR A O     1 
ATOM   270  C  CB    . THR A 1 33  ? 7.687   -2.296  -4.003  1.00 11.53 ? 112 THR A CB    1 
ATOM   271  O  OG1   . THR A 1 33  ? 7.835   -0.943  -3.577  1.00 10.59 ? 112 THR A OG1   1 
ATOM   272  C  CG2   . THR A 1 33  ? 8.939   -2.693  -4.801  1.00 12.54 ? 112 THR A CG2   1 
ATOM   273  N  N     . LEU A 1 34  ? 5.623   -4.760  -4.765  1.00 10.78 ? 113 LEU A N     1 
ATOM   274  C  CA    . LEU A 1 34  ? 5.230   -6.078  -5.305  1.00 12.36 ? 113 LEU A CA    1 
ATOM   275  C  C     . LEU A 1 34  ? 4.318   -5.933  -6.530  1.00 11.37 ? 113 LEU A C     1 
ATOM   276  O  O     . LEU A 1 34  ? 4.560   -6.555  -7.565  1.00 12.75 ? 113 LEU A O     1 
ATOM   277  C  CB    . LEU A 1 34  ? 4.672   -6.958  -4.232  1.00 13.82 ? 113 LEU A CB    1 
ATOM   278  C  CG    . LEU A 1 34  ? 5.651   -7.871  -3.483  1.00 14.44 ? 113 LEU A CG    1 
ATOM   279  C  CD1   . LEU A 1 34  ? 6.744   -7.032  -2.771  1.00 15.89 ? 113 LEU A CD1   1 
ATOM   280  C  CD2   . LEU A 1 34  ? 4.863   -8.908  -2.611  1.00 16.30 ? 113 LEU A CD2   1 
ATOM   281  N  N     . ALA A 1 35  ? 3.322   -5.075  -6.500  1.00 11.31 ? 114 ALA A N     1 
ATOM   282  C  CA    . ALA A 1 35  ? 2.477   -4.865  -7.647  1.00 10.26 ? 114 ALA A CA    1 
ATOM   283  C  C     . ALA A 1 35  ? 3.228   -4.262  -8.819  1.00 10.52 ? 114 ALA A C     1 
ATOM   284  O  O     . ALA A 1 35  ? 3.033   -4.671  -9.969  1.00 12.31 ? 114 ALA A O     1 
ATOM   285  C  CB    . ALA A 1 35  ? 1.325   -3.927  -7.235  1.00 10.97 ? 114 ALA A CB    1 
ATOM   286  N  N     . ALA A 1 36  ? 4.190   -3.384  -8.539  1.00 10.24 ? 115 ALA A N     1 
ATOM   287  C  CA    . ALA A 1 36  ? 4.904   -2.668  -9.641  1.00 10.70 ? 115 ALA A CA    1 
ATOM   288  C  C     . ALA A 1 36  ? 5.685   -3.544  -10.582 1.00 10.42 ? 115 ALA A C     1 
ATOM   289  O  O     . ALA A 1 36  ? 5.936   -3.171  -11.748 1.00 11.95 ? 115 ALA A O     1 
ATOM   290  C  CB    . ALA A 1 36  ? 5.855   -1.519  -9.130  1.00 10.83 ? 115 ALA A CB    1 
ATOM   291  N  N     . TYR A 1 37  ? 6.127   -4.665  -10.043 1.00 12.36 ? 116 TYR A N     1 
ATOM   292  C  CA    . TYR A 1 37  ? 6.984   -5.584  -10.796 1.00 12.51 ? 116 TYR A CA    1 
ATOM   293  C  C     . TYR A 1 37  ? 6.207   -6.890  -11.172 1.00 12.03 ? 116 TYR A C     1 
ATOM   294  O  O     . TYR A 1 37  ? 6.796   -7.798  -11.766 1.00 15.73 ? 116 TYR A O     1 
ATOM   295  C  CB    . TYR A 1 37  ? 8.224   -5.964  -9.989  1.00 13.17 ? 116 TYR A CB    1 
ATOM   296  C  CG    . TYR A 1 37  ? 9.194   -4.803  -9.871  1.00 12.48 ? 116 TYR A CG    1 
ATOM   297  C  CD1   . TYR A 1 37  ? 10.121  -4.500  -10.908 1.00 18.74 ? 116 TYR A CD1   1 
ATOM   298  C  CD2   . TYR A 1 37  ? 9.137   -3.941  -8.773  1.00 13.54 ? 116 TYR A CD2   1 
ATOM   299  C  CE1   . TYR A 1 37  ? 11.016  -3.364  -10.736 1.00 18.99 ? 116 TYR A CE1   1 
ATOM   300  C  CE2   . TYR A 1 37  ? 9.955   -2.867  -8.609  1.00 16.12 ? 116 TYR A CE2   1 
ATOM   301  C  CZ    . TYR A 1 37  ? 10.882  -2.559  -9.560  1.00 16.15 ? 116 TYR A CZ    1 
ATOM   302  O  OH    . TYR A 1 37  ? 11.659  -1.405  -9.278  1.00 22.39 ? 116 TYR A OH    1 
ATOM   303  N  N     . TYR A 1 38  ? 4.921   -6.983  -10.836 1.00 10.04 ? 117 TYR A N     1 
ATOM   304  C  CA    . TYR A 1 38  ? 4.102   -8.097  -11.184 1.00 9.22  ? 117 TYR A CA    1 
ATOM   305  C  C     . TYR A 1 38  ? 4.042   -8.202  -12.748 1.00 8.49  ? 117 TYR A C     1 
ATOM   306  O  O     . TYR A 1 38  ? 4.185   -7.174  -13.473 1.00 10.20 ? 117 TYR A O     1 
ATOM   307  C  CB    . TYR A 1 38  ? 2.750   -7.807  -10.532 1.00 11.89 ? 117 TYR A CB    1 
ATOM   308  C  CG    . TYR A 1 38  ? 1.673   -8.828  -10.682 1.00 8.77  ? 117 TYR A CG    1 
ATOM   309  C  CD1   . TYR A 1 38  ? 1.708   -10.007 -9.962  1.00 8.89  ? 117 TYR A CD1   1 
ATOM   310  C  CD2   . TYR A 1 38  ? 0.618   -8.609  -11.522 1.00 11.91 ? 117 TYR A CD2   1 
ATOM   311  C  CE1   . TYR A 1 38  ? 0.689   -10.983 -10.093 1.00 9.37  ? 117 TYR A CE1   1 
ATOM   312  C  CE2   . TYR A 1 38  ? -0.451  -9.571  -11.657 1.00 9.13  ? 117 TYR A CE2   1 
ATOM   313  C  CZ    . TYR A 1 38  ? -0.419  -10.762 -10.928 1.00 13.34 ? 117 TYR A CZ    1 
ATOM   314  O  OH    . TYR A 1 38  ? -1.475  -11.726 -10.996 1.00 11.70 ? 117 TYR A OH    1 
ATOM   315  N  N     . PRO A 1 39  ? 3.789   -9.477  -13.211 1.00 11.03 ? 118 PRO A N     1 
ATOM   316  C  CA    . PRO A 1 39  ? 3.855   -9.647  -14.705 1.00 11.16 ? 118 PRO A CA    1 
ATOM   317  C  C     . PRO A 1 39  ? 2.823   -8.846  -15.421 1.00 11.65 ? 118 PRO A C     1 
ATOM   318  O  O     . PRO A 1 39  ? 1.710   -8.635  -14.876 1.00 11.36 ? 118 PRO A O     1 
ATOM   319  C  CB    . PRO A 1 39  ? 3.652   -11.166 -14.918 1.00 12.23 ? 118 PRO A CB    1 
ATOM   320  C  CG    . PRO A 1 39  ? 4.183   -11.817 -13.618 1.00 10.57 ? 118 PRO A CG    1 
ATOM   321  C  CD    . PRO A 1 39  ? 3.667   -10.781 -12.497 1.00 12.80 ? 118 PRO A CD    1 
ATOM   322  N  N     . ASP A 1 40  ? 3.151   -8.388  -16.610 1.00 12.61 ? 119 ASP A N     1 
ATOM   323  C  CA    . ASP A 1 40  ? 2.091   -7.865  -17.517 1.00 13.31 ? 119 ASP A CA    1 
ATOM   324  C  C     . ASP A 1 40  ? 1.109   -8.926  -18.005 1.00 13.46 ? 119 ASP A C     1 
ATOM   325  O  O     . ASP A 1 40  ? -0.100  -8.647  -18.177 1.00 14.26 ? 119 ASP A O     1 
ATOM   326  C  CB    . ASP A 1 40  ? 2.704   -7.089  -18.655 1.00 14.29 ? 119 ASP A CB    1 
ATOM   327  C  CG    . ASP A 1 40  ? 3.400   -5.848  -18.139 1.00 15.38 ? 119 ASP A CG    1 
ATOM   328  O  OD1   . ASP A 1 40  ? 2.726   -4.923  -17.702 1.00 20.71 ? 119 ASP A OD1   1 
ATOM   329  O  OD2   . ASP A 1 40  ? 4.637   -5.800  -18.057 1.00 24.56 ? 119 ASP A OD2   1 
ATOM   330  N  N     . LEU A 1 41  ? 1.576   -10.164 -18.142 1.00 12.73 ? 120 LEU A N     1 
ATOM   331  C  CA    . LEU A 1 41  ? 0.768   -11.292 -18.531 1.00 12.98 ? 120 LEU A CA    1 
ATOM   332  C  C     . LEU A 1 41  ? 0.993   -12.450 -17.554 1.00 13.00 ? 120 LEU A C     1 
ATOM   333  O  O     . LEU A 1 41  ? 1.575   -13.526 -17.901 1.00 13.13 ? 120 LEU A O     1 
ATOM   334  C  CB    . LEU A 1 41  ? 1.167   -11.726 -19.956 1.00 14.54 ? 120 LEU A CB    1 
ATOM   335  C  CG    . LEU A 1 41  ? 0.857   -10.751 -21.045 1.00 16.20 ? 120 LEU A CG    1 
ATOM   336  C  CD1   . LEU A 1 41  ? 1.437   -11.256 -22.445 1.00 17.18 ? 120 LEU A CD1   1 
ATOM   337  C  CD2   . LEU A 1 41  ? -0.621  -10.420 -21.183 1.00 18.57 ? 120 LEU A CD2   1 
ATOM   338  N  N     . PRO A 1 42  ? 0.457   -12.293 -16.329 1.00 11.97 ? 121 PRO A N     1 
ATOM   339  C  CA    . PRO A 1 42  ? 0.686   -13.312 -15.380 1.00 12.46 ? 121 PRO A CA    1 
ATOM   340  C  C     . PRO A 1 42  ? -0.007  -14.631 -15.791 1.00 11.26 ? 121 PRO A C     1 
ATOM   341  O  O     . PRO A 1 42  ? -1.113  -14.582 -16.377 1.00 12.91 ? 121 PRO A O     1 
ATOM   342  C  CB    . PRO A 1 42  ? -0.048  -12.783 -14.131 1.00 14.77 ? 121 PRO A CB    1 
ATOM   343  C  CG    . PRO A 1 42  ? -1.055  -11.866 -14.683 1.00 13.29 ? 121 PRO A CG    1 
ATOM   344  C  CD    . PRO A 1 42  ? -0.416  -11.220 -15.811 1.00 13.23 ? 121 PRO A CD    1 
ATOM   345  N  N     . THR A 1 43  ? 0.565   -15.764 -15.386 1.00 12.64 ? 122 THR A N     1 
ATOM   346  C  CA    . THR A 1 43  ? -0.153  -17.051 -15.545 1.00 13.03 ? 122 THR A CA    1 
ATOM   347  C  C     . THR A 1 43  ? -1.451  -17.093 -14.668 1.00 14.49 ? 122 THR A C     1 
ATOM   348  O  O     . THR A 1 43  ? -1.617  -16.267 -13.757 1.00 14.14 ? 122 THR A O     1 
ATOM   349  C  CB    . THR A 1 43  ? 0.731   -18.213 -15.153 1.00 14.09 ? 122 THR A CB    1 
ATOM   350  O  OG1   . THR A 1 43  ? 1.083   -18.173 -13.747 1.00 15.64 ? 122 THR A OG1   1 
ATOM   351  C  CG2   . THR A 1 43  ? 2.033   -18.181 -15.963 1.00 14.51 ? 122 THR A CG2   1 
ATOM   352  N  N     . PRO A 1 44  ? -2.377  -18.027 -14.978 1.00 15.78 ? 123 PRO A N     1 
ATOM   353  C  CA    . PRO A 1 44  ? -3.510  -18.172 -14.099 1.00 15.45 ? 123 PRO A CA    1 
ATOM   354  C  C     . PRO A 1 44  ? -3.074  -18.485 -12.672 1.00 14.38 ? 123 PRO A C     1 
ATOM   355  O  O     . PRO A 1 44  ? -3.687  -17.894 -11.725 1.00 15.70 ? 123 PRO A O     1 
ATOM   356  C  CB    . PRO A 1 44  ? -4.335  -19.322 -14.764 1.00 15.52 ? 123 PRO A CB    1 
ATOM   357  C  CG    . PRO A 1 44  ? -4.047  -19.114 -16.258 1.00 15.51 ? 123 PRO A CG    1 
ATOM   358  C  CD    . PRO A 1 44  ? -2.571  -18.703 -16.293 1.00 17.04 ? 123 PRO A CD    1 
ATOM   359  N  N     . GLU A 1 45  ? -2.007  -19.263 -12.487 1.00 14.19 ? 124 GLU A N     1 
ATOM   360  C  CA    . GLU A 1 45  ? -1.577  -19.616 -11.110 1.00 15.15 ? 124 GLU A CA    1 
ATOM   361  C  C     . GLU A 1 45  ? -1.089  -18.331 -10.420 1.00 14.84 ? 124 GLU A C     1 
ATOM   362  O  O     . GLU A 1 45  ? -1.424  -18.094 -9.224  1.00 13.35 ? 124 GLU A O     1 
ATOM   363  C  CB    . GLU A 1 45  ? -0.491  -20.679 -11.070 1.00 17.60 ? 124 GLU A CB    1 
ATOM   364  C  CG    . GLU A 1 45  ? -0.040  -21.015 -9.660  1.00 20.56 ? 124 GLU A CG    1 
ATOM   365  C  CD    . GLU A 1 45  ? 1.057   -22.052 -9.660  1.00 23.94 ? 124 GLU A CD    1 
ATOM   366  O  OE1   . GLU A 1 45  ? 1.339   -22.580 -10.750 1.00 33.82 ? 124 GLU A OE1   1 
ATOM   367  O  OE2   . GLU A 1 45  ? 1.651   -22.309 -8.590  1.00 32.86 ? 124 GLU A OE2   1 
ATOM   368  N  N     . GLN A 1 46  ? -0.373  -17.484 -11.159 1.00 12.48 ? 125 GLN A N     1 
ATOM   369  C  CA    . GLN A 1 46  ? 0.095   -16.231 -10.560 1.00 11.95 ? 125 GLN A CA    1 
ATOM   370  C  C     . GLN A 1 46  ? -1.059  -15.325 -10.144 1.00 11.70 ? 125 GLN A C     1 
ATOM   371  O  O     . GLN A 1 46  ? -1.021  -14.723 -9.036  1.00 13.91 ? 125 GLN A O     1 
ATOM   372  C  CB    . GLN A 1 46  ? 1.070   -15.465 -11.463 1.00 13.15 ? 125 GLN A CB    1 
ATOM   373  C  CG    . GLN A 1 46  ? 2.376   -16.216 -11.537 1.00 11.94 ? 125 GLN A CG    1 
ATOM   374  C  CD    . GLN A 1 46  ? 3.306   -15.634 -12.534 1.00 14.97 ? 125 GLN A CD    1 
ATOM   375  O  OE1   . GLN A 1 46  ? 2.928   -15.320 -13.647 1.00 15.29 ? 125 GLN A OE1   1 
ATOM   376  N  NE2   . GLN A 1 46  ? 4.567   -15.424 -12.117 1.00 18.44 ? 125 GLN A NE2   1 
ATOM   377  N  N     . GLN A 1 47  ? -2.078  -15.210 -10.996 1.00 10.29 ? 126 GLN A N     1 
ATOM   378  C  CA    . GLN A 1 47  ? -3.241  -14.393 -10.711 1.00 13.43 ? 126 GLN A CA    1 
ATOM   379  C  C     . GLN A 1 47  ? -3.935  -14.897 -9.466  1.00 13.02 ? 126 GLN A C     1 
ATOM   380  O  O     . GLN A 1 47  ? -4.333  -14.079 -8.615  1.00 14.40 ? 126 GLN A O     1 
ATOM   381  C  CB    . GLN A 1 47  ? -4.208  -14.372 -11.893 1.00 13.79 ? 126 GLN A CB    1 
ATOM   382  C  CG    . GLN A 1 47  ? -3.601  -13.797 -13.167 1.00 12.68 ? 126 GLN A CG    1 
ATOM   383  C  CD    . GLN A 1 47  ? -4.499  -14.102 -14.352 1.00 19.07 ? 126 GLN A CD    1 
ATOM   384  O  OE1   . GLN A 1 47  ? -5.708  -13.785 -14.321 1.00 18.82 ? 126 GLN A OE1   1 
ATOM   385  N  NE2   . GLN A 1 47  ? -3.906  -14.592 -15.466 1.00 15.62 ? 126 GLN A NE2   1 
ATOM   386  N  N     . GLN A 1 48  ? -4.089  -16.213 -9.355  1.00 12.44 ? 127 GLN A N     1 
ATOM   387  C  CA    . GLN A 1 48  ? -4.736  -16.863 -8.161  1.00 13.64 ? 127 GLN A CA    1 
ATOM   388  C  C     . GLN A 1 48  ? -3.888  -16.597 -6.902  1.00 14.61 ? 127 GLN A C     1 
ATOM   389  O  O     . GLN A 1 48  ? -4.379  -16.235 -5.824  1.00 15.55 ? 127 GLN A O     1 
ATOM   390  C  CB    . GLN A 1 48  ? -4.913  -18.362 -8.389  1.00 15.46 ? 127 GLN A CB    1 
ATOM   391  C  CG    . GLN A 1 48  ? -5.784  -18.655 -9.604  1.00 18.15 ? 127 GLN A CG    1 
ATOM   392  C  CD    . GLN A 1 48  ? -5.520  -20.037 -10.205 1.00 16.09 ? 127 GLN A CD    1 
ATOM   393  O  OE1   . GLN A 1 48  ? -4.879  -20.878 -9.595  1.00 24.20 ? 127 GLN A OE1   1 
ATOM   394  N  NE2   . GLN A 1 48  ? -5.985  -20.238 -11.471 1.00 20.43 ? 127 GLN A NE2   1 
ATOM   395  N  N     . ASP A 1 49  ? -2.590  -16.882 -6.998  1.00 13.87 ? 128 ASP A N     1 
ATOM   396  C  CA    . ASP A 1 49  ? -1.622  -16.652 -5.922  1.00 13.54 ? 128 ASP A CA    1 
ATOM   397  C  C     . ASP A 1 49  ? -1.612  -15.211 -5.413  1.00 12.06 ? 128 ASP A C     1 
ATOM   398  O  O     . ASP A 1 49  ? -1.500  -14.971 -4.211  1.00 12.83 ? 128 ASP A O     1 
ATOM   399  C  CB    . ASP A 1 49  ? -0.212  -16.996 -6.407  1.00 15.24 ? 128 ASP A CB    1 
ATOM   400  C  CG    . ASP A 1 49  ? 0.046   -18.526 -6.405  1.00 15.92 ? 128 ASP A CG    1 
ATOM   401  O  OD1   . ASP A 1 49  ? -0.874  -19.289 -6.011  1.00 16.71 ? 128 ASP A OD1   1 
ATOM   402  O  OD2   . ASP A 1 49  ? 1.152   -18.984 -6.866  1.00 17.66 ? 128 ASP A OD2   1 
HETATM 403  N  N     . MSE A 1 50  ? -1.724  -14.221 -6.325  1.00 12.84 ? 129 MSE A N     1 
HETATM 404  C  CA    . MSE A 1 50  ? -1.565  -12.812 -5.887  1.00 11.19 ? 129 MSE A CA    1 
HETATM 405  C  C     . MSE A 1 50  ? -2.850  -12.451 -5.149  1.00 12.75 ? 129 MSE A C     1 
HETATM 406  O  O     . MSE A 1 50  ? -2.765  -11.675 -4.161  1.00 14.41 ? 129 MSE A O     1 
HETATM 407  C  CB    . MSE A 1 50  ? -1.218  -11.853 -7.081  1.00 11.24 ? 129 MSE A CB    1 
HETATM 408  C  CG    . MSE A 1 50  ? -1.168  -10.353 -6.679  1.00 14.95 ? 129 MSE A CG    1 
HETATM 409  SE SE    . MSE A 1 50  ? 0.126   -10.093 -5.174  0.94 13.89 ? 129 MSE A SE    1 
HETATM 410  C  CE    . MSE A 1 50  ? 1.640   -9.886  -6.331  1.00 12.89 ? 129 MSE A CE    1 
ATOM   411  N  N     . ALA A 1 51  ? -4.006  -12.936 -5.651  1.00 11.84 ? 130 ALA A N     1 
ATOM   412  C  CA    . ALA A 1 51  ? -5.270  -12.678 -4.918  1.00 13.17 ? 130 ALA A CA    1 
ATOM   413  C  C     . ALA A 1 51  ? -5.232  -13.330 -3.550  1.00 12.23 ? 130 ALA A C     1 
ATOM   414  O  O     . ALA A 1 51  ? -5.707  -12.738 -2.547  1.00 14.04 ? 130 ALA A O     1 
ATOM   415  C  CB    . ALA A 1 51  ? -6.514  -13.185 -5.767  1.00 12.51 ? 130 ALA A CB    1 
ATOM   416  N  N     . GLN A 1 52  ? -4.638  -14.515 -3.478  1.00 13.94 ? 131 GLN A N     1 
ATOM   417  C  CA    . GLN A 1 52  ? -4.616  -15.188 -2.181  1.00 13.33 ? 131 GLN A CA    1 
ATOM   418  C  C     . GLN A 1 52  ? -3.621  -14.428 -1.253  1.00 14.07 ? 131 GLN A C     1 
ATOM   419  O  O     . GLN A 1 52  ? -3.864  -14.208 -0.077  1.00 14.07 ? 131 GLN A O     1 
ATOM   420  C  CB    . GLN A 1 52  ? -4.283  -16.667 -2.354  1.00 14.98 ? 131 GLN A CB    1 
ATOM   421  C  CG    . GLN A 1 52  ? -4.140  -17.446 -1.030  1.00 19.13 ? 131 GLN A CG    1 
ATOM   422  C  CD    . GLN A 1 52  ? -5.462  -17.723 -0.300  1.00 25.25 ? 131 GLN A CD    1 
ATOM   423  O  OE1   . GLN A 1 52  ? -5.461  -18.391 0.760   1.00 32.86 ? 131 GLN A OE1   1 
ATOM   424  N  NE2   . GLN A 1 52  ? -6.589  -17.245 -0.857  1.00 26.40 ? 131 GLN A NE2   1 
ATOM   425  N  N     . PHE A 1 53  ? -2.509  -13.971 -1.787  1.00 12.11 ? 132 PHE A N     1 
ATOM   426  C  CA    . PHE A 1 53  ? -1.566  -13.186 -1.016  1.00 11.05 ? 132 PHE A CA    1 
ATOM   427  C  C     . PHE A 1 53  ? -2.188  -11.954 -0.368  1.00 12.23 ? 132 PHE A C     1 
ATOM   428  O  O     . PHE A 1 53  ? -2.007  -11.777 0.837   1.00 12.92 ? 132 PHE A O     1 
ATOM   429  C  CB    . PHE A 1 53  ? -0.411  -12.785 -1.930  1.00 12.44 ? 132 PHE A CB    1 
ATOM   430  C  CG    . PHE A 1 53  ? 0.568   -11.869 -1.237  1.00 9.29  ? 132 PHE A CG    1 
ATOM   431  C  CD1   . PHE A 1 53  ? 1.540   -12.434 -0.369  1.00 13.40 ? 132 PHE A CD1   1 
ATOM   432  C  CD2   . PHE A 1 53  ? 0.510   -10.470 -1.348  1.00 11.98 ? 132 PHE A CD2   1 
ATOM   433  C  CE1   . PHE A 1 53  ? 2.432   -11.597 0.345   1.00 13.70 ? 132 PHE A CE1   1 
ATOM   434  C  CE2   . PHE A 1 53  ? 1.441   -9.634  -0.677  1.00 14.71 ? 132 PHE A CE2   1 
ATOM   435  C  CZ    . PHE A 1 53  ? 2.424   -10.199 0.160   1.00 15.65 ? 132 PHE A CZ    1 
ATOM   436  N  N     . ILE A 1 54  ? -3.036  -11.225 -1.110  1.00 11.27 ? 133 ILE A N     1 
ATOM   437  C  CA    . ILE A 1 54  ? -3.690  -10.034 -0.578  1.00 11.78 ? 133 ILE A CA    1 
ATOM   438  C  C     . ILE A 1 54  ? -4.739  -10.444 0.498   1.00 11.10 ? 133 ILE A C     1 
ATOM   439  O  O     . ILE A 1 54  ? -4.859  -9.782  1.579   1.00 12.69 ? 133 ILE A O     1 
ATOM   440  C  CB    . ILE A 1 54  ? -4.369  -9.254  -1.730  1.00 11.79 ? 133 ILE A CB    1 
ATOM   441  C  CG1   . ILE A 1 54  ? -3.303  -8.597  -2.630  1.00 12.18 ? 133 ILE A CG1   1 
ATOM   442  C  CG2   . ILE A 1 54  ? -5.310  -8.162  -1.235  1.00 13.74 ? 133 ILE A CG2   1 
ATOM   443  C  CD1   . ILE A 1 54  ? -2.328  -7.509  -1.992  1.00 14.08 ? 133 ILE A CD1   1 
ATOM   444  N  N     . HIS A 1 55  ? -5.458  -11.532 0.239   1.00 11.26 ? 134 HIS A N     1 
ATOM   445  C  CA    . HIS A 1 55  ? -6.435  -12.060 1.249   1.00 13.02 ? 134 HIS A CA    1 
ATOM   446  C  C     . HIS A 1 55  ? -5.665  -12.415 2.526   1.00 12.45 ? 134 HIS A C     1 
ATOM   447  O  O     . HIS A 1 55  ? -6.054  -12.024 3.655   1.00 13.30 ? 134 HIS A O     1 
ATOM   448  C  CB    . HIS A 1 55  ? -7.143  -13.309 0.677   1.00 13.45 ? 134 HIS A CB    1 
ATOM   449  C  CG    . HIS A 1 55  ? -8.029  -14.034 1.634   1.00 23.14 ? 134 HIS A CG    1 
ATOM   450  N  ND1   . HIS A 1 55  ? -9.122  -13.439 2.238   1.00 28.92 ? 134 HIS A ND1   1 
ATOM   451  C  CD2   . HIS A 1 55  ? -8.048  -15.341 2.003   1.00 29.04 ? 134 HIS A CD2   1 
ATOM   452  C  CE1   . HIS A 1 55  ? -9.764  -14.347 2.962   1.00 32.85 ? 134 HIS A CE1   1 
ATOM   453  N  NE2   . HIS A 1 55  ? -9.130  -15.506 2.845   1.00 27.43 ? 134 HIS A NE2   1 
ATOM   454  N  N     . LEU A 1 56  ? -4.575  -13.146 2.414   1.00 12.07 ? 135 LEU A N     1 
ATOM   455  C  CA    . LEU A 1 56  ? -3.848  -13.569 3.626   1.00 12.11 ? 135 LEU A CA    1 
ATOM   456  C  C     . LEU A 1 56  ? -3.272  -12.351 4.354   1.00 12.15 ? 135 LEU A C     1 
ATOM   457  O  O     . LEU A 1 56  ? -3.331  -12.325 5.636   1.00 13.19 ? 135 LEU A O     1 
ATOM   458  C  CB    . LEU A 1 56  ? -2.784  -14.618 3.330   1.00 11.36 ? 135 LEU A CB    1 
ATOM   459  C  CG    . LEU A 1 56  ? -3.374  -15.917 2.836   1.00 11.90 ? 135 LEU A CG    1 
ATOM   460  C  CD1   . LEU A 1 56  ? -2.207  -16.702 2.172   1.00 16.81 ? 135 LEU A CD1   1 
ATOM   461  C  CD2   . LEU A 1 56  ? -4.007  -16.733 3.975   1.00 16.53 ? 135 LEU A CD2   1 
ATOM   462  N  N     . PHE A 1 57  ? -2.819  -11.328 3.627   1.00 11.40 ? 136 PHE A N     1 
ATOM   463  C  CA    . PHE A 1 57  ? -2.292  -10.108 4.231   1.00 13.60 ? 136 PHE A CA    1 
ATOM   464  C  C     . PHE A 1 57  ? -3.399  -9.468  5.071   1.00 15.11 ? 136 PHE A C     1 
ATOM   465  O  O     . PHE A 1 57  ? -3.141  -9.032  6.178   1.00 13.02 ? 136 PHE A O     1 
ATOM   466  C  CB    . PHE A 1 57  ? -1.847  -9.145  3.162   1.00 13.35 ? 136 PHE A CB    1 
ATOM   467  C  CG    . PHE A 1 57  ? -1.140  -7.955  3.724   1.00 13.77 ? 136 PHE A CG    1 
ATOM   468  C  CD1   . PHE A 1 57  ? 0.165   -8.128  4.177   1.00 16.21 ? 136 PHE A CD1   1 
ATOM   469  C  CD2   . PHE A 1 57  ? -1.739  -6.704  3.810   1.00 13.52 ? 136 PHE A CD2   1 
ATOM   470  C  CE1   . PHE A 1 57  ? 0.918   -7.064  4.709   1.00 18.19 ? 136 PHE A CE1   1 
ATOM   471  C  CE2   . PHE A 1 57  ? -1.022  -5.664  4.334   1.00 13.91 ? 136 PHE A CE2   1 
ATOM   472  C  CZ    . PHE A 1 57  ? 0.317   -5.830  4.785   1.00 14.03 ? 136 PHE A CZ    1 
ATOM   473  N  N     . SER A 1 58  ? -4.639  -9.501  4.560   1.00 14.17 ? 137 SER A N     1 
ATOM   474  C  CA    . SER A 1 58  ? -5.789  -8.972  5.335   1.00 14.52 ? 137 SER A CA    1 
ATOM   475  C  C     . SER A 1 58  ? -6.082  -9.783  6.594   1.00 15.70 ? 137 SER A C     1 
ATOM   476  O  O     . SER A 1 58  ? -6.598  -9.200  7.581   1.00 17.74 ? 137 SER A O     1 
ATOM   477  C  CB    . SER A 1 58  ? -7.078  -8.839  4.505   1.00 13.76 ? 137 SER A CB    1 
ATOM   478  O  OG    . SER A 1 58  ? -7.648  -10.105 4.182   1.00 13.76 ? 137 SER A OG    1 
ATOM   479  N  N     . LYS A 1 59  ? -5.798  -11.074 6.602   1.00 12.34 ? 138 LYS A N     1 
ATOM   480  C  CA    . LYS A 1 59  ? -6.006  -11.908 7.826   1.00 13.40 ? 138 LYS A CA    1 
ATOM   481  C  C     . LYS A 1 59  ? -4.963  -11.604 8.927   1.00 14.45 ? 138 LYS A C     1 
ATOM   482  O  O     . LYS A 1 59  ? -5.316  -11.661 10.154  1.00 16.45 ? 138 LYS A O     1 
ATOM   483  C  CB    . LYS A 1 59  ? -5.962  -13.380 7.425   1.00 14.48 ? 138 LYS A CB    1 
ATOM   484  C  CG    . LYS A 1 59  ? -7.213  -13.773 6.624   1.00 17.59 ? 138 LYS A CG    1 
ATOM   485  C  CD    . LYS A 1 59  ? -7.232  -15.291 6.294   1.00 21.30 ? 138 LYS A CD    1 
ATOM   486  C  CE    . LYS A 1 59  ? -8.590  -15.849 6.015   1.00 29.60 ? 138 LYS A CE    1 
ATOM   487  N  NZ    . LYS A 1 59  ? -8.382  -17.332 5.880   1.00 32.99 ? 138 LYS A NZ    1 
ATOM   488  N  N     . PHE A 1 60  ? -3.729  -11.241 8.552   1.00 12.96 ? 139 PHE A N     1 
ATOM   489  C  CA    . PHE A 1 60  ? -2.664  -11.184 9.508   1.00 12.57 ? 139 PHE A CA    1 
ATOM   490  C  C     . PHE A 1 60  ? -2.224  -9.755  9.841   1.00 11.91 ? 139 PHE A C     1 
ATOM   491  O  O     . PHE A 1 60  ? -1.376  -9.567  10.755  1.00 13.90 ? 139 PHE A O     1 
ATOM   492  C  CB    . PHE A 1 60  ? -1.467  -12.030 9.035   1.00 12.60 ? 139 PHE A CB    1 
ATOM   493  C  CG    . PHE A 1 60  ? -1.753  -13.500 9.072   1.00 10.28 ? 139 PHE A CG    1 
ATOM   494  C  CD1   . PHE A 1 60  ? -2.071  -14.140 10.286  1.00 11.83 ? 139 PHE A CD1   1 
ATOM   495  C  CD2   . PHE A 1 60  ? -1.607  -14.263 7.912   1.00 13.02 ? 139 PHE A CD2   1 
ATOM   496  C  CE1   . PHE A 1 60  ? -2.391  -15.529 10.283  1.00 11.94 ? 139 PHE A CE1   1 
ATOM   497  C  CE2   . PHE A 1 60  ? -1.902  -15.679 7.930   1.00 13.64 ? 139 PHE A CE2   1 
ATOM   498  C  CZ    . PHE A 1 60  ? -2.237  -16.289 9.122   1.00 14.34 ? 139 PHE A CZ    1 
ATOM   499  N  N     . TYR A 1 61  ? -2.791  -8.727  9.162   1.00 11.60 ? 140 TYR A N     1 
ATOM   500  C  CA    . TYR A 1 61  ? -2.319  -7.382  9.408   1.00 11.64 ? 140 TYR A CA    1 
ATOM   501  C  C     . TYR A 1 61  ? -2.620  -7.035  10.907  1.00 12.76 ? 140 TYR A C     1 
ATOM   502  O  O     . TYR A 1 61  ? -3.752  -7.209  11.308  1.00 12.69 ? 140 TYR A O     1 
ATOM   503  C  CB    . TYR A 1 61  ? -3.015  -6.401  8.446   1.00 10.90 ? 140 TYR A CB    1 
ATOM   504  C  CG    . TYR A 1 61  ? -2.302  -5.063  8.451   1.00 10.68 ? 140 TYR A CG    1 
ATOM   505  C  CD1   . TYR A 1 61  ? -1.055  -4.939  7.841   1.00 11.10 ? 140 TYR A CD1   1 
ATOM   506  C  CD2   . TYR A 1 61  ? -2.911  -3.913  8.976   1.00 12.07 ? 140 TYR A CD2   1 
ATOM   507  C  CE1   . TYR A 1 61  ? -0.347  -3.685  7.832   1.00 13.45 ? 140 TYR A CE1   1 
ATOM   508  C  CE2   . TYR A 1 61  ? -2.249  -2.684  8.941   1.00 10.33 ? 140 TYR A CE2   1 
ATOM   509  C  CZ    . TYR A 1 61  ? -0.961  -2.591  8.374   1.00 12.09 ? 140 TYR A CZ    1 
ATOM   510  O  OH    . TYR A 1 61  ? -0.356  -1.365  8.307   1.00 14.25 ? 140 TYR A OH    1 
ATOM   511  N  N     . PRO A 1 62  ? -1.585  -6.620  11.657  1.00 13.59 ? 141 PRO A N     1 
ATOM   512  C  CA    . PRO A 1 62  ? -1.734  -6.618  13.133  1.00 14.76 ? 141 PRO A CA    1 
ATOM   513  C  C     . PRO A 1 62  ? -2.355  -5.399  13.729  1.00 15.76 ? 141 PRO A C     1 
ATOM   514  O  O     . PRO A 1 62  ? -2.463  -5.387  14.937  1.00 17.48 ? 141 PRO A O     1 
ATOM   515  C  CB    . PRO A 1 62  ? -0.268  -6.775  13.653  1.00 15.19 ? 141 PRO A CB    1 
ATOM   516  C  CG    . PRO A 1 62  ? 0.520   -6.057  12.588  1.00 15.67 ? 141 PRO A CG    1 
ATOM   517  C  CD    . PRO A 1 62  ? -0.159  -6.544  11.276  1.00 15.50 ? 141 PRO A CD    1 
ATOM   518  N  N     . SEC A 1 63  ? -2.778  -4.397  12.971  1.00 13.53 ? 142 SEC A N     1 
ATOM   519  C  CA    . SEC A 1 63  ? -3.595  -3.282  13.538  1.00 12.90 ? 142 SEC A CA    1 
ATOM   520  C  CB    . SEC A 1 63  ? -3.248  -2.030  12.689  1.00 11.47 ? 142 SEC A CB    1 
ATOM   521  SE SE    . SEC A 1 63  ? -4.625  -0.667  12.986  0.94 15.44 ? 142 SEC A SE    1 
ATOM   522  C  C     . SEC A 1 63  ? -4.990  -3.821  13.232  1.00 13.73 ? 142 SEC A C     1 
ATOM   523  O  O     . SEC A 1 63  ? -5.349  -3.922  12.048  1.00 14.37 ? 142 SEC A O     1 
ATOM   524  N  N     . GLU A 1 64  ? -5.799  -4.178  14.249  1.00 15.77 ? 143 GLU A N     1 
ATOM   525  C  CA    . GLU A 1 64  ? -7.070  -4.872  14.092  1.00 18.18 ? 143 GLU A CA    1 
ATOM   526  C  C     . GLU A 1 64  ? -8.141  -4.005  13.394  1.00 16.28 ? 143 GLU A C     1 
ATOM   527  O  O     . GLU A 1 64  ? -8.763  -4.442  12.457  1.00 17.19 ? 143 GLU A O     1 
ATOM   528  C  CB    . GLU A 1 64  ? -7.599  -5.291  15.523  1.00 18.30 ? 143 GLU A CB    1 
ATOM   529  C  CG    . GLU A 1 64  ? -6.727  -6.275  16.348  1.00 21.00 ? 143 GLU A CG    1 
ATOM   530  C  CD    . GLU A 1 64  ? -5.490  -5.669  17.165  1.00 26.77 ? 143 GLU A CD    1 
ATOM   531  O  OE1   . GLU A 1 64  ? -5.241  -4.427  17.114  1.00 18.70 ? 143 GLU A OE1   1 
ATOM   532  O  OE2   . GLU A 1 64  ? -4.829  -6.506  17.894  1.00 27.24 ? 143 GLU A OE2   1 
ATOM   533  N  N     . GLU A 1 65  ? -8.206  -2.718  13.772  1.00 16.59 ? 144 GLU A N     1 
ATOM   534  C  CA    . GLU A 1 65  ? -9.146  -1.818  13.074  0.70 14.59 ? 144 GLU A CA    1 
ATOM   535  C  C     . GLU A 1 65  ? -8.782  -1.692  11.559  1.00 15.17 ? 144 GLU A C     1 
ATOM   536  O  O     . GLU A 1 65  ? -9.645  -1.749  10.700  1.00 16.35 ? 144 GLU A O     1 
ATOM   537  C  CB    . GLU A 1 65  ? -9.185  -0.474  13.776  0.70 16.28 ? 144 GLU A CB    1 
ATOM   538  C  CG    . GLU A 1 65  ? -10.108 0.508   13.194  0.70 18.96 ? 144 GLU A CG    1 
ATOM   539  C  CD    . GLU A 1 65  ? -10.162 1.796   14.056  0.70 25.70 ? 144 GLU A CD    1 
ATOM   540  O  OE1   . GLU A 1 65  ? -9.116  2.500   14.204  0.70 23.24 ? 144 GLU A OE1   1 
ATOM   541  O  OE2   . GLU A 1 65  ? -11.270 2.119   14.596  0.70 30.51 ? 144 GLU A OE2   1 
ATOM   542  N  N     . SEC A 1 66  ? -7.469  -1.668  11.279  1.00 13.99 ? 145 SEC A N     1 
ATOM   543  C  CA    . SEC A 1 66  ? -7.014  -1.550  9.884   1.00 14.20 ? 145 SEC A CA    1 
ATOM   544  C  CB    . SEC A 1 66  ? -5.461  -1.377  9.824   1.00 13.12 ? 145 SEC A CB    1 
ATOM   545  SE SE    . SEC A 1 66  ? -4.814  0.186   10.826  0.94 14.56 ? 145 SEC A SE    1 
ATOM   546  C  C     . SEC A 1 66  ? -7.302  -2.818  9.115   1.00 15.32 ? 145 SEC A C     1 
ATOM   547  O  O     . SEC A 1 66  ? -7.705  -2.751  7.947   1.00 16.44 ? 145 SEC A O     1 
ATOM   548  N  N     . ALA A 1 67  ? -7.052  -3.999  9.738   1.00 15.02 ? 146 ALA A N     1 
ATOM   549  C  CA    . ALA A 1 67  ? -7.306  -5.285  9.106   1.00 16.23 ? 146 ALA A CA    1 
ATOM   550  C  C     . ALA A 1 67  ? -8.797  -5.497  8.839   1.00 15.76 ? 146 ALA A C     1 
ATOM   551  O  O     . ALA A 1 67  ? -9.161  -6.005  7.808   1.00 16.24 ? 146 ALA A O     1 
ATOM   552  C  CB    . ALA A 1 67  ? -6.788  -6.445  9.973   1.00 13.85 ? 146 ALA A CB    1 
ATOM   553  N  N     . GLU A 1 68  ? -9.645  -5.133  9.773   1.00 18.77 ? 147 GLU A N     1 
ATOM   554  C  CA    . GLU A 1 68  ? -11.099 -5.177  9.540   1.00 20.68 ? 147 GLU A CA    1 
ATOM   555  C  C     . GLU A 1 68  ? -11.542 -4.287  8.375   1.00 20.37 ? 147 GLU A C     1 
ATOM   556  O  O     . GLU A 1 68  ? -12.351 -4.689  7.522   1.00 20.66 ? 147 GLU A O     1 
ATOM   557  C  CB    . GLU A 1 68  ? -11.766 -4.725  10.827  1.00 19.82 ? 147 GLU A CB    1 
ATOM   558  C  CG    . GLU A 1 68  ? -13.265 -4.897  10.837  1.00 28.64 ? 147 GLU A CG    1 
ATOM   559  C  CD    . GLU A 1 68  ? -13.772 -4.857  12.283  1.00 37.71 ? 147 GLU A CD    1 
ATOM   560  O  OE1   . GLU A 1 68  ? -14.314 -5.893  12.734  1.00 43.45 ? 147 GLU A OE1   1 
ATOM   561  O  OE2   . GLU A 1 68  ? -13.572 -3.814  12.982  1.00 41.51 ? 147 GLU A OE2   1 
ATOM   562  N  N     . ASP A 1 69  ? -11.005 -3.075  8.359   1.00 20.04 ? 148 ASP A N     1 
ATOM   563  C  CA    . ASP A 1 69  ? -11.331 -2.138  7.283   1.00 19.98 ? 148 ASP A CA    1 
ATOM   564  C  C     . ASP A 1 69  ? -10.896 -2.813  5.963   1.00 20.62 ? 148 ASP A C     1 
ATOM   565  O  O     . ASP A 1 69  ? -11.651 -2.888  4.957   1.00 20.75 ? 148 ASP A O     1 
ATOM   566  C  CB    . ASP A 1 69  ? -10.599 -0.791  7.546   1.00 21.43 ? 148 ASP A CB    1 
ATOM   567  C  CG    . ASP A 1 69  ? -10.852 0.238   6.450   1.00 23.42 ? 148 ASP A CG    1 
ATOM   568  O  OD1   . ASP A 1 69  ? -11.856 0.943   6.543   1.00 24.44 ? 148 ASP A OD1   1 
ATOM   569  O  OD2   . ASP A 1 69  ? -9.993  0.335   5.495   1.00 33.91 ? 148 ASP A OD2   1 
ATOM   570  N  N     . LEU A 1 70  ? -9.685  -3.371  5.922   1.00 18.38 ? 149 LEU A N     1 
ATOM   571  C  CA    . LEU A 1 70  ? -9.226  -4.048  4.695   1.00 17.57 ? 149 LEU A CA    1 
ATOM   572  C  C     . LEU A 1 70  ? -10.121 -5.252  4.246   1.00 17.16 ? 149 LEU A C     1 
ATOM   573  O  O     . LEU A 1 70  ? -10.489 -5.373  3.094   1.00 17.02 ? 149 LEU A O     1 
ATOM   574  C  CB    . LEU A 1 70  ? -7.766  -4.492  4.860   1.00 17.28 ? 149 LEU A CB    1 
ATOM   575  C  CG    . LEU A 1 70  ? -7.211  -5.135  3.566   1.00 16.05 ? 149 LEU A CG    1 
ATOM   576  C  CD1   . LEU A 1 70  ? -7.295  -4.232  2.264   1.00 15.60 ? 149 LEU A CD1   1 
ATOM   577  C  CD2   . LEU A 1 70  ? -5.794  -5.671  3.713   1.00 17.19 ? 149 LEU A CD2   1 
ATOM   578  N  N     . ARG A 1 71  ? -10.485 -6.090  5.201   1.00 17.99 ? 150 ARG A N     1 
ATOM   579  C  CA    . ARG A 1 71  ? -11.308 -7.254  4.932   1.00 18.84 ? 150 ARG A CA    1 
ATOM   580  C  C     . ARG A 1 71  ? -12.650 -6.805  4.390   1.00 20.56 ? 150 ARG A C     1 
ATOM   581  O  O     . ARG A 1 71  ? -13.180 -7.397  3.445   1.00 17.71 ? 150 ARG A O     1 
ATOM   582  C  CB    . ARG A 1 71  ? -11.403 -8.055  6.219   1.00 18.80 ? 150 ARG A CB    1 
ATOM   583  C  CG    . ARG A 1 71  ? -10.172 -8.977  6.325   1.00 22.26 ? 150 ARG A CG    1 
ATOM   584  C  CD    . ARG A 1 71  ? -10.244 -10.032 7.414   1.00 25.35 ? 150 ARG A CD    1 
ATOM   585  N  NE    . ARG A 1 71  ? -10.748 -9.494  8.679   1.00 25.98 ? 150 ARG A NE    1 
ATOM   586  C  CZ    . ARG A 1 71  ? -10.000 -9.207  9.747   1.00 29.68 ? 150 ARG A CZ    1 
ATOM   587  N  NH1   . ARG A 1 71  ? -8.674  -9.364  9.743   1.00 25.82 ? 150 ARG A NH1   1 
ATOM   588  N  NH2   . ARG A 1 71  ? -10.621 -8.726  10.835  1.00 29.41 ? 150 ARG A NH2   1 
ATOM   589  N  N     . LYS A 1 72  ? -13.174 -5.693  4.910   1.00 19.32 ? 151 LYS A N     1 
ATOM   590  C  CA    . LYS A 1 72  ? -14.440 -5.207  4.355   1.00 22.04 ? 151 LYS A CA    1 
ATOM   591  C  C     . LYS A 1 72  ? -14.352 -4.740  2.911   1.00 21.18 ? 151 LYS A C     1 
ATOM   592  O  O     . LYS A 1 72  ? -15.223 -5.020  2.084   1.00 21.22 ? 151 LYS A O     1 
ATOM   593  C  CB    . LYS A 1 72  ? -15.095 -4.210  5.296   1.00 22.11 ? 151 LYS A CB    1 
ATOM   594  C  CG    . LYS A 1 72  ? -15.595 -4.966  6.512   1.00 27.20 ? 151 LYS A CG    1 
ATOM   595  C  CD    . LYS A 1 72  ? -17.084 -4.702  6.747   1.00 34.24 ? 151 LYS A CD    1 
ATOM   596  C  CE    . LYS A 1 72  ? -17.313 -3.443  7.596   1.00 33.92 ? 151 LYS A CE    1 
ATOM   597  N  NZ    . LYS A 1 72  ? -16.550 -3.538  8.879   1.00 35.98 ? 151 LYS A NZ    1 
ATOM   598  N  N     . ARG A 1 73  ? -13.299 -4.018  2.608   1.00 19.34 ? 152 ARG A N     1 
ATOM   599  C  CA    . ARG A 1 73  ? -13.093 -3.557  1.283   1.00 19.38 ? 152 ARG A CA    1 
ATOM   600  C  C     . ARG A 1 73  ? -12.925 -4.707  0.313   1.00 21.49 ? 152 ARG A C     1 
ATOM   601  O  O     . ARG A 1 73  ? -13.566 -4.689  -0.719  1.00 22.83 ? 152 ARG A O     1 
ATOM   602  C  CB    . ARG A 1 73  ? -11.920 -2.593  1.231   1.00 20.16 ? 152 ARG A CB    1 
ATOM   603  C  CG    . ARG A 1 73  ? -12.261 -1.319  1.984   1.00 17.17 ? 152 ARG A CG    1 
ATOM   604  C  CD    . ARG A 1 73  ? -11.154 -0.296  1.859   1.00 21.82 ? 152 ARG A CD    1 
ATOM   605  N  NE    . ARG A 1 73  ? -11.396 0.588   2.932   1.00 16.97 ? 152 ARG A NE    1 
ATOM   606  C  CZ    . ARG A 1 73  ? -12.312 1.535   2.955   1.00 16.68 ? 152 ARG A CZ    1 
ATOM   607  N  NH1   . ARG A 1 73  ? -13.055 1.815   1.881   1.00 18.66 ? 152 ARG A NH1   1 
ATOM   608  N  NH2   . ARG A 1 73  ? -12.428 2.190   4.119   1.00 17.73 ? 152 ARG A NH2   1 
ATOM   609  N  N     . LEU A 1 74  ? -12.096 -5.702  0.632   1.00 20.57 ? 153 LEU A N     1 
ATOM   610  C  CA    . LEU A 1 74  ? -11.783 -6.806  -0.310  1.00 23.49 ? 153 LEU A CA    1 
ATOM   611  C  C     . LEU A 1 74  ? -13.049 -7.634  -0.605  1.00 25.39 ? 153 LEU A C     1 
ATOM   612  O  O     . LEU A 1 74  ? -13.238 -8.062  -1.710  1.00 27.31 ? 153 LEU A O     1 
ATOM   613  C  CB    . LEU A 1 74  ? -10.644 -7.674  0.259   1.00 21.68 ? 153 LEU A CB    1 
ATOM   614  C  CG    . LEU A 1 74  ? -9.284  -6.985  0.396   1.00 18.33 ? 153 LEU A CG    1 
ATOM   615  C  CD1   . LEU A 1 74  ? -8.323  -7.856  1.220   1.00 18.86 ? 153 LEU A CD1   1 
ATOM   616  C  CD2   . LEU A 1 74  ? -8.732  -6.686  -1.037  1.00 23.30 ? 153 LEU A CD2   1 
ATOM   617  N  N     . ALA A 1 75  ? -13.923 -7.823  0.381   1.00 26.96 ? 154 ALA A N     1 
ATOM   618  C  CA    . ALA A 1 75  ? -15.272 -8.358  0.131   1.00 28.14 ? 154 ALA A CA    1 
ATOM   619  C  C     . ALA A 1 75  ? -16.107 -7.567  -0.906  1.00 28.55 ? 154 ALA A C     1 
ATOM   620  O  O     . ALA A 1 75  ? -16.807 -8.200  -1.718  1.00 29.90 ? 154 ALA A O     1 
ATOM   621  C  CB    . ALA A 1 75  ? -16.020 -8.491  1.439   1.00 27.89 ? 154 ALA A CB    1 
ATOM   622  N  N     . ARG A 1 76  ? -16.043 -6.231  -0.907  1.00 27.93 ? 155 ARG A N     1 
ATOM   623  C  CA    . ARG A 1 76  ? -16.812 -5.364  -1.860  1.00 29.76 ? 155 ARG A CA    1 
ATOM   624  C  C     . ARG A 1 76  ? -16.109 -5.127  -3.223  1.00 30.80 ? 155 ARG A C     1 
ATOM   625  O  O     . ARG A 1 76  ? -16.687 -4.576  -4.168  1.00 31.47 ? 155 ARG A O     1 
ATOM   626  C  CB    . ARG A 1 76  ? -17.043 -3.969  -1.262  1.00 28.67 ? 155 ARG A CB    1 
ATOM   627  C  CG    . ARG A 1 76  ? -17.974 -3.799  -0.014  1.00 28.67 ? 155 ARG A CG    1 
ATOM   628  C  CD    . ARG A 1 76  ? -18.481 -2.322  -0.013  1.00 30.16 ? 155 ARG A CD    1 
ATOM   629  N  NE    . ARG A 1 76  ? -17.382 -1.333  0.106   1.00 30.88 ? 155 ARG A NE    1 
ATOM   630  C  CZ    . ARG A 1 76  ? -16.932 -0.816  1.255   1.00 31.05 ? 155 ARG A CZ    1 
ATOM   631  N  NH1   . ARG A 1 76  ? -17.481 -1.148  2.445   1.00 32.73 ? 155 ARG A NH1   1 
ATOM   632  N  NH2   . ARG A 1 76  ? -15.943 0.061   1.213   1.00 27.51 ? 155 ARG A NH2   1 
ATOM   633  N  N     . ASN A 1 77  ? -14.844 -5.507  -3.304  1.00 31.17 ? 156 ASN A N     1 
ATOM   634  C  CA    . ASN A 1 77  ? -13.993 -5.008  -4.360  1.00 31.56 ? 156 ASN A CA    1 
ATOM   635  C  C     . ASN A 1 77  ? -12.758 -5.944  -4.335  1.00 30.64 ? 156 ASN A C     1 
ATOM   636  O  O     . ASN A 1 77  ? -11.699 -5.624  -3.738  1.00 31.67 ? 156 ASN A O     1 
ATOM   637  C  CB    . ASN A 1 77  ? -13.775 -3.479  -4.100  1.00 32.65 ? 156 ASN A CB    1 
ATOM   638  C  CG    . ASN A 1 77  ? -12.401 -2.922  -4.537  1.00 35.96 ? 156 ASN A CG    1 
ATOM   639  O  OD1   . ASN A 1 77  ? -12.196 -2.523  -5.718  1.00 36.57 ? 156 ASN A OD1   1 
ATOM   640  N  ND2   . ASN A 1 77  ? -11.498 -2.768  -3.549  1.00 39.04 ? 156 ASN A ND2   1 
ATOM   641  N  N     . HIS A 1 78  ? -12.949 -7.130  -4.931  1.00 28.49 ? 157 HIS A N     1 
ATOM   642  C  CA    . HIS A 1 78  ? -11.905 -8.139  -5.025  1.00 27.35 ? 157 HIS A CA    1 
ATOM   643  C  C     . HIS A 1 78  ? -10.737 -7.561  -5.825  1.00 23.13 ? 157 HIS A C     1 
ATOM   644  O  O     . HIS A 1 78  ? -10.942 -6.737  -6.703  1.00 21.48 ? 157 HIS A O     1 
ATOM   645  C  CB    . HIS A 1 78  ? -12.417 -9.452  -5.629  1.00 28.83 ? 157 HIS A CB    1 
ATOM   646  C  CG    . HIS A 1 78  ? -13.839 -9.766  -5.266  1.00 34.87 ? 157 HIS A CG    1 
ATOM   647  N  ND1   . HIS A 1 78  ? -14.239 -10.063 -3.976  1.00 37.46 ? 157 HIS A ND1   1 
ATOM   648  C  CD2   . HIS A 1 78  ? -14.960 -9.822  -6.031  1.00 39.36 ? 157 HIS A CD2   1 
ATOM   649  C  CE1   . HIS A 1 78  ? -15.546 -10.276 -3.963  1.00 40.00 ? 157 HIS A CE1   1 
ATOM   650  N  NE2   . HIS A 1 78  ? -16.006 -10.142 -5.196  1.00 37.29 ? 157 HIS A NE2   1 
ATOM   651  N  N     . PRO A 1 79  ? -9.499  -7.959  -5.470  1.00 21.82 ? 158 PRO A N     1 
ATOM   652  C  CA    . PRO A 1 79  ? -8.354  -7.510  -6.234  1.00 19.61 ? 158 PRO A CA    1 
ATOM   653  C  C     . PRO A 1 79  ? -8.370  -7.971  -7.703  1.00 18.29 ? 158 PRO A C     1 
ATOM   654  O  O     . PRO A 1 79  ? -8.614  -9.156  -7.941  1.00 17.86 ? 158 PRO A O     1 
ATOM   655  C  CB    . PRO A 1 79  ? -7.160  -8.173  -5.503  1.00 20.74 ? 158 PRO A CB    1 
ATOM   656  C  CG    . PRO A 1 79  ? -7.682  -9.343  -4.913  1.00 22.69 ? 158 PRO A CG    1 
ATOM   657  C  CD    . PRO A 1 79  ? -9.120  -9.001  -4.496  1.00 21.73 ? 158 PRO A CD    1 
ATOM   658  N  N     . ASP A 1 80  ? -8.115  -7.050  -8.633  1.00 16.65 ? 159 ASP A N     1 
ATOM   659  C  CA    . ASP A 1 80  ? -7.912  -7.387  -10.012 1.00 15.43 ? 159 ASP A CA    1 
ATOM   660  C  C     . ASP A 1 80  ? -6.460  -7.714  -10.248 1.00 14.91 ? 159 ASP A C     1 
ATOM   661  O  O     . ASP A 1 80  ? -5.614  -6.837  -10.368 1.00 16.50 ? 159 ASP A O     1 
ATOM   662  C  CB    . ASP A 1 80  ? -8.345  -6.274  -10.908 1.00 17.20 ? 159 ASP A CB    1 
ATOM   663  C  CG    . ASP A 1 80  ? -8.342  -6.706  -12.379 1.00 14.58 ? 159 ASP A CG    1 
ATOM   664  O  OD1   . ASP A 1 80  ? -7.922  -7.849  -12.745 1.00 15.45 ? 159 ASP A OD1   1 
ATOM   665  O  OD2   . ASP A 1 80  ? -8.927  -5.945  -13.214 1.00 21.21 ? 159 ASP A OD2   1 
ATOM   666  N  N     . THR A 1 81  ? -6.209  -9.013  -10.335 1.00 14.31 ? 160 THR A N     1 
ATOM   667  C  CA    . THR A 1 81  ? -4.835  -9.446  -10.515 1.00 15.26 ? 160 THR A CA    1 
ATOM   668  C  C     . THR A 1 81  ? -4.557  -9.927  -11.924 1.00 15.35 ? 160 THR A C     1 
ATOM   669  O  O     . THR A 1 81  ? -3.543  -10.620 -12.186 1.00 15.16 ? 160 THR A O     1 
ATOM   670  C  CB    . THR A 1 81  ? -4.460  -10.536 -9.485  1.00 14.19 ? 160 THR A CB    1 
ATOM   671  O  OG1   . THR A 1 81  ? -5.245  -11.688 -9.701  1.00 14.85 ? 160 THR A OG1   1 
ATOM   672  C  CG2   . THR A 1 81  ? -4.723  -10.046 -8.031  1.00 16.92 ? 160 THR A CG2   1 
ATOM   673  N  N     . ARG A 1 82  ? -5.414  -9.571  -12.858 1.00 15.76 ? 161 ARG A N     1 
ATOM   674  C  CA    . ARG A 1 82  ? -5.275  -10.065 -14.244 1.00 15.79 ? 161 ARG A CA    1 
ATOM   675  C  C     . ARG A 1 82  ? -3.987  -9.629  -14.955 1.00 13.41 ? 161 ARG A C     1 
ATOM   676  O  O     . ARG A 1 82  ? -3.455  -10.347 -15.800 1.00 14.26 ? 161 ARG A O     1 
ATOM   677  C  CB    . ARG A 1 82  ? -6.517  -9.710  -15.030 1.00 18.88 ? 161 ARG A CB    1 
ATOM   678  C  CG    . ARG A 1 82  ? -7.676  -10.695 -14.657 1.00 21.25 ? 161 ARG A CG    1 
ATOM   679  C  CD    . ARG A 1 82  ? -8.988  -10.391 -15.295 1.00 25.06 ? 161 ARG A CD    1 
ATOM   680  N  NE    . ARG A 1 82  ? -9.390  -9.038  -15.008 1.00 21.63 ? 161 ARG A NE    1 
ATOM   681  C  CZ    . ARG A 1 82  ? -10.460 -8.461  -15.567 1.00 30.08 ? 161 ARG A CZ    1 
ATOM   682  N  NH1   . ARG A 1 82  ? -11.254 -9.130  -16.416 1.00 26.76 ? 161 ARG A NH1   1 
ATOM   683  N  NH2   . ARG A 1 82  ? -10.721 -7.209  -15.290 1.00 29.03 ? 161 ARG A NH2   1 
ATOM   684  N  N     . THR A 1 83  ? -3.513  -8.423  -14.644 1.00 12.19 ? 162 THR A N     1 
ATOM   685  C  CA    . THR A 1 83  ? -2.295  -7.842  -15.282 1.00 12.16 ? 162 THR A CA    1 
ATOM   686  C  C     . THR A 1 83  ? -1.671  -6.836  -14.319 1.00 12.89 ? 162 THR A C     1 
ATOM   687  O  O     . THR A 1 83  ? -2.319  -6.343  -13.378 1.00 12.75 ? 162 THR A O     1 
ATOM   688  C  CB    . THR A 1 83  ? -2.578  -7.057  -16.574 1.00 12.15 ? 162 THR A CB    1 
ATOM   689  O  OG1   . THR A 1 83  ? -3.392  -5.904  -16.237 1.00 14.16 ? 162 THR A OG1   1 
ATOM   690  C  CG2   . THR A 1 83  ? -3.394  -7.915  -17.540 1.00 14.93 ? 162 THR A CG2   1 
ATOM   691  N  N     . ARG A 1 84  ? -0.399  -6.533  -14.558 1.00 12.33 ? 163 ARG A N     1 
ATOM   692  C  CA    . ARG A 1 84  ? 0.287   -5.482  -13.841 1.00 12.71 ? 163 ARG A CA    1 
ATOM   693  C  C     . ARG A 1 84  ? -0.512  -4.167  -13.820 1.00 13.02 ? 163 ARG A C     1 
ATOM   694  O  O     . ARG A 1 84  ? -0.686  -3.559  -12.765 1.00 14.83 ? 163 ARG A O     1 
ATOM   695  C  CB    . ARG A 1 84  ? 1.728   -5.329  -14.374 1.00 11.42 ? 163 ARG A CB    1 
ATOM   696  C  CG    . ARG A 1 84  ? 2.523   -4.348  -13.465 1.00 13.63 ? 163 ARG A CG    1 
ATOM   697  C  CD    . ARG A 1 84  ? 3.743   -3.814  -14.181 1.00 14.95 ? 163 ARG A CD    1 
ATOM   698  N  NE    . ARG A 1 84  ? 3.377   -2.989  -15.346 1.00 15.68 ? 163 ARG A NE    1 
ATOM   699  C  CZ    . ARG A 1 84  ? 2.924   -1.719  -15.424 1.00 22.49 ? 163 ARG A CZ    1 
ATOM   700  N  NH1   . ARG A 1 84  ? 2.689   -0.944  -14.376 1.00 26.12 ? 163 ARG A NH1   1 
ATOM   701  N  NH2   . ARG A 1 84  ? 2.618   -1.217  -16.635 1.00 29.89 ? 163 ARG A NH2   1 
ATOM   702  N  N     . ALA A 1 85  ? -0.961  -3.766  -15.000 1.00 14.25 ? 164 ALA A N     1 
ATOM   703  C  CA    . ALA A 1 85  ? -1.675  -2.478  -15.187 1.00 13.09 ? 164 ALA A CA    1 
ATOM   704  C  C     . ALA A 1 85  ? -2.937  -2.503  -14.302 1.00 13.27 ? 164 ALA A C     1 
ATOM   705  O  O     . ALA A 1 85  ? -3.112  -1.614  -13.487 1.00 13.96 ? 164 ALA A O     1 
ATOM   706  C  CB    . ALA A 1 85  ? -2.038  -2.282  -16.653 1.00 14.79 ? 164 ALA A CB    1 
ATOM   707  N  N     . ALA A 1 86  ? -3.668  -3.605  -14.345 1.00 12.98 ? 165 ALA A N     1 
ATOM   708  C  CA    . ALA A 1 86  ? -4.916  -3.683  -13.595 1.00 13.22 ? 165 ALA A CA    1 
ATOM   709  C  C     . ALA A 1 86  ? -4.631  -3.744  -12.119 1.00 12.95 ? 165 ALA A C     1 
ATOM   710  O  O     . ALA A 1 86  ? -5.348  -3.073  -11.340 1.00 14.37 ? 165 ALA A O     1 
ATOM   711  C  CB    . ALA A 1 86  ? -5.735  -4.888  -14.041 1.00 13.75 ? 165 ALA A CB    1 
ATOM   712  N  N     . PHE A 1 87  ? -3.611  -4.490  -11.726 1.00 11.92 ? 166 PHE A N     1 
ATOM   713  C  CA    . PHE A 1 87  ? -3.409  -4.674  -10.284 1.00 11.17 ? 166 PHE A CA    1 
ATOM   714  C  C     . PHE A 1 87  ? -2.788  -3.426  -9.634  1.00 10.12 ? 166 PHE A C     1 
ATOM   715  O  O     . PHE A 1 87  ? -3.144  -3.040  -8.461  1.00 11.37 ? 166 PHE A O     1 
ATOM   716  C  CB    . PHE A 1 87  ? -2.436  -5.856  -10.104 1.00 13.11 ? 166 PHE A CB    1 
ATOM   717  C  CG    . PHE A 1 87  ? -2.237  -6.264  -8.685  1.00 13.82 ? 166 PHE A CG    1 
ATOM   718  C  CD1   . PHE A 1 87  ? -3.344  -6.489  -7.805  1.00 15.71 ? 166 PHE A CD1   1 
ATOM   719  C  CD2   . PHE A 1 87  ? -0.934  -6.482  -8.204  1.00 15.50 ? 166 PHE A CD2   1 
ATOM   720  C  CE1   . PHE A 1 87  ? -3.085  -6.921  -6.446  1.00 14.61 ? 166 PHE A CE1   1 
ATOM   721  C  CE2   . PHE A 1 87  ? -0.707  -6.856  -6.952  1.00 14.30 ? 166 PHE A CE2   1 
ATOM   722  C  CZ    . PHE A 1 87  ? -1.745  -7.083  -6.052  1.00 13.84 ? 166 PHE A CZ    1 
ATOM   723  N  N     . THR A 1 88  ? -1.781  -2.834  -10.260 1.00 11.40 ? 167 THR A N     1 
ATOM   724  C  CA    . THR A 1 88  ? -1.226  -1.587  -9.778  1.00 10.41 ? 167 THR A CA    1 
ATOM   725  C  C     . THR A 1 88  ? -2.321  -0.516  -9.616  1.00 10.86 ? 167 THR A C     1 
ATOM   726  O  O     . THR A 1 88  ? -2.327  0.227   -8.649  1.00 12.56 ? 167 THR A O     1 
ATOM   727  C  CB    . THR A 1 88  ? -0.069  -1.049  -10.679 1.00 12.01 ? 167 THR A CB    1 
ATOM   728  O  OG1   . THR A 1 88  ? -0.512  -1.013  -12.023 1.00 12.96 ? 167 THR A OG1   1 
ATOM   729  C  CG2   . THR A 1 88  ? 1.219   -1.998  -10.601 1.00 12.77 ? 167 THR A CG2   1 
ATOM   730  N  N     . GLN A 1 89  ? -3.227  -0.449  -10.591 1.00 13.11 ? 168 GLN A N     1 
ATOM   731  C  CA    . GLN A 1 89  ? -4.282  0.581   -10.491 1.00 12.05 ? 168 GLN A CA    1 
ATOM   732  C  C     . GLN A 1 89  ? -5.273  0.220   -9.384  1.00 11.47 ? 168 GLN A C     1 
ATOM   733  O  O     . GLN A 1 89  ? -5.606  1.116   -8.597  1.00 12.60 ? 168 GLN A O     1 
ATOM   734  C  CB    . GLN A 1 89  ? -5.013  0.745   -11.850 1.00 13.37 ? 168 GLN A CB    1 
ATOM   735  C  CG    . GLN A 1 89  ? -4.117  1.381   -12.950 1.00 14.45 ? 168 GLN A CG    1 
ATOM   736  C  CD    . GLN A 1 89  ? -3.700  2.828   -12.566 1.00 14.70 ? 168 GLN A CD    1 
ATOM   737  O  OE1   . GLN A 1 89  ? -4.596  3.653   -12.368 1.00 16.89 ? 168 GLN A OE1   1 
ATOM   738  N  NE2   . GLN A 1 89  ? -2.427  3.135   -12.495 1.00 16.68 ? 168 GLN A NE2   1 
ATOM   739  N  N     . TRP A 1 90  ? -5.677  -1.045  -9.308  1.00 12.13 ? 169 TRP A N     1 
ATOM   740  C  CA    . TRP A 1 90  ? -6.596  -1.562  -8.324  1.00 11.09 ? 169 TRP A CA    1 
ATOM   741  C  C     . TRP A 1 90  ? -6.052  -1.222  -6.922  1.00 11.79 ? 169 TRP A C     1 
ATOM   742  O  O     . TRP A 1 90  ? -6.764  -0.675  -6.058  1.00 13.82 ? 169 TRP A O     1 
ATOM   743  C  CB    . TRP A 1 90  ? -6.861  -3.083  -8.495  1.00 12.97 ? 169 TRP A CB    1 
ATOM   744  C  CG    . TRP A 1 90  ? -7.542  -3.597  -7.263  1.00 13.02 ? 169 TRP A CG    1 
ATOM   745  C  CD1   . TRP A 1 90  ? -8.893  -3.525  -6.988  1.00 18.34 ? 169 TRP A CD1   1 
ATOM   746  C  CD2   . TRP A 1 90  ? -6.914  -4.094  -6.092  1.00 15.83 ? 169 TRP A CD2   1 
ATOM   747  N  NE1   . TRP A 1 90  ? -9.131  -4.014  -5.732  1.00 16.87 ? 169 TRP A NE1   1 
ATOM   748  C  CE2   . TRP A 1 90  ? -7.941  -4.369  -5.144  1.00 16.75 ? 169 TRP A CE2   1 
ATOM   749  C  CE3   . TRP A 1 90  ? -5.589  -4.365  -5.732  1.00 15.30 ? 169 TRP A CE3   1 
ATOM   750  C  CZ2   . TRP A 1 90  ? -7.638  -4.865  -3.836  1.00 13.89 ? 169 TRP A CZ2   1 
ATOM   751  C  CZ3   . TRP A 1 90  ? -5.311  -4.897  -4.441  1.00 18.27 ? 169 TRP A CZ3   1 
ATOM   752  C  CH2   . TRP A 1 90  ? -6.332  -5.128  -3.520  1.00 17.82 ? 169 TRP A CH2   1 
ATOM   753  N  N     . LEU A 1 91  ? -4.757  -1.496  -6.720  1.00 11.56 ? 170 LEU A N     1 
ATOM   754  C  CA    . LEU A 1 91  ? -4.190  -1.227  -5.428  1.00 12.00 ? 170 LEU A CA    1 
ATOM   755  C  C     . LEU A 1 91  ? -4.095  0.281   -5.084  1.00 10.75 ? 170 LEU A C     1 
ATOM   756  O  O     . LEU A 1 91  ? -4.287  0.700   -3.929  1.00 12.31 ? 170 LEU A O     1 
ATOM   757  C  CB    . LEU A 1 91  ? -2.808  -1.902  -5.366  1.00 11.79 ? 170 LEU A CB    1 
ATOM   758  C  CG    . LEU A 1 91  ? -2.030  -1.788  -4.056  1.00 11.77 ? 170 LEU A CG    1 
ATOM   759  C  CD1   . LEU A 1 91  ? -2.708  -2.327  -2.862  1.00 15.48 ? 170 LEU A CD1   1 
ATOM   760  C  CD2   . LEU A 1 91  ? -0.821  -2.744  -4.279  1.00 14.23 ? 170 LEU A CD2   1 
ATOM   761  N  N     . SEC A 1 92  ? -3.785  1.116   -6.087  1.00 11.00 ? 171 SEC A N     1 
ATOM   762  C  CA    . SEC A 1 92  ? -3.868  2.584   -5.932  1.00 9.98  ? 171 SEC A CA    1 
ATOM   763  C  CB    . SEC A 1 92  ? -3.476  3.277   -7.243  1.00 14.72 ? 171 SEC A CB    1 
ATOM   764  SE SE    . SEC A 1 92  ? -3.396  5.214   -7.007  0.94 13.52 ? 171 SEC A SE    1 
ATOM   765  C  C     . SEC A 1 92  ? -5.246  3.021   -5.503  1.00 12.24 ? 171 SEC A C     1 
ATOM   766  O  O     . SEC A 1 92  ? -5.396  3.862   -4.563  1.00 12.73 ? 171 SEC A O     1 
ATOM   767  N  N     . HIS A 1 93  ? -6.281  2.474   -6.151  1.00 10.21 ? 172 HIS A N     1 
ATOM   768  C  CA    . HIS A 1 93  ? -7.640  3.023   -5.879  1.00 11.88 ? 172 HIS A CA    1 
ATOM   769  C  C     . HIS A 1 93  ? -7.985  2.547   -4.445  1.00 12.37 ? 172 HIS A C     1 
ATOM   770  O  O     . HIS A 1 93  ? -8.635  3.316   -3.666  1.00 12.95 ? 172 HIS A O     1 
ATOM   771  C  CB    . HIS A 1 93  ? -8.646  2.536   -6.965  1.00 13.77 ? 172 HIS A CB    1 
ATOM   772  C  CG    . HIS A 1 93  ? -8.504  3.243   -8.289  1.00 14.33 ? 172 HIS A CG    1 
ATOM   773  N  ND1   . HIS A 1 93  ? -8.591  4.619   -8.386  1.00 15.99 ? 172 HIS A ND1   1 
ATOM   774  C  CD2   . HIS A 1 93  ? -8.232  2.799   -9.553  1.00 15.82 ? 172 HIS A CD2   1 
ATOM   775  C  CE1   . HIS A 1 93  ? -8.405  4.995   -9.643  1.00 19.91 ? 172 HIS A CE1   1 
ATOM   776  N  NE2   . HIS A 1 93  ? -8.156  3.908   -10.363 1.00 18.57 ? 172 HIS A NE2   1 
ATOM   777  N  N     . LEU A 1 94  ? -7.569  1.332   -4.063  1.00 10.95 ? 173 LEU A N     1 
ATOM   778  C  CA    . LEU A 1 94  ? -7.813  0.865   -2.655  1.00 12.10 ? 173 LEU A CA    1 
ATOM   779  C  C     . LEU A 1 94  ? -7.088  1.764   -1.661  1.00 11.63 ? 173 LEU A C     1 
ATOM   780  O  O     . LEU A 1 94  ? -7.652  2.194   -0.659  1.00 11.09 ? 173 LEU A O     1 
ATOM   781  C  CB    . LEU A 1 94  ? -7.232  -0.533  -2.472  1.00 12.14 ? 173 LEU A CB    1 
ATOM   782  C  CG    . LEU A 1 94  ? -7.357  -1.081  -1.065  1.00 15.02 ? 173 LEU A CG    1 
ATOM   783  C  CD1   . LEU A 1 94  ? -8.803  -1.420  -0.841  1.00 20.03 ? 173 LEU A CD1   1 
ATOM   784  C  CD2   . LEU A 1 94  ? -6.442  -2.288  -0.804  1.00 14.23 ? 173 LEU A CD2   1 
ATOM   785  N  N     . HIS A 1 95  ? -5.798  1.969   -1.855  1.00 10.96 ? 174 HIS A N     1 
ATOM   786  C  CA    . HIS A 1 95  ? -5.039  2.911   -1.018  1.00 11.01 ? 174 HIS A CA    1 
ATOM   787  C  C     . HIS A 1 95  ? -5.775  4.271   -0.897  1.00 10.39 ? 174 HIS A C     1 
ATOM   788  O  O     . HIS A 1 95  ? -5.877  4.865   0.220   1.00 9.29  ? 174 HIS A O     1 
ATOM   789  C  CB    . HIS A 1 95  ? -3.577  3.013   -1.475  1.00 10.75 ? 174 HIS A CB    1 
ATOM   790  C  CG    . HIS A 1 95  ? -2.668  3.742   -0.523  1.00 11.30 ? 174 HIS A CG    1 
ATOM   791  N  ND1   . HIS A 1 95  ? -1.290  3.660   -0.654  1.00 10.59 ? 174 HIS A ND1   1 
ATOM   792  C  CD2   . HIS A 1 95  ? -2.878  4.470   0.626   1.00 9.20  ? 174 HIS A CD2   1 
ATOM   793  C  CE1   . HIS A 1 95  ? -0.700  4.342   0.304   1.00 11.96 ? 174 HIS A CE1   1 
ATOM   794  N  NE2   . HIS A 1 95  ? -1.630  4.843   1.107   1.00 12.38 ? 174 HIS A NE2   1 
ATOM   795  N  N     . ASN A 1 96  ? -6.291  4.745   -2.032  1.00 11.25 ? 175 ASN A N     1 
ATOM   796  C  CA    . ASN A 1 96  ? -7.101  6.018   -2.010  1.00 11.46 ? 175 ASN A CA    1 
ATOM   797  C  C     . ASN A 1 96  ? -8.340  5.914   -1.149  1.00 11.88 ? 175 ASN A C     1 
ATOM   798  O  O     . ASN A 1 96  ? -8.717  6.948   -0.502  1.00 11.74 ? 175 ASN A O     1 
ATOM   799  C  CB    . ASN A 1 96  ? -7.370  6.559   -3.414  1.00 11.43 ? 175 ASN A CB    1 
ATOM   800  C  CG    . ASN A 1 96  ? -6.247  7.298   -3.975  1.00 11.57 ? 175 ASN A CG    1 
ATOM   801  O  OD1   . ASN A 1 96  ? -6.168  7.433   -5.228  1.00 15.66 ? 175 ASN A OD1   1 
ATOM   802  N  ND2   . ASN A 1 96  ? -5.382  7.861   -3.159  1.00 7.03  ? 175 ASN A ND2   1 
ATOM   803  N  N     . GLU A 1 97  ? -8.977  4.762   -1.137  1.00 11.12 ? 176 GLU A N     1 
ATOM   804  C  CA    . GLU A 1 97  ? -10.124 4.620   -0.211  1.00 11.63 ? 176 GLU A CA    1 
ATOM   805  C  C     . GLU A 1 97  ? -9.711  4.820   1.223   1.00 11.70 ? 176 GLU A C     1 
ATOM   806  O  O     . GLU A 1 97  ? -10.426 5.542   2.020   1.00 13.26 ? 176 GLU A O     1 
ATOM   807  C  CB    . GLU A 1 97  ? -10.846 3.280   -0.342  1.00 12.26 ? 176 GLU A CB    1 
ATOM   808  C  CG    . GLU A 1 97  ? -11.380 3.039   -1.747  1.00 12.35 ? 176 GLU A CG    1 
ATOM   809  C  CD    . GLU A 1 97  ? -12.122 1.756   -1.801  1.00 15.15 ? 176 GLU A CD    1 
ATOM   810  O  OE1   . GLU A 1 97  ? -12.374 1.072   -0.799  1.00 17.33 ? 176 GLU A OE1   1 
ATOM   811  O  OE2   . GLU A 1 97  ? -12.436 1.380   -2.937  1.00 23.72 ? 176 GLU A OE2   1 
ATOM   812  N  N     . VAL A 1 98  ? -8.565  4.255   1.587   1.00 10.66 ? 177 VAL A N     1 
ATOM   813  C  CA    . VAL A 1 98  ? -8.083  4.437   2.947   1.00 10.24 ? 177 VAL A CA    1 
ATOM   814  C  C     . VAL A 1 98  ? -7.680  5.883   3.207   1.00 11.35 ? 177 VAL A C     1 
ATOM   815  O  O     . VAL A 1 98  ? -7.964  6.433   4.305   1.00 11.82 ? 177 VAL A O     1 
ATOM   816  C  CB    . VAL A 1 98  ? -6.925  3.448   3.256   1.00 10.53 ? 177 VAL A CB    1 
ATOM   817  C  CG1   . VAL A 1 98  ? -6.337  3.644   4.676   1.00 12.02 ? 177 VAL A CG1   1 
ATOM   818  C  CG2   . VAL A 1 98  ? -7.410  2.005   3.060   1.00 11.37 ? 177 VAL A CG2   1 
ATOM   819  N  N     . ASN A 1 99  ? -6.944  6.510   2.270   1.00 11.20 ? 178 ASN A N     1 
ATOM   820  C  CA    . ASN A 1 99  ? -6.566  7.947   2.353   1.00 11.33 ? 178 ASN A CA    1 
ATOM   821  C  C     . ASN A 1 99  ? -7.815  8.781   2.601   1.00 14.23 ? 178 ASN A C     1 
ATOM   822  O  O     . ASN A 1 99  ? -7.836  9.575   3.620   1.00 12.81 ? 178 ASN A O     1 
ATOM   823  C  CB    . ASN A 1 99  ? -5.896  8.457   1.052   1.00 14.08 ? 178 ASN A CB    1 
ATOM   824  C  CG    . ASN A 1 99  ? -4.566  7.822   0.792   1.00 12.68 ? 178 ASN A CG    1 
ATOM   825  O  OD1   . ASN A 1 99  ? -3.940  7.346   1.700   1.00 12.61 ? 178 ASN A OD1   1 
ATOM   826  N  ND2   . ASN A 1 99  ? -4.079  7.919   -0.446  1.00 12.62 ? 178 ASN A ND2   1 
ATOM   827  N  N     . ARG A 1 100 ? -8.875  8.546   1.809   1.00 12.23 ? 179 ARG A N     1 
ATOM   828  C  CA    . ARG A 1 100 ? -10.077 9.438   1.973   1.00 13.29 ? 179 ARG A CA    1 
ATOM   829  C  C     . ARG A 1 100 ? -10.711 9.164   3.369   1.00 11.61 ? 179 ARG A C     1 
ATOM   830  O  O     . ARG A 1 100 ? -11.143 10.113  4.092   1.00 10.86 ? 179 ARG A O     1 
ATOM   831  C  CB    . ARG A 1 100 ? -11.080 9.188   0.855   1.00 12.97 ? 179 ARG A CB    1 
ATOM   832  C  CG    . ARG A 1 100 ? -12.351 10.008  1.028   1.00 18.34 ? 179 ARG A CG    1 
ATOM   833  C  CD    . ARG A 1 100 ? -13.297 9.730   -0.122  1.00 24.18 ? 179 ARG A CD    1 
ATOM   834  N  NE    . ARG A 1 100 ? -14.514 10.588  -0.032  1.00 26.90 ? 179 ARG A NE    1 
ATOM   835  C  CZ    . ARG A 1 100 ? -14.540 11.916  -0.265  1.00 26.91 ? 179 ARG A CZ    1 
ATOM   836  N  NH1   . ARG A 1 100 ? -13.432 12.593  -0.585  1.00 26.55 ? 179 ARG A NH1   1 
ATOM   837  N  NH2   . ARG A 1 100 ? -15.695 12.603  -0.179  1.00 21.37 ? 179 ARG A NH2   1 
ATOM   838  N  N     . LYS A 1 101 ? -10.791 7.885   3.764   1.00 9.77  ? 180 LYS A N     1 
ATOM   839  C  CA    . LYS A 1 101 ? -11.287 7.552   5.130   1.00 9.68  ? 180 LYS A CA    1 
ATOM   840  C  C     . LYS A 1 101 ? -10.621 8.359   6.232   1.00 11.65 ? 180 LYS A C     1 
ATOM   841  O  O     . LYS A 1 101 ? -11.277 8.758   7.248   1.00 12.63 ? 180 LYS A O     1 
ATOM   842  C  CB    . LYS A 1 101 ? -11.068 6.000   5.346   1.00 10.54 ? 180 LYS A CB    1 
ATOM   843  C  CG    . LYS A 1 101 ? -11.373 5.597   6.743   1.00 12.26 ? 180 LYS A CG    1 
ATOM   844  C  CD    . LYS A 1 101 ? -10.905 4.165   7.028   1.00 14.98 ? 180 LYS A CD    1 
ATOM   845  C  CE    . LYS A 1 101 ? -11.462 3.714   8.389   1.00 18.01 ? 180 LYS A CE    1 
ATOM   846  N  NZ    . LYS A 1 101 ? -10.867 2.416   8.752   1.00 22.74 ? 180 LYS A NZ    1 
ATOM   847  N  N     . LEU A 1 102 ? -9.309  8.530   6.113   1.00 9.46  ? 181 LEU A N     1 
ATOM   848  C  CA    . LEU A 1 102 ? -8.420  9.176   7.106   1.00 11.63 ? 181 LEU A CA    1 
ATOM   849  C  C     . LEU A 1 102 ? -8.167  10.673  6.916   1.00 10.60 ? 181 LEU A C     1 
ATOM   850  O  O     . LEU A 1 102 ? -7.362  11.322  7.650   1.00 13.09 ? 181 LEU A O     1 
ATOM   851  C  CB    . LEU A 1 102 ? -7.052  8.440   7.163   1.00 13.42 ? 181 LEU A CB    1 
ATOM   852  C  CG    . LEU A 1 102 ? -7.145  6.954   7.394   1.00 10.70 ? 181 LEU A CG    1 
ATOM   853  C  CD1   . LEU A 1 102 ? -5.711  6.276   7.310   1.00 13.64 ? 181 LEU A CD1   1 
ATOM   854  C  CD2   . LEU A 1 102 ? -7.762  6.686   8.783   1.00 12.67 ? 181 LEU A CD2   1 
ATOM   855  N  N     . GLY A 1 103 ? -8.864  11.280  5.924   1.00 11.80 ? 182 GLY A N     1 
ATOM   856  C  CA    . GLY A 1 103 ? -8.741  12.716  5.738   1.00 13.47 ? 182 GLY A CA    1 
ATOM   857  C  C     . GLY A 1 103 ? -7.502  13.125  4.966   1.00 14.13 ? 182 GLY A C     1 
ATOM   858  O  O     . GLY A 1 103 ? -7.030  14.229  5.169   1.00 15.45 ? 182 GLY A O     1 
ATOM   859  N  N     . LYS A 1 104 ? -6.937  12.179  4.178   1.00 12.88 ? 183 LYS A N     1 
ATOM   860  C  CA    . LYS A 1 104 ? -5.741  12.426  3.394   1.00 13.43 ? 183 LYS A CA    1 
ATOM   861  C  C     . LYS A 1 104 ? -6.185  12.609  1.913   1.00 13.95 ? 183 LYS A C     1 
ATOM   862  O  O     . LYS A 1 104 ? -7.163  11.998  1.479   1.00 14.15 ? 183 LYS A O     1 
ATOM   863  C  CB    . LYS A 1 104 ? -4.850  11.175  3.493   1.00 12.69 ? 183 LYS A CB    1 
ATOM   864  C  CG    . LYS A 1 104 ? -4.311  10.958  4.837   1.00 12.62 ? 183 LYS A CG    1 
ATOM   865  C  CD    . LYS A 1 104 ? -3.428  9.655   4.851   1.00 12.62 ? 183 LYS A CD    1 
ATOM   866  C  CE    . LYS A 1 104 ? -3.160  9.108   6.219   1.00 13.16 ? 183 LYS A CE    1 
ATOM   867  N  NZ    . LYS A 1 104 ? -2.053  9.991   6.810   1.00 16.93 ? 183 LYS A NZ    1 
ATOM   868  N  N     . PRO A 1 105 ? -5.449  13.380  1.139   1.00 16.66 ? 184 PRO A N     1 
ATOM   869  C  CA    . PRO A 1 105 ? -5.909  13.556  -0.281  1.00 16.80 ? 184 PRO A CA    1 
ATOM   870  C  C     . PRO A 1 105 ? -5.634  12.319  -1.128  1.00 15.27 ? 184 PRO A C     1 
ATOM   871  O  O     . PRO A 1 105 ? -4.847  11.433  -0.706  1.00 15.92 ? 184 PRO A O     1 
ATOM   872  C  CB    . PRO A 1 105 ? -5.003  14.693  -0.843  1.00 17.79 ? 184 PRO A CB    1 
ATOM   873  C  CG    . PRO A 1 105 ? -3.978  14.983  0.190   1.00 19.07 ? 184 PRO A CG    1 
ATOM   874  C  CD    . PRO A 1 105 ? -4.249  14.157  1.472   1.00 17.78 ? 184 PRO A CD    1 
ATOM   875  N  N     . ASP A 1 106 ? -6.257  12.294  -2.306  1.00 16.08 ? 185 ASP A N     1 
ATOM   876  C  CA    . ASP A 1 106 ? -6.086  11.234  -3.279  1.00 16.90 ? 185 ASP A CA    1 
ATOM   877  C  C     . ASP A 1 106 ? -4.739  11.328  -3.912  1.00 16.10 ? 185 ASP A C     1 
ATOM   878  O  O     . ASP A 1 106 ? -4.255  12.411  -4.208  1.00 17.80 ? 185 ASP A O     1 
ATOM   879  C  CB    . ASP A 1 106 ? -7.158  11.279  -4.422  1.00 17.01 ? 185 ASP A CB    1 
ATOM   880  C  CG    . ASP A 1 106 ? -8.493  10.579  -4.071  1.00 22.49 ? 185 ASP A CG    1 
ATOM   881  O  OD1   . ASP A 1 106 ? -8.601  9.681   -3.171  1.00 21.29 ? 185 ASP A OD1   1 
ATOM   882  O  OD2   . ASP A 1 106 ? -9.503  10.950  -4.743  1.00 26.55 ? 185 ASP A OD2   1 
ATOM   883  N  N     . PHE A 1 107 ? -4.120  10.168  -4.076  1.00 13.15 ? 186 PHE A N     1 
ATOM   884  C  CA    . PHE A 1 107 ? -2.927  10.086  -4.878  1.00 13.83 ? 186 PHE A CA    1 
ATOM   885  C  C     . PHE A 1 107 ? -3.357  9.917   -6.305  1.00 12.58 ? 186 PHE A C     1 
ATOM   886  O  O     . PHE A 1 107 ? -4.283  9.191   -6.629  1.00 15.40 ? 186 PHE A O     1 
ATOM   887  C  CB    . PHE A 1 107 ? -2.108  8.893   -4.395  1.00 12.90 ? 186 PHE A CB    1 
ATOM   888  C  CG    . PHE A 1 107 ? -0.778  8.795   -5.014  1.00 13.08 ? 186 PHE A CG    1 
ATOM   889  C  CD1   . PHE A 1 107 ? 0.311   9.480   -4.436  1.00 13.30 ? 186 PHE A CD1   1 
ATOM   890  C  CD2   . PHE A 1 107 ? -0.584  8.036   -6.165  1.00 16.02 ? 186 PHE A CD2   1 
ATOM   891  C  CE1   . PHE A 1 107 ? 1.562   9.347   -4.977  1.00 16.98 ? 186 PHE A CE1   1 
ATOM   892  C  CE2   . PHE A 1 107 ? 0.706   7.940   -6.737  1.00 13.66 ? 186 PHE A CE2   1 
ATOM   893  C  CZ    . PHE A 1 107 ? 1.740   8.561   -6.147  1.00 14.72 ? 186 PHE A CZ    1 
ATOM   894  N  N     . ASP A 1 108 ? -2.694  10.633  -7.207  1.00 13.85 ? 187 ASP A N     1 
ATOM   895  C  CA    . ASP A 1 108 ? -3.028  10.535  -8.624  1.00 13.76 ? 187 ASP A CA    1 
ATOM   896  C  C     . ASP A 1 108 ? -2.543  9.198   -9.203  1.00 13.28 ? 187 ASP A C     1 
ATOM   897  O  O     . ASP A 1 108 ? -1.324  8.951   -9.249  1.00 13.06 ? 187 ASP A O     1 
ATOM   898  C  CB    . ASP A 1 108 ? -2.410  11.740  -9.334  1.00 14.31 ? 187 ASP A CB    1 
ATOM   899  C  CG    . ASP A 1 108 ? -2.598  11.721  -10.818 1.00 14.94 ? 187 ASP A CG    1 
ATOM   900  O  OD1   . ASP A 1 108 ? -2.993  10.680  -11.391 1.00 16.95 ? 187 ASP A OD1   1 
ATOM   901  O  OD2   . ASP A 1 108 ? -2.359  12.831  -11.369 1.00 17.87 ? 187 ASP A OD2   1 
ATOM   902  N  N     . SEC A 1 109 ? -3.470  8.304   -9.521  1.00 12.66 ? 188 SEC A N     1 
ATOM   903  C  CA    . SEC A 1 109 ? -3.139  6.951   -9.938  1.00 14.26 ? 188 SEC A CA    1 
ATOM   904  C  CB    . SEC A 1 109 ? -4.394  6.079   -10.092 1.00 13.68 ? 188 SEC A CB    1 
ATOM   905  SE SE    . SEC A 1 109 ? -5.173  5.780   -8.302  0.94 14.35 ? 188 SEC A SE    1 
ATOM   906  C  C     . SEC A 1 109 ? -2.308  6.918   -11.204 1.00 14.08 ? 188 SEC A C     1 
ATOM   907  O  O     . SEC A 1 109 ? -1.665  5.891   -11.494 1.00 13.32 ? 188 SEC A O     1 
ATOM   908  N  N     . SER A 1 110 ? -2.302  8.024   -11.955 1.00 13.42 ? 189 SER A N     1 
ATOM   909  C  CA    . SER A 1 110 ? -1.522  8.065   -13.217 1.00 14.79 ? 189 SER A CA    1 
ATOM   910  C  C     . SER A 1 110 ? -0.040  8.046   -12.874 1.00 15.34 ? 189 SER A C     1 
ATOM   911  O  O     . SER A 1 110 ? 0.800   7.741   -13.756 1.00 15.45 ? 189 SER A O     1 
ATOM   912  C  CB    . SER A 1 110 ? -1.926  9.295   -14.067 1.00 13.76 ? 189 SER A CB    1 
ATOM   913  O  OG    . SER A 1 110 ? -1.381  10.454  -13.547 1.00 16.81 ? 189 SER A OG    1 
ATOM   914  N  N     . LYS A 1 111 ? 0.290   8.418   -11.632 1.00 13.97 ? 190 LYS A N     1 
ATOM   915  C  CA    . LYS A 1 111 ? 1.669   8.500   -11.137 1.00 15.06 ? 190 LYS A CA    1 
ATOM   916  C  C     . LYS A 1 111 ? 2.215   7.189   -10.564 1.00 15.03 ? 190 LYS A C     1 
ATOM   917  O  O     . LYS A 1 111 ? 3.376   7.125   -10.153 1.00 13.72 ? 190 LYS A O     1 
ATOM   918  C  CB    . LYS A 1 111 ? 1.796   9.661   -10.130 1.00 16.78 ? 190 LYS A CB    1 
ATOM   919  C  CG    . LYS A 1 111 ? 1.329   11.013  -10.683 1.00 20.13 ? 190 LYS A CG    1 
ATOM   920  C  CD    . LYS A 1 111 ? 1.736   11.115  -12.206 1.00 27.26 ? 190 LYS A CD    1 
ATOM   921  C  CE    . LYS A 1 111 ? 1.236   12.408  -12.884 1.00 31.77 ? 190 LYS A CE    1 
ATOM   922  N  NZ    . LYS A 1 111 ? 0.845   12.093  -14.238 1.00 28.76 ? 190 LYS A NZ    1 
ATOM   923  N  N     . VAL A 1 112 ? 1.410   6.117   -10.560 1.00 13.88 ? 191 VAL A N     1 
ATOM   924  C  CA    . VAL A 1 112 ? 1.876   4.914   -9.793  1.00 16.53 ? 191 VAL A CA    1 
ATOM   925  C  C     . VAL A 1 112 ? 3.147   4.256   -10.362 1.00 14.19 ? 191 VAL A C     1 
ATOM   926  O  O     . VAL A 1 112 ? 3.997   3.757   -9.578  1.00 15.19 ? 191 VAL A O     1 
ATOM   927  C  CB    . VAL A 1 112 ? 0.826   3.815   -9.611  1.00 15.16 ? 191 VAL A CB    1 
ATOM   928  C  CG1   . VAL A 1 112 ? -0.351  4.316   -8.771  1.00 18.97 ? 191 VAL A CG1   1 
ATOM   929  C  CG2   . VAL A 1 112 ? 0.432   3.201   -10.933 1.00 20.04 ? 191 VAL A CG2   1 
ATOM   930  N  N     . ASP A 1 113 ? 3.325   4.282   -11.679 1.00 14.49 ? 192 ASP A N     1 
ATOM   931  C  CA    . ASP A 1 113 ? 4.540   3.621   -12.232 1.00 14.69 ? 192 ASP A CA    1 
ATOM   932  C  C     . ASP A 1 113 ? 5.771   4.473   -11.907 1.00 14.88 ? 192 ASP A C     1 
ATOM   933  O  O     . ASP A 1 113 ? 6.855   3.917   -11.582 1.00 16.59 ? 192 ASP A O     1 
ATOM   934  C  CB    . ASP A 1 113 ? 4.500   3.432   -13.739 1.00 16.97 ? 192 ASP A CB    1 
ATOM   935  C  CG    . ASP A 1 113 ? 3.313   2.495   -14.298 1.00 20.64 ? 192 ASP A CG    1 
ATOM   936  O  OD1   . ASP A 1 113 ? 2.550   1.804   -13.564 1.00 22.72 ? 192 ASP A OD1   1 
ATOM   937  O  OD2   . ASP A 1 113 ? 3.130   2.550   -15.554 1.00 26.46 ? 192 ASP A OD2   1 
ATOM   938  N  N     . GLU A 1 114 ? 5.674   5.781   -12.019 1.00 12.57 ? 193 GLU A N     1 
ATOM   939  C  CA    . GLU A 1 114 ? 6.733   6.709   -11.602 1.00 14.03 ? 193 GLU A CA    1 
ATOM   940  C  C     . GLU A 1 114 ? 7.077   6.563   -10.128 1.00 14.23 ? 193 GLU A C     1 
ATOM   941  O  O     . GLU A 1 114 ? 8.230   6.361   -9.768  1.00 15.82 ? 193 GLU A O     1 
ATOM   942  C  CB    . GLU A 1 114 ? 6.361   8.142   -11.913 1.00 13.89 ? 193 GLU A CB    1 
ATOM   943  C  CG    . GLU A 1 114 ? 6.541   8.399   -13.401 1.00 16.95 ? 193 GLU A CG    1 
ATOM   944  C  CD    . GLU A 1 114 ? 5.979   9.699   -13.790 1.00 16.86 ? 193 GLU A CD    1 
ATOM   945  O  OE1   . GLU A 1 114 ? 6.738   10.705  -13.790 1.00 19.19 ? 193 GLU A OE1   1 
ATOM   946  O  OE2   . GLU A 1 114 ? 4.767   9.804   -14.001 1.00 19.28 ? 193 GLU A OE2   1 
ATOM   947  N  N     . ARG A 1 115 ? 6.052   6.661   -9.315  1.00 13.58 ? 194 ARG A N     1 
ATOM   948  C  CA    . ARG A 1 115 ? 6.240   6.558   -7.863  1.00 11.76 ? 194 ARG A CA    1 
ATOM   949  C  C     . ARG A 1 115 ? 6.903   5.269   -7.337  1.00 12.53 ? 194 ARG A C     1 
ATOM   950  O  O     . ARG A 1 115 ? 7.777   5.317   -6.449  1.00 13.08 ? 194 ARG A O     1 
ATOM   951  C  CB    . ARG A 1 115 ? 4.846   6.696   -7.185  1.00 12.30 ? 194 ARG A CB    1 
ATOM   952  C  CG    . ARG A 1 115 ? 4.822   6.594   -5.640  1.00 14.92 ? 194 ARG A CG    1 
ATOM   953  C  CD    . ARG A 1 115 ? 5.731   7.620   -4.990  1.00 11.27 ? 194 ARG A CD    1 
ATOM   954  N  NE    . ARG A 1 115 ? 5.827   7.438   -3.510  1.00 13.41 ? 194 ARG A NE    1 
ATOM   955  C  CZ    . ARG A 1 115 ? 6.720   6.653   -2.912  1.00 13.82 ? 194 ARG A CZ    1 
ATOM   956  N  NH1   . ARG A 1 115 ? 7.581   5.908   -3.617  1.00 13.38 ? 194 ARG A NH1   1 
ATOM   957  N  NH2   . ARG A 1 115 ? 6.807   6.605   -1.578  1.00 13.90 ? 194 ARG A NH2   1 
ATOM   958  N  N     . TRP A 1 116 ? 6.466   4.126   -7.887  1.00 12.13 ? 195 TRP A N     1 
ATOM   959  C  CA    . TRP A 1 116 ? 6.897   2.877   -7.294  1.00 12.57 ? 195 TRP A CA    1 
ATOM   960  C  C     . TRP A 1 116 ? 7.869   2.081   -8.117  1.00 15.02 ? 195 TRP A C     1 
ATOM   961  O  O     . TRP A 1 116 ? 8.437   1.116   -7.580  1.00 18.52 ? 195 TRP A O     1 
ATOM   962  C  CB    . TRP A 1 116 ? 5.697   2.046   -6.863  1.00 13.42 ? 195 TRP A CB    1 
ATOM   963  C  CG    . TRP A 1 116 ? 4.900   2.700   -5.747  1.00 11.34 ? 195 TRP A CG    1 
ATOM   964  C  CD1   . TRP A 1 116 ? 3.645   3.353   -5.788  1.00 10.97 ? 195 TRP A CD1   1 
ATOM   965  C  CD2   . TRP A 1 116 ? 5.334   2.857   -4.398  1.00 13.39 ? 195 TRP A CD2   1 
ATOM   966  N  NE1   . TRP A 1 116 ? 3.292   3.829   -4.534  1.00 11.35 ? 195 TRP A NE1   1 
ATOM   967  C  CE2   . TRP A 1 116 ? 4.310   3.545   -3.670  1.00 11.96 ? 195 TRP A CE2   1 
ATOM   968  C  CE3   . TRP A 1 116 ? 6.515   2.503   -3.735  1.00 12.11 ? 195 TRP A CE3   1 
ATOM   969  C  CZ2   . TRP A 1 116 ? 4.448   3.861   -2.321  1.00 10.20 ? 195 TRP A CZ2   1 
ATOM   970  C  CZ3   . TRP A 1 116 ? 6.633   2.762   -2.411  1.00 12.40 ? 195 TRP A CZ3   1 
ATOM   971  C  CH2   . TRP A 1 116 ? 5.611   3.455   -1.694  1.00 9.61  ? 195 TRP A CH2   1 
ATOM   972  N  N     . ARG A 1 117 ? 8.032   2.392   -9.388  1.00 13.63 ? 196 ARG A N     1 
ATOM   973  C  CA    . ARG A 1 117 ? 9.006   1.573   -10.138 1.00 14.36 ? 196 ARG A CA    1 
ATOM   974  C  C     . ARG A 1 117 ? 10.051  2.408   -10.936 1.00 14.48 ? 196 ARG A C     1 
ATOM   975  O  O     . ARG A 1 117 ? 11.271  2.178   -10.788 1.00 16.05 ? 196 ARG A O     1 
ATOM   976  C  CB    . ARG A 1 117 ? 8.275   0.704   -11.100 1.00 12.99 ? 196 ARG A CB    1 
ATOM   977  C  CG    . ARG A 1 117 ? 9.215   -0.267  -11.869 1.00 14.96 ? 196 ARG A CG    1 
ATOM   978  C  CD    . ARG A 1 117 ? 8.466   -1.154  -12.862 1.00 24.83 ? 196 ARG A CD    1 
ATOM   979  N  NE    . ARG A 1 117 ? 8.383   -0.414  -14.144 1.00 33.07 ? 196 ARG A NE    1 
ATOM   980  C  CZ    . ARG A 1 117 ? 7.645   -0.694  -15.248 1.00 37.59 ? 196 ARG A CZ    1 
ATOM   981  N  NH1   . ARG A 1 117 ? 6.778   -1.715  -15.321 1.00 36.37 ? 196 ARG A NH1   1 
ATOM   982  N  NH2   . ARG A 1 117 ? 7.772   0.096   -16.315 1.00 37.30 ? 196 ARG A NH2   1 
ATOM   983  N  N     . ASP A 1 118 ? 9.557   3.357   -11.724 1.00 14.00 ? 197 ASP A N     1 
ATOM   984  C  CA    . ASP A 1 118 ? 10.391  3.948   -12.756 1.00 15.95 ? 197 ASP A CA    1 
ATOM   985  C  C     . ASP A 1 118 ? 11.114  5.234   -12.309 1.00 17.65 ? 197 ASP A C     1 
ATOM   986  O  O     . ASP A 1 118 ? 12.140  5.602   -12.876 1.00 20.30 ? 197 ASP A O     1 
ATOM   987  C  CB    . ASP A 1 118 ? 9.559   4.236   -13.985 1.00 18.82 ? 197 ASP A CB    1 
ATOM   988  C  CG    . ASP A 1 118 ? 8.949   2.996   -14.607 1.00 16.11 ? 197 ASP A CG    1 
ATOM   989  O  OD1   . ASP A 1 118 ? 9.512   1.887   -14.560 1.00 20.69 ? 197 ASP A OD1   1 
ATOM   990  O  OD2   . ASP A 1 118 ? 7.842   3.114   -15.141 1.00 20.82 ? 197 ASP A OD2   1 
ATOM   991  N  N     . GLY A 1 119 ? 10.617  5.898   -11.266 1.00 15.63 ? 198 GLY A N     1 
ATOM   992  C  CA    . GLY A 1 119 ? 11.088  7.196   -10.906 1.00 17.49 ? 198 GLY A CA    1 
ATOM   993  C  C     . GLY A 1 119 ? 10.401  8.258   -11.737 1.00 18.33 ? 198 GLY A C     1 
ATOM   994  O  O     . GLY A 1 119 ? 9.991   8.038   -12.925 1.00 18.00 ? 198 GLY A O     1 
ATOM   995  N  N     . TRP A 1 120 ? 10.356  9.436   -11.144 1.00 18.77 ? 199 TRP A N     1 
ATOM   996  C  CA    . TRP A 1 120 ? 9.692   10.564  -11.780 1.00 21.08 ? 199 TRP A CA    1 
ATOM   997  C  C     . TRP A 1 120 ? 10.386  10.886  -13.114 1.00 22.01 ? 199 TRP A C     1 
ATOM   998  O  O     . TRP A 1 120 ? 11.613  10.869  -13.229 1.00 21.81 ? 199 TRP A O     1 
ATOM   999  C  CB    . TRP A 1 120 ? 9.682   11.750  -10.838 1.00 19.91 ? 199 TRP A CB    1 
ATOM   1000 C  CG    . TRP A 1 120 ? 9.053   11.402  -9.585  1.00 20.38 ? 199 TRP A CG    1 
ATOM   1001 C  CD1   . TRP A 1 120 ? 9.653   11.149  -8.399  1.00 20.02 ? 199 TRP A CD1   1 
ATOM   1002 C  CD2   . TRP A 1 120 ? 7.649   11.212  -9.384  1.00 19.52 ? 199 TRP A CD2   1 
ATOM   1003 N  NE1   . TRP A 1 120 ? 8.719   10.863  -7.464  1.00 16.70 ? 199 TRP A NE1   1 
ATOM   1004 C  CE2   . TRP A 1 120 ? 7.477   10.861  -8.030  1.00 18.02 ? 199 TRP A CE2   1 
ATOM   1005 C  CE3   . TRP A 1 120 ? 6.528   11.313  -10.224 1.00 21.64 ? 199 TRP A CE3   1 
ATOM   1006 C  CZ2   . TRP A 1 120 ? 6.217   10.604  -7.473  1.00 19.19 ? 199 TRP A CZ2   1 
ATOM   1007 C  CZ3   . TRP A 1 120 ? 5.236   11.037  -9.681  1.00 25.62 ? 199 TRP A CZ3   1 
ATOM   1008 C  CH2   . TRP A 1 120 ? 5.103   10.718  -8.296  1.00 18.25 ? 199 TRP A CH2   1 
ATOM   1009 N  N     . LYS A 1 121 ? 9.587   11.161  -14.136 1.00 23.89 ? 200 LYS A N     1 
ATOM   1010 C  CA    . LYS A 1 121 ? 10.158  11.463  -15.459 1.00 24.18 ? 200 LYS A CA    1 
ATOM   1011 C  C     . LYS A 1 121 ? 11.142  12.659  -15.532 1.00 25.39 ? 200 LYS A C     1 
ATOM   1012 O  O     . LYS A 1 121 ? 12.056  12.671  -16.408 1.00 26.09 ? 200 LYS A O     1 
ATOM   1013 C  CB    . LYS A 1 121 ? 9.023   11.566  -16.459 1.00 24.42 ? 200 LYS A CB    1 
ATOM   1014 C  CG    . LYS A 1 121 ? 8.536   10.200  -16.818 1.00 22.08 ? 200 LYS A CG    1 
ATOM   1015 C  CD    . LYS A 1 121 ? 7.129   10.240  -17.395 1.00 22.28 ? 200 LYS A CD    1 
ATOM   1016 C  CE    . LYS A 1 121 ? 6.813   8.949   -18.102 1.00 25.00 ? 200 LYS A CE    1 
ATOM   1017 N  NZ    . LYS A 1 121 ? 5.424   8.926   -18.586 1.00 24.74 ? 200 LYS A NZ    1 
ATOM   1018 N  N     . ASP A 1 122 ? 10.998  13.619  -14.609 1.00 26.56 ? 201 ASP A N     1 
ATOM   1019 C  CA    . ASP A 1 122 ? 11.949  14.738  -14.467 1.00 27.02 ? 201 ASP A CA    1 
ATOM   1020 C  C     . ASP A 1 122 ? 13.351  14.390  -13.925 1.00 27.43 ? 201 ASP A C     1 
ATOM   1021 O  O     . ASP A 1 122 ? 14.247  15.263  -13.868 1.00 28.97 ? 201 ASP A O     1 
ATOM   1022 C  CB    . ASP A 1 122 ? 11.291  15.858  -13.626 1.00 27.12 ? 201 ASP A CB    1 
ATOM   1023 C  CG    . ASP A 1 122 ? 11.089  15.475  -12.153 1.00 29.18 ? 201 ASP A CG    1 
ATOM   1024 O  OD1   . ASP A 1 122 ? 11.441  14.331  -11.733 1.00 32.71 ? 201 ASP A OD1   1 
ATOM   1025 O  OD2   . ASP A 1 122 ? 10.600  16.343  -11.403 1.00 26.57 ? 201 ASP A OD2   1 
ATOM   1026 N  N     . GLY A 1 123 ? 13.553  13.151  -13.490 1.00 25.99 ? 202 GLY A N     1 
ATOM   1027 C  CA    . GLY A 1 123 ? 14.892  12.751  -13.058 1.00 25.86 ? 202 GLY A CA    1 
ATOM   1028 C  C     . GLY A 1 123 ? 15.229  12.957  -11.596 1.00 24.86 ? 202 GLY A C     1 
ATOM   1029 O  O     . GLY A 1 123 ? 16.356  12.666  -11.194 1.00 26.13 ? 202 GLY A O     1 
ATOM   1030 N  N     . SER A 1 124 ? 14.237  13.391  -10.793 1.00 25.28 ? 203 SER A N     1 
ATOM   1031 C  CA    . SER A 1 124 ? 14.474  13.757  -9.382  1.00 25.22 ? 203 SER A CA    1 
ATOM   1032 C  C     . SER A 1 124 ? 14.753  12.538  -8.470  1.00 26.24 ? 203 SER A C     1 
ATOM   1033 O  O     . SER A 1 124 ? 15.039  12.699  -7.285  1.00 27.04 ? 203 SER A O     1 
ATOM   1034 C  CB    . SER A 1 124 ? 13.353  14.677  -8.807  1.00 26.32 ? 203 SER A CB    1 
ATOM   1035 O  OG    . SER A 1 124 ? 12.037  14.093  -8.866  1.00 24.51 ? 203 SER A OG    1 
ATOM   1036 N  N     . SEC A 1 125 ? 14.752  11.328  -9.022  1.00 27.11 ? 204 SEC A N     1 
ATOM   1037 C  CA    . SEC A 1 125 ? 15.083  10.121  -8.224  1.00 28.01 ? 204 SEC A CA    1 
ATOM   1038 C  CB    . SEC A 1 125 ? 14.174  8.896   -8.471  1.00 25.34 ? 204 SEC A CB    1 
ATOM   1039 SE SE    . SEC A 1 125 ? 12.410  9.485   -7.925  0.94 22.92 ? 204 SEC A SE    1 
ATOM   1040 C  C     . SEC A 1 125 ? 16.512  9.699   -8.407  1.00 31.04 ? 204 SEC A C     1 
ATOM   1041 O  O     . SEC A 1 125 ? 17.092  9.010   -7.538  1.00 32.92 ? 204 SEC A O     1 
ATOM   1042 N  N     . ASP A 1 126 ? 17.096  10.108  -9.525  1.00 34.19 ? 205 ASP A N     1 
ATOM   1043 C  CA    . ASP A 1 126 ? 18.527  9.912   -9.783  1.00 36.99 ? 205 ASP A CA    1 
ATOM   1044 C  C     . ASP A 1 126 ? 19.407  10.804  -8.899  1.00 37.16 ? 205 ASP A C     1 
ATOM   1045 O  O     . ASP A 1 126 ? 19.115  11.989  -8.733  1.00 38.49 ? 205 ASP A O     1 
ATOM   1046 C  CB    . ASP A 1 126 ? 18.831  10.169  -11.245 1.00 38.04 ? 205 ASP A CB    1 
ATOM   1047 C  CG    . ASP A 1 126 ? 17.931  9.365   -12.167 1.00 40.99 ? 205 ASP A CG    1 
ATOM   1048 O  OD1   . ASP A 1 126 ? 17.731  8.140   -11.900 1.00 46.37 ? 205 ASP A OD1   1 
ATOM   1049 O  OD2   . ASP A 1 126 ? 17.394  9.974   -13.136 1.00 43.98 ? 205 ASP A OD2   1 
HETATM 1050 P  PA    . FAD B 2 .   ? 0.596   6.311   3.570   1.00 13.20 ? 300 FAD A PA    1 
HETATM 1051 O  O1A   . FAD B 2 .   ? 1.247   5.357   4.456   1.00 11.48 ? 300 FAD A O1A   1 
HETATM 1052 O  O2A   . FAD B 2 .   ? -0.874  6.210   3.265   1.00 13.66 ? 300 FAD A O2A   1 
HETATM 1053 O  O5B   . FAD B 2 .   ? 1.288   6.254   2.144   1.00 11.17 ? 300 FAD A O5B   1 
HETATM 1054 C  C5B   . FAD B 2 .   ? 2.706   6.070   2.008   1.00 11.36 ? 300 FAD A C5B   1 
HETATM 1055 C  C4B   . FAD B 2 .   ? 3.133   6.636   0.641   1.00 11.70 ? 300 FAD A C4B   1 
HETATM 1056 O  O4B   . FAD B 2 .   ? 2.485   5.943   -0.440  1.00 11.60 ? 300 FAD A O4B   1 
HETATM 1057 C  C3B   . FAD B 2 .   ? 2.714   8.086   0.403   1.00 10.17 ? 300 FAD A C3B   1 
HETATM 1058 O  O3B   . FAD B 2 .   ? 3.593   8.977   1.045   1.00 13.73 ? 300 FAD A O3B   1 
HETATM 1059 C  C2B   . FAD B 2 .   ? 2.612   8.289   -1.099  1.00 10.88 ? 300 FAD A C2B   1 
HETATM 1060 O  O2B   . FAD B 2 .   ? 3.912   8.414   -1.688  1.00 13.38 ? 300 FAD A O2B   1 
HETATM 1061 C  C1B   . FAD B 2 .   ? 2.204   6.885   -1.519  1.00 10.86 ? 300 FAD A C1B   1 
HETATM 1062 N  N9A   . FAD B 2 .   ? 0.763   6.799   -1.819  1.00 11.77 ? 300 FAD A N9A   1 
HETATM 1063 C  C8A   . FAD B 2 .   ? -0.259  7.386   -1.110  1.00 13.92 ? 300 FAD A C8A   1 
HETATM 1064 N  N7A   . FAD B 2 .   ? -1.419  6.982   -1.638  1.00 11.64 ? 300 FAD A N7A   1 
HETATM 1065 C  C5A   . FAD B 2 .   ? -1.146  6.133   -2.702  1.00 12.01 ? 300 FAD A C5A   1 
HETATM 1066 C  C6A   . FAD B 2 .   ? -1.980  5.473   -3.597  1.00 14.14 ? 300 FAD A C6A   1 
HETATM 1067 N  N6A   . FAD B 2 .   ? -3.342  5.628   -3.539  1.00 11.37 ? 300 FAD A N6A   1 
HETATM 1068 N  N1A   . FAD B 2 .   ? -1.416  4.708   -4.566  1.00 12.95 ? 300 FAD A N1A   1 
HETATM 1069 C  C2A   . FAD B 2 .   ? -0.041  4.598   -4.607  1.00 10.59 ? 300 FAD A C2A   1 
HETATM 1070 N  N3A   . FAD B 2 .   ? 0.802   5.269   -3.791  1.00 10.09 ? 300 FAD A N3A   1 
HETATM 1071 C  C4A   . FAD B 2 .   ? 0.244   6.048   -2.771  1.00 10.78 ? 300 FAD A C4A   1 
HETATM 1072 N  N1    . FAD B 2 .   ? -4.682  3.501   9.399   1.00 13.95 ? 300 FAD A N1    1 
HETATM 1073 C  C2    . FAD B 2 .   ? -5.795  3.846   10.156  1.00 13.58 ? 300 FAD A C2    1 
HETATM 1074 O  O2    . FAD B 2 .   ? -5.660  4.794   11.049  1.00 15.61 ? 300 FAD A O2    1 
HETATM 1075 N  N3    . FAD B 2 .   ? -6.961  3.146   9.920   1.00 14.99 ? 300 FAD A N3    1 
HETATM 1076 C  C4    . FAD B 2 .   ? -7.012  2.151   9.050   1.00 9.67  ? 300 FAD A C4    1 
HETATM 1077 O  O4    . FAD B 2 .   ? -8.162  1.553   8.932   1.00 16.64 ? 300 FAD A O4    1 
HETATM 1078 C  C4X   . FAD B 2 .   ? -5.917  1.744   8.260   1.00 11.53 ? 300 FAD A C4X   1 
HETATM 1079 N  N5    . FAD B 2 .   ? -6.018  0.752   7.384   1.00 15.89 ? 300 FAD A N5    1 
HETATM 1080 C  C5X   . FAD B 2 .   ? -4.916  0.363   6.643   1.00 12.04 ? 300 FAD A C5X   1 
HETATM 1081 C  C6    . FAD B 2 .   ? -4.961  -0.693  5.760   1.00 14.68 ? 300 FAD A C6    1 
HETATM 1082 C  C7    . FAD B 2 .   ? -3.839  -1.067  5.042   1.00 13.73 ? 300 FAD A C7    1 
HETATM 1083 C  C7M   . FAD B 2 .   ? -3.932  -2.217  4.083   1.00 20.29 ? 300 FAD A C7M   1 
HETATM 1084 C  C8    . FAD B 2 .   ? -2.552  -0.435  5.352   1.00 12.65 ? 300 FAD A C8    1 
HETATM 1085 C  C8M   . FAD B 2 .   ? -1.239  -0.807  4.653   1.00 14.01 ? 300 FAD A C8M   1 
HETATM 1086 C  C9    . FAD B 2 .   ? -2.463  0.751   6.172   1.00 9.73  ? 300 FAD A C9    1 
HETATM 1087 C  C9A   . FAD B 2 .   ? -3.628  1.115   6.911   1.00 10.15 ? 300 FAD A C9A   1 
HETATM 1088 N  N10   . FAD B 2 .   ? -3.596  2.162   7.842   1.00 4.67  ? 300 FAD A N10   1 
HETATM 1089 C  C10   . FAD B 2 .   ? -4.721  2.465   8.502   1.00 7.81  ? 300 FAD A C10   1 
HETATM 1090 C  "C1'" . FAD B 2 .   ? -2.387  2.990   7.979   1.00 9.14  ? 300 FAD A "C1'" 1 
HETATM 1091 C  "C2'" . FAD B 2 .   ? -2.585  4.209   6.923   1.00 10.19 ? 300 FAD A "C2'" 1 
HETATM 1092 O  "O2'" . FAD B 2 .   ? -3.115  3.818   5.633   1.00 9.49  ? 300 FAD A "O2'" 1 
HETATM 1093 C  "C3'" . FAD B 2 .   ? -1.283  5.020   6.640   1.00 8.76  ? 300 FAD A "C3'" 1 
HETATM 1094 O  "O3'" . FAD B 2 .   ? -0.294  4.017   6.234   1.00 8.88  ? 300 FAD A "O3'" 1 
HETATM 1095 C  "C4'" . FAD B 2 .   ? -0.675  5.735   7.821   1.00 12.93 ? 300 FAD A "C4'" 1 
HETATM 1096 O  "O4'" . FAD B 2 .   ? -1.728  6.574   8.377   1.00 12.79 ? 300 FAD A "O4'" 1 
HETATM 1097 C  "C5'" . FAD B 2 .   ? 0.550   6.563   7.438   1.00 10.09 ? 300 FAD A "C5'" 1 
HETATM 1098 O  "O5'" . FAD B 2 .   ? 0.114   7.532   6.447   1.00 11.86 ? 300 FAD A "O5'" 1 
HETATM 1099 P  P     . FAD B 2 .   ? 1.104   8.385   5.491   1.00 13.63 ? 300 FAD A P     1 
HETATM 1100 O  O1P   . FAD B 2 .   ? 0.574   9.793   5.394   1.00 14.60 ? 300 FAD A O1P   1 
HETATM 1101 O  O2P   . FAD B 2 .   ? 2.487   8.298   5.993   1.00 14.63 ? 300 FAD A O2P   1 
HETATM 1102 O  O3P   . FAD B 2 .   ? 1.034   7.792   4.028   1.00 12.53 ? 300 FAD A O3P   1 
HETATM 1103 O  O     . HOH C 3 .   ? -3.507  6.035   4.173   1.00 13.52 ? 1   HOH A O     1 
HETATM 1104 O  O     . HOH C 3 .   ? 13.695  10.093  -11.391 1.00 19.36 ? 2   HOH A O     1 
HETATM 1105 O  O     . HOH C 3 .   ? 2.410   -0.131  -8.002  1.00 15.52 ? 3   HOH A O     1 
HETATM 1106 O  O     . HOH C 3 .   ? -0.134  0.116   -6.937  1.00 15.96 ? 4   HOH A O     1 
HETATM 1107 O  O     . HOH C 3 .   ? 2.760   -17.770 -8.509  1.00 19.24 ? 5   HOH A O     1 
HETATM 1108 O  O     . HOH C 3 .   ? -1.252  8.778   1.491   1.00 14.55 ? 6   HOH A O     1 
HETATM 1109 O  O     . HOH C 3 .   ? -11.072 12.701  3.317   1.00 14.89 ? 7   HOH A O     1 
HETATM 1110 O  O     . HOH C 3 .   ? -0.322  1.403   -13.329 1.00 17.95 ? 8   HOH A O     1 
HETATM 1111 O  O     . HOH C 3 .   ? -2.902  5.646   10.500  1.00 21.81 ? 9   HOH A O     1 
HETATM 1112 O  O     . HOH C 3 .   ? -7.743  -1.997  -12.207 1.00 16.42 ? 10  HOH A O     1 
HETATM 1113 O  O     . HOH C 3 .   ? 3.906   0.913   -10.017 1.00 17.74 ? 11  HOH A O     1 
HETATM 1114 O  O     . HOH C 3 .   ? -1.363  0.566   9.808   1.00 15.30 ? 12  HOH A O     1 
HETATM 1115 O  O     . HOH C 3 .   ? -10.393 5.357   -4.405  1.00 20.33 ? 13  HOH A O     1 
HETATM 1116 O  O     . HOH C 3 .   ? 0.080   -4.796  -17.481 1.00 15.15 ? 14  HOH A O     1 
HETATM 1117 O  O     . HOH C 3 .   ? 5.020   -2.966  16.410  1.00 14.68 ? 15  HOH A O     1 
HETATM 1118 O  O     . HOH C 3 .   ? 3.078   -19.809 -13.103 1.00 17.50 ? 16  HOH A O     1 
HETATM 1119 O  O     . HOH C 3 .   ? -1.040  -6.975  -20.170 1.00 22.07 ? 17  HOH A O     1 
HETATM 1120 O  O     . HOH C 3 .   ? -5.720  -9.028  18.009  1.00 22.83 ? 18  HOH A O     1 
HETATM 1121 O  O     . HOH C 3 .   ? 18.236  -3.257  17.272  1.00 20.10 ? 19  HOH A O     1 
HETATM 1122 O  O     . HOH C 3 .   ? -2.513  10.970  0.359   1.00 17.79 ? 20  HOH A O     1 
HETATM 1123 O  O     . HOH C 3 .   ? -1.274  9.199   9.231   1.00 21.05 ? 21  HOH A O     1 
HETATM 1124 O  O     . HOH C 3 .   ? 3.918   11.086  -1.808  1.00 20.10 ? 22  HOH A O     1 
HETATM 1125 O  O     . HOH C 3 .   ? 7.163   5.690   -16.087 1.00 18.90 ? 23  HOH A O     1 
HETATM 1126 O  O     . HOH C 3 .   ? 4.595   6.364   -16.126 1.00 20.94 ? 24  HOH A O     1 
HETATM 1127 O  O     . HOH C 3 .   ? -2.867  -19.267 -1.704  1.00 25.68 ? 25  HOH A O     1 
HETATM 1128 O  O     . HOH C 3 .   ? 4.528   8.794   4.294   1.00 20.46 ? 26  HOH A O     1 
HETATM 1129 O  O     . HOH C 3 .   ? 6.042   6.760   3.125   1.00 16.59 ? 27  HOH A O     1 
HETATM 1130 O  O     . HOH C 3 .   ? -13.036 6.057   1.631   1.00 17.81 ? 28  HOH A O     1 
HETATM 1131 O  O     . HOH C 3 .   ? 5.664   4.214   2.012   1.00 15.85 ? 29  HOH A O     1 
HETATM 1132 O  O     . HOH C 3 .   ? 3.632   7.088   -13.698 1.00 17.33 ? 30  HOH A O     1 
HETATM 1133 O  O     . HOH C 3 .   ? 6.318   8.360   0.704   1.00 17.10 ? 31  HOH A O     1 
HETATM 1134 O  O     . HOH C 3 .   ? -0.864  -21.347 -14.337 1.00 23.83 ? 32  HOH A O     1 
HETATM 1135 O  O     . HOH C 3 .   ? -6.828  -1.381  15.977  1.00 20.16 ? 33  HOH A O     1 
HETATM 1136 O  O     . HOH C 3 .   ? 3.318   -0.438  18.324  1.00 26.90 ? 34  HOH A O     1 
HETATM 1137 O  O     . HOH C 3 .   ? -7.845  -13.830 -12.552 1.00 20.62 ? 35  HOH A O     1 
HETATM 1138 O  O     . HOH C 3 .   ? 5.832   -6.554  -15.437 1.00 27.10 ? 36  HOH A O     1 
HETATM 1139 O  O     . HOH C 3 .   ? -10.994 7.509   -2.827  1.00 23.92 ? 37  HOH A O     1 
HETATM 1140 O  O     . HOH C 3 .   ? 7.666   3.447   8.295   1.00 19.94 ? 38  HOH A O     1 
HETATM 1141 O  O     . HOH C 3 .   ? -4.003  -1.298  16.081  1.00 19.03 ? 39  HOH A O     1 
HETATM 1142 O  O     . HOH C 3 .   ? 19.906  2.888   17.950  1.00 25.24 ? 40  HOH A O     1 
HETATM 1143 O  O     . HOH C 3 .   ? -8.829  11.071  -0.565  1.00 25.36 ? 41  HOH A O     1 
HETATM 1144 O  O     . HOH C 3 .   ? 16.175  11.900  -4.911  1.00 27.48 ? 42  HOH A O     1 
HETATM 1145 O  O     . HOH C 3 .   ? 4.707   -0.693  -12.411 1.00 24.55 ? 43  HOH A O     1 
HETATM 1146 O  O     . HOH C 3 .   ? 1.379   4.779   -13.698 1.00 24.48 ? 44  HOH A O     1 
HETATM 1147 O  O     . HOH C 3 .   ? -9.656  -0.411  -6.252  1.00 23.59 ? 45  HOH A O     1 
HETATM 1148 O  O     . HOH C 3 .   ? 8.320   15.278  23.708  1.00 28.09 ? 46  HOH A O     1 
HETATM 1149 O  O     . HOH C 3 .   ? -9.853  -10.762 2.780   1.00 24.31 ? 47  HOH A O     1 
HETATM 1150 O  O     . HOH C 3 .   ? -8.685  6.528   -6.389  1.00 15.68 ? 48  HOH A O     1 
HETATM 1151 O  O     . HOH C 3 .   ? -1.831  -13.085 -18.649 1.00 24.06 ? 49  HOH A O     1 
HETATM 1152 O  O     . HOH C 3 .   ? -8.162  14.401  -2.843  1.00 27.26 ? 50  HOH A O     1 
HETATM 1153 O  O     . HOH C 3 .   ? 8.984   21.597  22.310  1.00 25.81 ? 51  HOH A O     1 
HETATM 1154 O  O     . HOH C 3 .   ? -4.214  -11.468 -17.998 1.00 23.38 ? 52  HOH A O     1 
HETATM 1155 O  O     . HOH C 3 .   ? -17.469 11.365  1.180   1.00 21.69 ? 53  HOH A O     1 
HETATM 1156 O  O     . HOH C 3 .   ? -7.491  -16.025 -10.839 1.00 23.24 ? 54  HOH A O     1 
HETATM 1157 O  O     . HOH C 3 .   ? -1.302  1.798   -15.575 1.00 22.36 ? 55  HOH A O     1 
HETATM 1158 O  O     . HOH C 3 .   ? -7.264  -16.990 -5.648  1.00 22.76 ? 56  HOH A O     1 
HETATM 1159 O  O     . HOH C 3 .   ? -11.943 3.304   -5.345  1.00 21.19 ? 57  HOH A O     1 
HETATM 1160 O  O     . HOH C 3 .   ? -9.509  13.496  1.435   1.00 23.70 ? 58  HOH A O     1 
HETATM 1161 O  O     . HOH C 3 .   ? 12.422  1.575   6.330   1.00 24.07 ? 59  HOH A O     1 
HETATM 1162 O  O     . HOH C 3 .   ? -14.260 -0.721  -1.020  1.00 26.50 ? 60  HOH A O     1 
HETATM 1163 O  O     . HOH C 3 .   ? -6.589  15.996  2.989   1.00 23.38 ? 61  HOH A O     1 
HETATM 1164 O  O     . HOH C 3 .   ? -3.627  -8.123  15.941  1.00 25.82 ? 62  HOH A O     1 
HETATM 1165 O  O     . HOH C 3 .   ? -0.797  12.581  -6.429  1.00 28.35 ? 63  HOH A O     1 
HETATM 1166 O  O     . HOH C 3 .   ? 0.098   10.791  3.017   1.00 21.03 ? 64  HOH A O     1 
HETATM 1167 O  O     . HOH C 3 .   ? -12.280 1.684   11.114  1.00 25.14 ? 65  HOH A O     1 
HETATM 1168 O  O     . HOH C 3 .   ? -7.503  6.485   12.222  1.00 25.87 ? 66  HOH A O     1 
HETATM 1169 O  O     . HOH C 3 .   ? 0.290   -21.896 -6.050  1.00 28.77 ? 67  HOH A O     1 
HETATM 1170 O  O     . HOH C 3 .   ? 2.235   11.395  1.473   1.00 24.08 ? 68  HOH A O     1 
HETATM 1171 O  O     . HOH C 3 .   ? 1.400   9.803   9.508   1.00 25.38 ? 69  HOH A O     1 
HETATM 1172 O  O     . HOH C 3 .   ? -18.847 -3.170  3.255   1.00 29.26 ? 70  HOH A O     1 
HETATM 1173 O  O     . HOH C 3 .   ? 17.194  1.725   12.861  1.00 30.64 ? 71  HOH A O     1 
HETATM 1174 O  O     . HOH C 3 .   ? 7.136   -9.519  -14.081 1.00 26.56 ? 72  HOH A O     1 
HETATM 1175 O  O     . HOH C 3 .   ? 7.363   -3.975  -13.976 1.00 25.47 ? 73  HOH A O     1 
HETATM 1176 O  O     . HOH C 3 .   ? 5.623   -19.137 -14.338 1.00 26.06 ? 74  HOH A O     1 
HETATM 1177 O  O     . HOH C 3 .   ? 3.686   9.590   -16.407 1.00 25.60 ? 75  HOH A O     1 
HETATM 1178 O  O     . HOH C 3 .   ? 8.226   2.036   19.410  1.00 26.84 ? 76  HOH A O     1 
HETATM 1179 O  O     . HOH C 3 .   ? -0.599  4.561   -15.483 1.00 27.53 ? 77  HOH A O     1 
HETATM 1180 O  O     . HOH C 3 .   ? 5.567   -8.935  -7.579  1.00 28.70 ? 78  HOH A O     1 
HETATM 1181 O  O     . HOH C 3 .   ? -9.342  3.596   11.244  1.00 24.23 ? 79  HOH A O     1 
HETATM 1182 O  O     . HOH C 3 .   ? -3.038  -19.597 -4.214  1.00 33.50 ? 206 HOH A O     1 
HETATM 1183 O  O     . HOH C 3 .   ? -7.347  3.580   -12.837 1.00 22.82 ? 207 HOH A O     1 
HETATM 1184 O  O     . HOH C 3 .   ? -8.278  -15.822 -8.144  1.00 22.34 ? 208 HOH A O     1 
HETATM 1185 O  O     . HOH C 3 .   ? 2.325   15.759  26.436  1.00 25.15 ? 209 HOH A O     1 
HETATM 1186 O  O     . HOH C 3 .   ? -7.837  -11.859 -10.500 1.00 21.22 ? 210 HOH A O     1 
HETATM 1187 O  O     . HOH C 3 .   ? 11.333  3.813   6.334   0.50 27.97 ? 211 HOH A O     1 
HETATM 1188 O  O     . HOH C 3 .   ? -6.332  9.320   -9.535  1.00 25.50 ? 212 HOH A O     1 
HETATM 1189 O  O     . HOH C 3 .   ? -4.419  6.059   -13.510 1.00 25.01 ? 213 HOH A O     1 
HETATM 1190 O  O     . HOH C 3 .   ? -6.763  -21.461 -15.881 1.00 26.46 ? 214 HOH A O     1 
HETATM 1191 O  O     . HOH C 3 .   ? -12.486 -9.896  2.769   1.00 25.86 ? 215 HOH A O     1 
HETATM 1192 O  O     . HOH C 3 .   ? 6.059   0.745   -14.099 1.00 26.02 ? 216 HOH A O     1 
HETATM 1193 O  O     . HOH C 3 .   ? 4.874   6.499   -19.908 1.00 27.53 ? 217 HOH A O     1 
HETATM 1194 O  O     . HOH C 3 .   ? -17.931 -5.509  3.034   1.00 29.70 ? 218 HOH A O     1 
HETATM 1195 O  O     . HOH C 3 .   ? -1.620  -4.466  -19.567 1.00 30.61 ? 219 HOH A O     1 
HETATM 1196 O  O     . HOH C 3 .   ? -5.620  10.475  9.687   1.00 33.90 ? 220 HOH A O     1 
HETATM 1197 O  O     . HOH C 3 .   ? -12.352 -4.912  -7.771  1.00 23.59 ? 221 HOH A O     1 
HETATM 1198 O  O     . HOH C 3 .   ? 5.053   -15.955 -9.182  1.00 23.29 ? 222 HOH A O     1 
HETATM 1199 O  O     . HOH C 3 .   ? -8.855  0.044   -10.946 1.00 27.29 ? 223 HOH A O     1 
HETATM 1200 O  O     . HOH C 3 .   ? -7.920  -1.193  3.897   1.00 27.05 ? 224 HOH A O     1 
HETATM 1201 O  O     . HOH C 3 .   ? -1.826  13.459  -3.483  1.00 27.04 ? 225 HOH A O     1 
HETATM 1202 O  O     . HOH C 3 .   ? -3.143  5.914   -15.587 1.00 27.23 ? 226 HOH A O     1 
HETATM 1203 O  O     . HOH C 3 .   ? -10.399 -0.660  -8.938  1.00 28.11 ? 227 HOH A O     1 
HETATM 1204 O  O     . HOH C 3 .   ? -6.664  -13.011 -17.117 1.00 29.17 ? 228 HOH A O     1 
HETATM 1205 O  O     . HOH C 3 .   ? -7.715  0.954   13.128  1.00 33.82 ? 229 HOH A O     1 
HETATM 1206 O  O     . HOH C 3 .   ? 8.325   -9.831  -10.557 1.00 26.61 ? 230 HOH A O     1 
HETATM 1207 O  O     . HOH C 3 .   ? -14.428 4.400   4.043   1.00 27.72 ? 231 HOH A O     1 
HETATM 1208 O  O     . HOH C 3 .   ? -12.318 -0.953  10.999  1.00 26.33 ? 232 HOH A O     1 
HETATM 1209 O  O     . HOH C 3 .   ? -3.314  1.450   -16.513 1.00 32.86 ? 233 HOH A O     1 
HETATM 1210 O  O     . HOH C 3 .   ? -10.000 -3.772  -12.307 1.00 26.81 ? 234 HOH A O     1 
HETATM 1211 O  O     . HOH C 3 .   ? 5.161   17.117  30.664  1.00 36.35 ? 235 HOH A O     1 
HETATM 1212 O  O     . HOH C 3 .   ? 1.784   -21.606 -14.570 1.00 30.91 ? 236 HOH A O     1 
HETATM 1213 O  O     . HOH C 3 .   ? 0.960   -6.725  -22.131 1.00 28.47 ? 237 HOH A O     1 
HETATM 1214 O  O     . HOH C 3 .   ? -7.845  -19.252 -16.532 1.00 29.49 ? 238 HOH A O     1 
HETATM 1215 O  O     . HOH C 3 .   ? 8.261   6.235   9.097   1.00 38.58 ? 239 HOH A O     1 
HETATM 1216 O  O     . HOH C 3 .   ? 5.201   0.982   18.522  1.00 24.51 ? 240 HOH A O     1 
HETATM 1217 O  O     . HOH C 3 .   ? 6.158   -3.471  -17.715 1.00 34.44 ? 241 HOH A O     1 
HETATM 1218 O  O     . HOH C 3 .   ? 9.504   3.813   10.109  1.00 31.21 ? 242 HOH A O     1 
HETATM 1219 O  O     . HOH C 3 .   ? 8.289   6.167   4.443   1.00 26.37 ? 243 HOH A O     1 
HETATM 1220 O  O     . HOH C 3 .   ? 1.139   8.442   -16.274 1.00 26.28 ? 244 HOH A O     1 
HETATM 1221 O  O     . HOH C 3 .   ? -11.218 -3.257  -9.637  1.00 31.55 ? 245 HOH A O     1 
HETATM 1222 O  O     . HOH C 3 .   ? 8.813   3.328   16.513  1.00 31.75 ? 246 HOH A O     1 
HETATM 1223 O  O     . HOH C 3 .   ? -6.895  -17.062 -15.286 1.00 29.53 ? 247 HOH A O     1 
HETATM 1224 O  O     . HOH C 3 .   ? -9.872  -11.522 -0.320  1.00 29.99 ? 248 HOH A O     1 
HETATM 1225 O  O     . HOH C 3 .   ? -3.191  -6.091  19.439  1.00 30.85 ? 249 HOH A O     1 
HETATM 1226 O  O     . HOH C 3 .   ? -8.264  8.497   -8.113  1.00 34.93 ? 250 HOH A O     1 
HETATM 1227 O  O     . HOH C 3 .   ? -5.209  -4.904  -18.026 1.00 32.61 ? 251 HOH A O     1 
HETATM 1228 O  O     . HOH C 3 .   ? 8.550   14.234  -13.102 1.00 36.01 ? 252 HOH A O     1 
HETATM 1229 O  O     . HOH C 3 .   ? -6.140  -22.332 -13.481 1.00 29.93 ? 253 HOH A O     1 
HETATM 1230 O  O     . HOH C 3 .   ? -14.389 -1.083  9.076   1.00 30.81 ? 254 HOH A O     1 
HETATM 1231 O  O     . HOH C 3 .   ? -9.679  -7.231  12.918  1.00 34.19 ? 255 HOH A O     1 
HETATM 1232 O  O     . HOH C 3 .   ? -7.381  -0.912  -14.911 1.00 30.09 ? 256 HOH A O     1 
HETATM 1233 O  O     . HOH C 3 .   ? -12.384 3.386   -7.927  1.00 29.36 ? 257 HOH A O     1 
HETATM 1234 O  O     . HOH C 3 .   ? 14.268  5.695   -9.558  1.00 32.26 ? 258 HOH A O     1 
HETATM 1235 O  O     . HOH C 3 .   ? -11.422 -3.216  15.110  1.00 34.27 ? 259 HOH A O     1 
HETATM 1236 O  O     . HOH C 3 .   ? 3.707   -19.682 -10.383 1.00 33.27 ? 260 HOH A O     1 
HETATM 1237 O  O     . HOH C 3 .   ? 8.202   4.800   0.706   1.00 29.43 ? 261 HOH A O     1 
HETATM 1238 O  O     . HOH C 3 .   ? 6.211   21.170  13.669  1.00 32.20 ? 262 HOH A O     1 
HETATM 1239 O  O     . HOH C 3 .   ? 8.720   0.426   -5.667  1.00 25.82 ? 263 HOH A O     1 
HETATM 1240 O  O     . HOH C 3 .   ? -2.556  -23.210 -13.514 1.00 32.97 ? 264 HOH A O     1 
HETATM 1241 O  O     . HOH C 3 .   ? -5.415  -8.200  13.385  1.00 33.72 ? 265 HOH A O     1 
HETATM 1242 O  O     . HOH C 3 .   ? -10.458 5.890   11.069  1.00 27.52 ? 266 HOH A O     1 
HETATM 1243 O  O     . HOH C 3 .   ? -7.917  -15.807 -2.875  1.00 43.59 ? 267 HOH A O     1 
HETATM 1244 O  O     . HOH C 3 .   ? -11.244 1.474   -5.193  1.00 27.68 ? 268 HOH A O     1 
HETATM 1245 O  O     . HOH C 3 .   ? 5.085   12.764  18.056  1.00 32.41 ? 269 HOH A O     1 
# 
